data_5YXT
#
_entry.id   5YXT
#
_cell.length_a   54.570
_cell.length_b   78.990
_cell.length_c   89.148
_cell.angle_alpha   100.34
_cell.angle_beta   95.86
_cell.angle_gamma   106.35
#
_symmetry.space_group_name_H-M   'P 1'
#
loop_
_entity.id
_entity.type
_entity.pdbx_description
1 polymer 'Reducing end xylose-releasing exo-oligoxylanase'
2 water water
#
_entity_poly.entity_id   1
_entity_poly.type   'polypeptide(L)'
_entity_poly.pdbx_seq_one_letter_code
;MKEHQGAYCTGTYRNLLAEYGYGEEAIQRRLDETWEQLFEGDEETRIYYPSGEDMGYMLDTGNLDVRTEGMSYGMMMAVQ
YDRQDVFDRIWKWTVTYMYMTEGDNAGYFAWSCAPDGKRLSNGPAPDGEEYFALALLFASHRWGDREAPFNYGTQARDLL
RTCLHKGEDGPGYPMWNPDNKLIKFVPNCEFSDPSYHLPHFYELFALWAYPEDRAFWKEAAEASRQYLHLACHPVTGLAP
EYAYYDGTPNNERGYGHFFSDAYRVAANLGLDWEWFAADPWQREAVGKIQAFFADKEPEDYRRYTISGEPFEEPALHPVG
LLATNAMASLAADGPQAKACVDLFWNTPVRTGKRRYYDNCLYLFALLALSGNYRIWMPRGEA
;
_entity_poly.pdbx_strand_id   A,B,C,D
#
# COMPACT_ATOMS: atom_id res chain seq x y z
N MET A 1 -7.57 10.90 -9.97
CA MET A 1 -7.29 9.58 -9.39
C MET A 1 -6.91 9.68 -7.92
N LYS A 2 -6.08 10.67 -7.60
CA LYS A 2 -5.60 10.86 -6.24
C LYS A 2 -6.73 11.21 -5.28
N GLU A 3 -7.89 11.61 -5.81
CA GLU A 3 -9.07 11.86 -4.99
C GLU A 3 -9.56 10.59 -4.28
N HIS A 4 -9.24 9.42 -4.84
CA HIS A 4 -9.77 8.14 -4.35
C HIS A 4 -8.71 7.27 -3.69
N GLN A 5 -7.47 7.75 -3.62
CA GLN A 5 -6.36 6.97 -3.15
C GLN A 5 -5.71 7.73 -2.01
N GLY A 6 -5.46 7.02 -0.89
CA GLY A 6 -4.83 7.67 0.24
C GLY A 6 -3.39 8.02 -0.08
N ALA A 7 -3.01 9.27 0.18
CA ALA A 7 -1.65 9.73 -0.06
C ALA A 7 -0.62 8.94 0.73
N TYR A 8 -0.99 8.35 1.87
CA TYR A 8 -0.05 7.49 2.58
C TYR A 8 0.45 6.36 1.68
N CYS A 9 -0.47 5.72 0.95
CA CYS A 9 -0.11 4.56 0.15
C CYS A 9 0.69 4.95 -1.08
N THR A 10 0.44 6.13 -1.63
CA THR A 10 1.06 6.52 -2.89
C THR A 10 2.24 7.47 -2.72
N GLY A 11 2.32 8.19 -1.62
CA GLY A 11 3.28 9.28 -1.55
C GLY A 11 2.97 10.45 -2.45
N THR A 12 1.78 10.49 -3.07
CA THR A 12 1.37 11.53 -3.99
C THR A 12 0.21 12.32 -3.38
N TYR A 13 0.24 13.65 -3.58
CA TYR A 13 -0.70 14.55 -2.95
C TYR A 13 -1.39 15.39 -4.01
N ARG A 14 -2.69 15.61 -3.81
CA ARG A 14 -3.44 16.55 -4.64
C ARG A 14 -3.07 17.99 -4.28
N ASN A 15 -2.86 18.81 -5.30
CA ASN A 15 -2.85 20.26 -5.16
C ASN A 15 -4.23 20.69 -5.62
N LEU A 16 -5.17 20.72 -4.68
CA LEU A 16 -6.57 20.99 -5.00
C LEU A 16 -6.73 22.36 -5.66
N LEU A 17 -6.01 23.36 -5.17
CA LEU A 17 -6.13 24.70 -5.75
C LEU A 17 -5.76 24.69 -7.22
N ALA A 18 -4.71 23.96 -7.58
CA ALA A 18 -4.32 23.88 -8.99
C ALA A 18 -5.36 23.11 -9.79
N GLU A 19 -5.88 22.01 -9.23
CA GLU A 19 -6.95 21.27 -9.89
C GLU A 19 -8.13 22.17 -10.20
N TYR A 20 -8.46 23.06 -9.26
CA TYR A 20 -9.62 23.93 -9.38
C TYR A 20 -9.38 25.10 -10.32
N GLY A 21 -8.15 25.30 -10.79
CA GLY A 21 -7.89 26.32 -11.78
C GLY A 21 -7.25 27.58 -11.25
N TYR A 22 -6.81 27.60 -10.00
CA TYR A 22 -5.95 28.67 -9.51
C TYR A 22 -4.54 28.40 -10.01
N GLY A 23 -3.80 29.47 -10.30
CA GLY A 23 -2.52 29.31 -10.96
C GLY A 23 -1.44 28.80 -10.01
N GLU A 24 -0.59 27.90 -10.51
CA GLU A 24 0.45 27.30 -9.68
C GLU A 24 1.36 28.37 -9.08
N GLU A 25 1.78 29.35 -9.89
CA GLU A 25 2.58 30.45 -9.36
C GLU A 25 1.84 31.21 -8.27
N ALA A 26 0.57 31.56 -8.53
CA ALA A 26 -0.20 32.30 -7.54
C ALA A 26 -0.38 31.50 -6.26
N ILE A 27 -0.61 30.19 -6.39
CA ILE A 27 -0.76 29.33 -5.22
C ILE A 27 0.48 29.40 -4.34
N GLN A 28 1.65 29.20 -4.94
CA GLN A 28 2.90 29.24 -4.20
C GLN A 28 3.13 30.60 -3.57
N ARG A 29 2.78 31.67 -4.29
CA ARG A 29 2.98 33.00 -3.74
C ARG A 29 2.04 33.24 -2.56
N ARG A 30 0.83 32.69 -2.62
CA ARG A 30 -0.09 32.84 -1.49
C ARG A 30 0.42 32.11 -0.26
N LEU A 31 0.93 30.88 -0.43
CA LEU A 31 1.49 30.17 0.71
C LEU A 31 2.69 30.91 1.29
N ASP A 32 3.56 31.41 0.43
CA ASP A 32 4.76 32.10 0.92
C ASP A 32 4.42 33.40 1.63
N GLU A 33 3.47 34.19 1.09
CA GLU A 33 3.13 35.43 1.75
C GLU A 33 2.38 35.18 3.06
N THR A 34 1.61 34.09 3.13
CA THR A 34 0.93 33.73 4.38
C THR A 34 1.93 33.34 5.45
N TRP A 35 2.92 32.52 5.10
CA TRP A 35 3.99 32.20 6.05
C TRP A 35 4.63 33.48 6.59
N GLU A 36 5.03 34.38 5.69
CA GLU A 36 5.69 35.61 6.12
C GLU A 36 4.83 36.40 7.11
N GLN A 37 3.55 36.58 6.79
CA GLN A 37 2.66 37.36 7.64
C GLN A 37 2.52 36.75 9.03
N LEU A 38 2.52 35.42 9.12
CA LEU A 38 2.28 34.77 10.40
C LEU A 38 3.54 34.54 11.20
N PHE A 39 4.66 34.30 10.54
CA PHE A 39 5.90 33.89 11.20
C PHE A 39 7.05 34.87 11.03
N GLU A 40 6.97 35.83 10.09
CA GLU A 40 8.05 36.77 9.87
C GLU A 40 7.62 38.23 9.78
N GLY A 41 6.31 38.52 9.81
CA GLY A 41 5.82 39.87 9.67
C GLY A 41 5.79 40.67 10.96
N ASP A 42 4.76 41.53 11.12
CA ASP A 42 4.64 42.43 12.26
C ASP A 42 3.33 42.18 13.01
N GLU A 43 3.02 43.05 13.97
CA GLU A 43 1.88 42.83 14.84
C GLU A 43 0.54 42.94 14.12
N GLU A 44 0.53 43.11 12.79
CA GLU A 44 -0.72 43.09 12.06
C GLU A 44 -1.35 41.70 12.07
N THR A 45 -0.57 40.67 11.71
CA THR A 45 -1.09 39.31 11.59
C THR A 45 -0.25 38.26 12.28
N ARG A 46 0.88 38.65 12.88
CA ARG A 46 1.83 37.67 13.39
C ARG A 46 1.22 36.81 14.49
N ILE A 47 1.54 35.52 14.45
CA ILE A 47 1.18 34.60 15.53
C ILE A 47 2.40 33.99 16.20
N TYR A 48 3.59 34.14 15.62
CA TYR A 48 4.81 33.56 16.17
C TYR A 48 5.77 34.66 16.61
N TYR A 49 6.37 34.48 17.80
CA TYR A 49 7.29 35.45 18.38
C TYR A 49 8.58 34.75 18.81
N PRO A 50 9.73 35.06 18.21
CA PRO A 50 11.00 34.51 18.71
C PRO A 50 11.33 35.07 20.08
N SER A 51 12.14 34.32 20.82
CA SER A 51 12.53 34.74 22.17
C SER A 51 13.96 34.31 22.43
N GLY A 52 14.84 35.29 22.64
CA GLY A 52 16.23 34.98 22.92
C GLY A 52 16.92 34.35 21.72
N GLU A 53 17.99 33.62 22.03
CA GLU A 53 18.81 32.98 21.00
C GLU A 53 18.16 31.73 20.43
N ASP A 54 17.34 31.03 21.21
CA ASP A 54 17.01 29.66 20.86
C ASP A 54 15.57 29.28 21.19
N MET A 55 14.68 30.26 21.36
CA MET A 55 13.30 29.98 21.74
C MET A 55 12.35 30.84 20.94
N GLY A 56 11.07 30.52 21.07
CA GLY A 56 10.03 31.27 20.40
C GLY A 56 8.71 30.64 20.79
N TYR A 57 7.63 31.40 20.61
CA TYR A 57 6.34 30.90 21.04
C TYR A 57 5.25 31.40 20.10
N MET A 58 4.15 30.63 20.10
CA MET A 58 2.91 30.98 19.43
C MET A 58 2.00 31.63 20.47
N LEU A 59 1.59 32.86 20.21
CA LEU A 59 0.81 33.64 21.15
C LEU A 59 -0.67 33.60 20.80
N ASP A 60 -1.50 33.18 21.75
CA ASP A 60 -2.94 33.39 21.67
C ASP A 60 -3.20 34.88 21.89
N THR A 61 -3.42 35.60 20.81
CA THR A 61 -3.57 37.04 20.87
C THR A 61 -4.79 37.46 21.66
N GLY A 62 -5.83 36.62 21.68
CA GLY A 62 -7.04 36.94 22.42
C GLY A 62 -6.91 36.76 23.91
N ASN A 63 -6.52 35.56 24.35
CA ASN A 63 -6.42 35.26 25.78
C ASN A 63 -5.06 35.63 26.37
N LEU A 64 -4.16 36.20 25.57
CA LEU A 64 -2.85 36.65 26.02
C LEU A 64 -2.09 35.54 26.77
N ASP A 65 -2.12 34.33 26.22
CA ASP A 65 -1.36 33.23 26.80
C ASP A 65 -0.74 32.39 25.69
N VAL A 66 0.18 31.51 26.10
CA VAL A 66 0.81 30.52 25.23
C VAL A 66 0.15 29.17 25.54
N ARG A 67 -0.45 28.56 24.52
CA ARG A 67 -1.18 27.32 24.69
C ARG A 67 -0.47 26.17 23.97
N THR A 68 -0.60 24.95 24.50
CA THR A 68 0.02 23.82 23.83
C THR A 68 -0.61 23.57 22.48
N GLU A 69 -1.89 23.92 22.33
CA GLU A 69 -2.53 23.83 21.02
C GLU A 69 -1.77 24.66 19.98
N GLY A 70 -1.49 25.92 20.29
CA GLY A 70 -0.81 26.78 19.33
C GLY A 70 0.64 26.39 19.12
N MET A 71 1.34 26.01 20.20
CA MET A 71 2.72 25.55 20.05
C MET A 71 2.80 24.32 19.17
N SER A 72 1.97 23.32 19.45
CA SER A 72 1.98 22.12 18.63
C SER A 72 1.59 22.43 17.19
N TYR A 73 0.62 23.33 16.99
CA TYR A 73 0.27 23.80 15.65
C TYR A 73 1.46 24.43 14.95
N GLY A 74 2.16 25.34 15.63
CA GLY A 74 3.30 26.00 15.01
C GLY A 74 4.40 25.00 14.66
N MET A 75 4.57 23.99 15.50
CA MET A 75 5.53 22.94 15.19
C MET A 75 5.12 22.18 13.94
N MET A 76 3.83 21.86 13.80
CA MET A 76 3.39 21.15 12.59
C MET A 76 3.53 22.02 11.35
N MET A 77 3.15 23.30 11.44
CA MET A 77 3.34 24.22 10.33
C MET A 77 4.81 24.32 9.93
N ALA A 78 5.70 24.42 10.92
CA ALA A 78 7.12 24.59 10.64
C ALA A 78 7.72 23.36 9.96
N VAL A 79 7.34 22.17 10.43
CA VAL A 79 7.89 20.98 9.80
C VAL A 79 7.31 20.78 8.41
N GLN A 80 6.04 21.14 8.20
CA GLN A 80 5.46 21.00 6.86
C GLN A 80 6.08 21.99 5.89
N TYR A 81 6.41 23.19 6.37
CA TYR A 81 6.97 24.24 5.53
C TYR A 81 8.50 24.24 5.57
N ASP A 82 9.11 23.26 6.24
CA ASP A 82 10.55 23.02 6.23
C ASP A 82 11.34 24.20 6.80
N ARG A 83 11.00 24.58 8.03
CA ARG A 83 11.73 25.61 8.76
C ARG A 83 12.08 25.05 10.13
N GLN A 84 13.23 24.38 10.19
CA GLN A 84 13.66 23.72 11.40
C GLN A 84 14.00 24.71 12.50
N ASP A 85 14.51 25.89 12.12
CA ASP A 85 14.87 26.88 13.14
C ASP A 85 13.64 27.31 13.93
N VAL A 86 12.52 27.55 13.25
CA VAL A 86 11.27 27.91 13.95
C VAL A 86 10.80 26.74 14.81
N PHE A 87 10.71 25.55 14.21
CA PHE A 87 10.36 24.34 14.95
C PHE A 87 11.15 24.21 16.24
N ASP A 88 12.48 24.32 16.15
CA ASP A 88 13.31 24.08 17.33
C ASP A 88 13.10 25.15 18.37
N ARG A 89 12.93 26.41 17.94
CA ARG A 89 12.65 27.47 18.90
C ARG A 89 11.35 27.20 19.65
N ILE A 90 10.31 26.79 18.94
CA ILE A 90 9.04 26.50 19.61
C ILE A 90 9.19 25.31 20.55
N TRP A 91 9.80 24.23 20.06
CA TRP A 91 9.92 23.03 20.88
C TRP A 91 10.76 23.30 22.13
N LYS A 92 11.79 24.15 22.01
CA LYS A 92 12.63 24.47 23.16
C LYS A 92 11.83 25.17 24.26
N TRP A 93 11.04 26.18 23.87
CA TRP A 93 10.18 26.87 24.83
C TRP A 93 9.23 25.89 25.51
N THR A 94 8.64 25.00 24.72
CA THR A 94 7.68 24.03 25.24
C THR A 94 8.32 23.17 26.32
N VAL A 95 9.45 22.56 26.02
CA VAL A 95 10.17 21.72 26.98
C VAL A 95 10.53 22.54 28.22
N THR A 96 10.97 23.78 28.00
CA THR A 96 11.56 24.57 29.08
C THR A 96 10.51 24.98 30.11
N TYR A 97 9.31 25.35 29.65
CA TYR A 97 8.30 25.95 30.52
C TYR A 97 7.02 25.16 30.63
N MET A 98 6.72 24.29 29.67
CA MET A 98 5.43 23.62 29.62
C MET A 98 5.47 22.17 30.05
N TYR A 99 6.60 21.50 29.85
CA TYR A 99 6.71 20.10 30.22
C TYR A 99 6.64 19.94 31.74
N MET A 100 5.71 19.11 32.21
CA MET A 100 5.47 18.93 33.63
C MET A 100 6.27 17.74 34.15
N THR A 101 7.07 17.97 35.19
CA THR A 101 7.86 16.91 35.80
C THR A 101 7.35 16.46 37.15
N GLU A 102 6.24 17.03 37.62
CA GLU A 102 5.70 16.65 38.93
C GLU A 102 4.18 16.67 38.86
N GLY A 103 3.56 16.14 39.91
CA GLY A 103 2.11 16.15 40.03
C GLY A 103 1.47 15.00 39.28
N ASP A 104 0.13 15.00 39.29
CA ASP A 104 -0.65 13.92 38.69
C ASP A 104 -0.44 13.83 37.18
N ASN A 105 -0.05 14.92 36.54
CA ASN A 105 0.07 14.96 35.09
C ASN A 105 1.51 15.05 34.63
N ALA A 106 2.43 14.49 35.42
CA ALA A 106 3.83 14.44 35.04
C ALA A 106 4.02 13.65 33.75
N GLY A 107 4.79 14.19 32.82
CA GLY A 107 4.97 13.63 31.50
C GLY A 107 4.10 14.27 30.44
N TYR A 108 3.06 14.99 30.83
CA TYR A 108 2.26 15.80 29.92
C TYR A 108 2.77 17.23 29.93
N PHE A 109 2.19 18.07 29.08
CA PHE A 109 2.56 19.48 28.96
C PHE A 109 1.43 20.35 29.49
N ALA A 110 1.74 21.27 30.39
CA ALA A 110 0.72 22.21 30.87
C ALA A 110 0.17 23.00 29.69
N TRP A 111 -1.16 23.04 29.56
CA TRP A 111 -1.74 23.54 28.33
C TRP A 111 -1.65 25.06 28.20
N SER A 112 -1.51 25.78 29.31
CA SER A 112 -1.61 27.24 29.30
C SER A 112 -0.48 27.84 30.12
N CYS A 113 0.27 28.75 29.51
CA CYS A 113 1.35 29.45 30.18
C CYS A 113 1.32 30.93 29.82
N ALA A 114 1.88 31.75 30.71
CA ALA A 114 2.06 33.16 30.40
C ALA A 114 3.20 33.34 29.39
N PRO A 115 3.23 34.47 28.67
CA PRO A 115 4.28 34.64 27.64
C PRO A 115 5.68 34.68 28.22
N ASP A 116 5.83 34.95 29.52
CA ASP A 116 7.15 34.87 30.14
C ASP A 116 7.51 33.46 30.61
N GLY A 117 6.58 32.50 30.56
CA GLY A 117 6.86 31.13 30.91
C GLY A 117 6.21 30.63 32.20
N LYS A 118 5.62 31.52 33.00
CA LYS A 118 4.97 31.10 34.24
C LYS A 118 3.75 30.22 33.95
N ARG A 119 3.65 29.10 34.67
CA ARG A 119 2.51 28.20 34.51
C ARG A 119 1.21 28.90 34.87
N LEU A 120 0.20 28.71 34.03
CA LEU A 120 -1.16 29.12 34.35
C LEU A 120 -2.05 27.94 34.63
N SER A 121 -1.52 26.72 34.59
CA SER A 121 -2.32 25.51 34.71
C SER A 121 -1.39 24.36 35.06
N ASN A 122 -1.98 23.24 35.50
CA ASN A 122 -1.19 22.05 35.76
C ASN A 122 -1.82 20.81 35.14
N GLY A 123 -2.56 20.99 34.06
CA GLY A 123 -3.11 19.90 33.29
C GLY A 123 -2.90 20.11 31.81
N PRO A 124 -2.94 19.01 31.03
CA PRO A 124 -2.67 19.14 29.59
C PRO A 124 -3.92 19.25 28.75
N ALA A 125 -3.73 19.43 27.44
CA ALA A 125 -4.81 19.36 26.47
C ALA A 125 -4.43 18.29 25.46
N PRO A 126 -5.17 17.17 25.39
CA PRO A 126 -4.75 16.06 24.51
C PRO A 126 -4.54 16.43 23.06
N ASP A 127 -5.26 17.42 22.53
CA ASP A 127 -5.05 17.76 21.13
C ASP A 127 -3.65 18.32 20.91
N GLY A 128 -3.07 18.97 21.92
CA GLY A 128 -1.69 19.42 21.78
C GLY A 128 -0.71 18.26 21.74
N GLU A 129 -0.86 17.31 22.68
CA GLU A 129 0.02 16.14 22.73
C GLU A 129 0.06 15.39 21.40
N GLU A 130 -1.10 15.13 20.79
CA GLU A 130 -1.09 14.35 19.55
C GLU A 130 -0.47 15.13 18.40
N TYR A 131 -0.63 16.46 18.37
CA TYR A 131 0.08 17.24 17.37
C TYR A 131 1.57 17.29 17.67
N PHE A 132 1.96 17.46 18.94
CA PHE A 132 3.38 17.41 19.31
C PHE A 132 4.01 16.12 18.81
N ALA A 133 3.35 14.99 19.10
CA ALA A 133 3.90 13.70 18.75
C ALA A 133 4.09 13.55 17.24
N LEU A 134 3.06 13.87 16.45
CA LEU A 134 3.20 13.66 15.01
C LEU A 134 4.20 14.64 14.39
N ALA A 135 4.18 15.90 14.84
CA ALA A 135 5.12 16.89 14.30
C ALA A 135 6.56 16.49 14.60
N LEU A 136 6.80 15.94 15.79
CA LEU A 136 8.14 15.47 16.16
C LEU A 136 8.54 14.24 15.35
N LEU A 137 7.61 13.32 15.09
CA LEU A 137 7.91 12.20 14.20
C LEU A 137 8.23 12.69 12.79
N PHE A 138 7.45 13.66 12.28
CA PHE A 138 7.80 14.27 11.00
C PHE A 138 9.15 14.97 11.04
N ALA A 139 9.46 15.66 12.14
CA ALA A 139 10.77 16.31 12.25
C ALA A 139 11.88 15.27 12.23
N SER A 140 11.68 14.15 12.94
CA SER A 140 12.67 13.07 12.93
C SER A 140 12.88 12.54 11.53
N HIS A 141 11.80 12.44 10.75
CA HIS A 141 11.92 11.89 9.40
C HIS A 141 12.48 12.91 8.41
N ARG A 142 12.03 14.16 8.49
CA ARG A 142 12.50 15.19 7.56
C ARG A 142 13.96 15.55 7.80
N TRP A 143 14.35 15.73 9.06
CA TRP A 143 15.62 16.36 9.39
C TRP A 143 16.59 15.48 10.17
N GLY A 144 16.10 14.43 10.83
CA GLY A 144 16.94 13.58 11.64
C GLY A 144 17.04 14.09 13.07
N ASP A 145 17.04 13.16 14.02
CA ASP A 145 17.18 13.50 15.43
C ASP A 145 18.50 14.20 15.68
N ARG A 146 18.46 15.23 16.53
CA ARG A 146 19.67 15.80 17.14
C ARG A 146 19.73 15.35 18.59
N GLU A 147 20.38 16.12 19.46
CA GLU A 147 20.52 15.73 20.86
C GLU A 147 19.45 16.39 21.71
N ALA A 148 19.17 15.78 22.86
CA ALA A 148 18.08 16.21 23.73
C ALA A 148 18.16 17.71 24.00
N PRO A 149 17.03 18.43 23.96
CA PRO A 149 15.68 17.89 23.76
C PRO A 149 15.25 17.71 22.31
N PHE A 150 16.18 17.83 21.37
CA PHE A 150 15.86 17.76 19.94
C PHE A 150 16.07 16.35 19.38
N ASN A 151 16.00 15.33 20.22
CA ASN A 151 15.99 13.93 19.78
C ASN A 151 14.54 13.58 19.45
N TYR A 152 14.10 14.08 18.28
CA TYR A 152 12.67 14.25 17.99
C TYR A 152 11.91 12.93 18.12
N GLY A 153 12.39 11.87 17.46
CA GLY A 153 11.66 10.61 17.46
C GLY A 153 11.56 9.99 18.84
N THR A 154 12.62 10.14 19.65
CA THR A 154 12.57 9.65 21.02
C THR A 154 11.57 10.44 21.85
N GLN A 155 11.56 11.76 21.72
CA GLN A 155 10.59 12.57 22.44
C GLN A 155 9.17 12.18 22.06
N ALA A 156 8.95 11.88 20.78
CA ALA A 156 7.61 11.54 20.30
C ALA A 156 7.17 10.17 20.83
N ARG A 157 8.04 9.16 20.73
CA ARG A 157 7.65 7.85 21.21
C ARG A 157 7.46 7.82 22.73
N ASP A 158 8.30 8.55 23.46
CA ASP A 158 8.12 8.60 24.91
C ASP A 158 6.84 9.33 25.28
N LEU A 159 6.51 10.39 24.54
CA LEU A 159 5.26 11.08 24.81
C LEU A 159 4.06 10.20 24.53
N LEU A 160 4.07 9.48 23.42
CA LEU A 160 2.94 8.61 23.08
C LEU A 160 2.81 7.47 24.07
N ARG A 161 3.93 7.00 24.63
CA ARG A 161 3.84 5.96 25.65
C ARG A 161 3.13 6.47 26.89
N THR A 162 3.46 7.69 27.32
CA THR A 162 2.78 8.30 28.46
C THR A 162 1.28 8.45 28.19
N CYS A 163 0.92 8.86 26.98
CA CYS A 163 -0.48 9.06 26.64
C CYS A 163 -1.31 7.81 26.81
N LEU A 164 -0.70 6.63 26.63
CA LEU A 164 -1.43 5.37 26.74
C LEU A 164 -1.28 4.69 28.10
N HIS A 165 -0.14 4.85 28.76
CA HIS A 165 0.20 4.01 29.90
C HIS A 165 0.19 4.73 31.24
N LYS A 166 0.00 6.04 31.25
CA LYS A 166 -0.02 6.77 32.51
C LYS A 166 -1.13 6.21 33.40
N GLY A 167 -0.84 6.11 34.70
CA GLY A 167 -1.82 5.61 35.64
C GLY A 167 -1.76 4.13 35.90
N GLU A 168 -0.85 3.41 35.25
CA GLU A 168 -0.65 1.99 35.58
C GLU A 168 0.07 1.85 36.91
N ASP A 169 1.27 2.42 37.02
CA ASP A 169 2.07 2.36 38.23
C ASP A 169 2.19 3.76 38.81
N GLY A 170 1.09 4.26 39.35
CA GLY A 170 1.10 5.56 40.00
C GLY A 170 -0.21 6.30 39.83
N PRO A 171 -0.24 7.56 40.28
CA PRO A 171 -1.43 8.39 40.08
C PRO A 171 -1.46 8.98 38.68
N GLY A 172 -2.65 9.41 38.28
CA GLY A 172 -2.85 9.99 36.97
C GLY A 172 -3.62 9.05 36.05
N TYR A 173 -3.96 9.59 34.89
CA TYR A 173 -4.84 8.92 33.95
C TYR A 173 -4.28 9.04 32.55
N PRO A 174 -4.49 8.04 31.69
CA PRO A 174 -4.08 8.16 30.29
C PRO A 174 -5.00 9.11 29.53
N MET A 175 -4.55 9.47 28.33
CA MET A 175 -5.32 10.38 27.47
C MET A 175 -6.26 9.65 26.54
N TRP A 176 -6.11 8.34 26.38
CA TRP A 176 -7.03 7.50 25.63
C TRP A 176 -7.67 6.50 26.58
N ASN A 177 -8.97 6.34 26.44
CA ASN A 177 -9.69 5.33 27.21
C ASN A 177 -9.29 3.95 26.69
N PRO A 178 -8.83 3.04 27.56
CA PRO A 178 -8.33 1.76 27.05
C PRO A 178 -9.43 0.81 26.56
N ASP A 179 -10.68 1.03 26.97
CA ASP A 179 -11.76 0.12 26.56
C ASP A 179 -12.34 0.49 25.20
N ASN A 180 -12.64 1.76 24.97
CA ASN A 180 -13.24 2.16 23.70
C ASN A 180 -12.24 2.77 22.71
N LYS A 181 -10.96 2.89 23.11
CA LYS A 181 -9.87 3.35 22.25
C LYS A 181 -10.03 4.80 21.79
N LEU A 182 -10.85 5.59 22.49
CA LEU A 182 -11.13 6.97 22.11
C LEU A 182 -10.31 7.96 22.93
N ILE A 183 -9.80 9.00 22.27
CA ILE A 183 -9.12 10.08 22.97
C ILE A 183 -10.12 10.81 23.86
N LYS A 184 -9.66 11.26 25.02
CA LYS A 184 -10.48 11.94 26.01
C LYS A 184 -10.29 13.45 25.92
N PHE A 185 -11.24 14.20 26.50
CA PHE A 185 -11.09 15.64 26.53
C PHE A 185 -9.89 16.06 27.37
N VAL A 186 -9.81 15.53 28.60
CA VAL A 186 -8.60 15.61 29.42
C VAL A 186 -8.38 14.26 30.05
N PRO A 187 -7.18 13.95 30.54
CA PRO A 187 -6.93 12.63 31.11
C PRO A 187 -7.93 12.23 32.19
N ASN A 188 -8.43 13.19 32.97
CA ASN A 188 -9.26 12.86 34.13
C ASN A 188 -10.75 12.91 33.84
N CYS A 189 -11.16 12.96 32.57
CA CYS A 189 -12.58 13.07 32.22
C CYS A 189 -12.96 12.00 31.20
N GLU A 190 -14.07 11.33 31.48
CA GLU A 190 -14.59 10.27 30.61
C GLU A 190 -15.61 10.79 29.60
N PHE A 191 -15.19 11.82 28.86
CA PHE A 191 -15.90 12.26 27.67
C PHE A 191 -14.87 12.80 26.69
N SER A 192 -15.33 13.30 25.55
CA SER A 192 -14.37 13.61 24.50
C SER A 192 -14.71 14.96 23.85
N ASP A 193 -13.94 15.27 22.83
CA ASP A 193 -14.09 16.49 22.03
C ASP A 193 -13.94 16.00 20.58
N PRO A 194 -15.01 16.03 19.79
CA PRO A 194 -14.93 15.43 18.43
C PRO A 194 -13.77 15.93 17.59
N SER A 195 -13.42 17.23 17.70
CA SER A 195 -12.32 17.78 16.91
C SER A 195 -10.96 17.24 17.31
N TYR A 196 -10.83 16.60 18.47
CA TYR A 196 -9.57 15.96 18.85
C TYR A 196 -9.33 14.64 18.12
N HIS A 197 -10.32 14.09 17.44
CA HIS A 197 -10.22 12.75 16.86
C HIS A 197 -9.50 12.82 15.53
N LEU A 198 -8.27 12.29 15.49
CA LEU A 198 -7.40 12.36 14.34
C LEU A 198 -7.02 10.93 13.90
N PRO A 199 -7.97 10.19 13.32
CA PRO A 199 -7.65 8.80 12.93
C PRO A 199 -6.46 8.73 11.99
N HIS A 200 -6.27 9.74 11.15
CA HIS A 200 -5.13 9.74 10.24
C HIS A 200 -3.81 9.90 10.99
N PHE A 201 -3.81 10.61 12.12
CA PHE A 201 -2.63 10.59 12.99
C PHE A 201 -2.43 9.19 13.58
N TYR A 202 -3.50 8.53 14.03
CA TYR A 202 -3.31 7.28 14.74
C TYR A 202 -2.88 6.16 13.80
N GLU A 203 -3.26 6.25 12.52
CA GLU A 203 -2.70 5.31 11.54
C GLU A 203 -1.19 5.39 11.54
N LEU A 204 -0.65 6.58 11.70
CA LEU A 204 0.79 6.79 11.66
C LEU A 204 1.45 6.42 12.98
N PHE A 205 0.78 6.71 14.11
CA PHE A 205 1.28 6.19 15.38
C PHE A 205 1.33 4.66 15.34
N ALA A 206 0.38 4.03 14.65
CA ALA A 206 0.37 2.57 14.52
C ALA A 206 1.57 2.03 13.76
N LEU A 207 2.33 2.87 13.07
CA LEU A 207 3.55 2.47 12.42
C LEU A 207 4.81 2.89 13.16
N TRP A 208 4.74 3.95 13.96
CA TRP A 208 5.93 4.60 14.46
C TRP A 208 6.01 4.75 15.97
N ALA A 209 4.95 4.44 16.71
CA ALA A 209 5.05 4.38 18.14
C ALA A 209 5.95 3.22 18.54
N TYR A 210 6.28 3.15 19.83
CA TYR A 210 6.91 1.96 20.38
C TYR A 210 6.12 0.72 19.97
N PRO A 211 6.81 -0.36 19.58
CA PRO A 211 6.11 -1.49 18.93
C PRO A 211 4.95 -2.07 19.71
N GLU A 212 5.06 -2.17 21.05
CA GLU A 212 3.99 -2.78 21.82
C GLU A 212 2.69 -1.99 21.76
N ASP A 213 2.74 -0.69 21.42
CA ASP A 213 1.55 0.14 21.42
C ASP A 213 0.87 0.23 20.04
N ARG A 214 1.47 -0.36 19.00
CA ARG A 214 1.01 -0.13 17.64
C ARG A 214 -0.36 -0.76 17.38
N ALA A 215 -0.61 -1.94 17.96
CA ALA A 215 -1.95 -2.53 17.87
C ALA A 215 -3.01 -1.57 18.40
N PHE A 216 -2.75 -0.96 19.56
CA PHE A 216 -3.74 -0.04 20.13
C PHE A 216 -4.00 1.13 19.18
N TRP A 217 -2.94 1.74 18.65
CA TRP A 217 -3.11 2.90 17.79
C TRP A 217 -3.91 2.55 16.54
N LYS A 218 -3.72 1.34 16.00
CA LYS A 218 -4.52 0.93 14.86
C LYS A 218 -5.98 0.80 15.24
N GLU A 219 -6.24 0.26 16.43
CA GLU A 219 -7.61 0.20 16.93
C GLU A 219 -8.19 1.59 17.17
N ALA A 220 -7.36 2.52 17.65
CA ALA A 220 -7.80 3.89 17.87
C ALA A 220 -8.21 4.56 16.58
N ALA A 221 -7.47 4.30 15.50
CA ALA A 221 -7.81 4.85 14.20
C ALA A 221 -9.20 4.41 13.76
N GLU A 222 -9.49 3.11 13.84
CA GLU A 222 -10.82 2.63 13.45
C GLU A 222 -11.89 3.14 14.41
N ALA A 223 -11.60 3.18 15.71
CA ALA A 223 -12.63 3.61 16.67
C ALA A 223 -12.97 5.09 16.49
N SER A 224 -11.96 5.92 16.23
CA SER A 224 -12.21 7.34 16.02
C SER A 224 -13.01 7.58 14.74
N ARG A 225 -12.70 6.84 13.66
CA ARG A 225 -13.49 6.99 12.44
C ARG A 225 -14.95 6.67 12.69
N GLN A 226 -15.23 5.58 13.41
CA GLN A 226 -16.63 5.23 13.66
C GLN A 226 -17.29 6.20 14.64
N TYR A 227 -16.52 6.72 15.60
CA TYR A 227 -17.07 7.62 16.59
C TYR A 227 -17.61 8.88 15.93
N LEU A 228 -16.92 9.38 14.91
CA LEU A 228 -17.37 10.60 14.26
C LEU A 228 -18.74 10.42 13.59
N HIS A 229 -19.09 9.19 13.19
CA HIS A 229 -20.46 8.94 12.71
C HIS A 229 -21.49 9.25 13.78
N LEU A 230 -21.15 9.03 15.05
CA LEU A 230 -22.08 9.33 16.13
C LEU A 230 -22.08 10.81 16.47
N ALA A 231 -20.93 11.46 16.39
CA ALA A 231 -20.82 12.83 16.87
C ALA A 231 -21.37 13.85 15.88
N CYS A 232 -21.31 13.58 14.59
CA CYS A 232 -21.79 14.53 13.60
C CYS A 232 -23.29 14.39 13.40
N HIS A 233 -23.98 15.51 13.34
CA HIS A 233 -25.44 15.47 13.19
C HIS A 233 -25.80 14.84 11.84
N PRO A 234 -26.82 13.96 11.80
CA PRO A 234 -27.11 13.25 10.55
C PRO A 234 -27.64 14.12 9.44
N VAL A 235 -28.17 15.30 9.72
CA VAL A 235 -28.68 16.21 8.69
C VAL A 235 -27.65 17.26 8.31
N THR A 236 -27.11 17.96 9.30
CA THR A 236 -26.23 19.09 9.06
C THR A 236 -24.77 18.70 8.95
N GLY A 237 -24.38 17.55 9.50
CA GLY A 237 -22.99 17.20 9.61
C GLY A 237 -22.25 17.89 10.76
N LEU A 238 -22.92 18.75 11.51
CA LEU A 238 -22.27 19.55 12.54
C LEU A 238 -21.98 18.70 13.78
N ALA A 239 -20.73 18.81 14.32
CA ALA A 239 -20.42 18.15 15.57
C ALA A 239 -20.40 19.14 16.72
N PRO A 240 -20.69 18.70 17.94
CA PRO A 240 -20.55 19.58 19.11
C PRO A 240 -19.09 19.74 19.49
N GLU A 241 -18.81 20.78 20.29
CA GLU A 241 -17.45 20.97 20.79
C GLU A 241 -17.05 19.84 21.74
N TYR A 242 -17.86 19.57 22.76
CA TYR A 242 -17.65 18.43 23.63
C TYR A 242 -18.78 17.41 23.45
N ALA A 243 -18.44 16.13 23.61
CA ALA A 243 -19.45 15.10 23.46
C ALA A 243 -19.13 13.92 24.35
N TYR A 244 -20.17 13.18 24.71
CA TYR A 244 -19.97 11.92 25.41
C TYR A 244 -19.48 10.85 24.45
N TYR A 245 -19.14 9.69 25.02
CA TYR A 245 -18.64 8.58 24.22
C TYR A 245 -19.68 8.02 23.27
N ASP A 246 -20.97 8.25 23.54
CA ASP A 246 -22.00 7.85 22.58
C ASP A 246 -22.25 8.92 21.51
N GLY A 247 -21.47 10.00 21.50
CA GLY A 247 -21.61 11.03 20.50
C GLY A 247 -22.56 12.16 20.85
N THR A 248 -23.39 12.00 21.87
CA THR A 248 -24.34 13.06 22.19
C THR A 248 -23.61 14.26 22.80
N PRO A 249 -24.11 15.47 22.57
CA PRO A 249 -23.40 16.67 23.04
C PRO A 249 -23.31 16.73 24.55
N ASN A 250 -22.14 17.13 25.04
CA ASN A 250 -21.95 17.44 26.45
C ASN A 250 -22.09 18.96 26.59
N ASN A 251 -23.27 19.41 27.01
CA ASN A 251 -23.46 20.84 27.31
C ASN A 251 -23.47 21.13 28.80
N GLU A 252 -22.56 20.51 29.56
CA GLU A 252 -22.45 20.85 30.98
C GLU A 252 -22.00 22.30 31.19
N ARG A 253 -21.05 22.78 30.38
CA ARG A 253 -20.55 24.15 30.50
C ARG A 253 -20.68 24.95 29.20
N GLY A 254 -21.70 24.65 28.39
CA GLY A 254 -21.89 25.43 27.19
C GLY A 254 -21.15 24.97 25.95
N TYR A 255 -20.51 23.80 25.98
CA TYR A 255 -19.72 23.30 24.85
C TYR A 255 -20.44 22.24 24.02
N GLY A 256 -21.76 22.12 24.18
CA GLY A 256 -22.45 21.12 23.39
C GLY A 256 -22.98 21.58 22.05
N HIS A 257 -22.52 22.71 21.52
CA HIS A 257 -23.01 23.27 20.27
C HIS A 257 -21.86 23.37 19.27
N PHE A 258 -22.17 23.84 18.07
CA PHE A 258 -21.18 24.00 17.01
C PHE A 258 -20.52 25.36 17.17
N PHE A 259 -19.28 25.34 17.65
CA PHE A 259 -18.54 26.57 17.91
C PHE A 259 -17.06 26.26 17.66
N SER A 260 -16.19 27.21 18.03
CA SER A 260 -14.78 27.21 17.62
C SER A 260 -14.10 25.83 17.55
N ASP A 261 -14.16 25.04 18.63
CA ASP A 261 -13.46 23.75 18.63
C ASP A 261 -13.91 22.87 17.47
N ALA A 262 -15.23 22.83 17.26
CA ALA A 262 -15.85 21.89 16.35
C ALA A 262 -15.55 22.20 14.90
N TYR A 263 -15.11 23.42 14.61
CA TYR A 263 -14.78 23.74 13.22
C TYR A 263 -13.77 22.78 12.64
N ARG A 264 -12.87 22.28 13.47
CA ARG A 264 -11.78 21.45 12.97
C ARG A 264 -12.26 20.09 12.46
N VAL A 265 -13.47 19.67 12.79
CA VAL A 265 -13.91 18.33 12.41
C VAL A 265 -13.92 18.20 10.88
N ALA A 266 -14.48 19.19 10.19
CA ALA A 266 -14.54 19.11 8.73
C ALA A 266 -13.15 19.09 8.12
N ALA A 267 -12.24 19.90 8.67
CA ALA A 267 -10.86 19.88 8.22
C ALA A 267 -10.23 18.50 8.41
N ASN A 268 -10.46 17.89 9.59
CA ASN A 268 -9.87 16.59 9.89
C ASN A 268 -10.38 15.51 8.96
N LEU A 269 -11.68 15.56 8.64
CA LEU A 269 -12.23 14.59 7.68
C LEU A 269 -11.62 14.76 6.30
N GLY A 270 -11.43 16.01 5.87
CA GLY A 270 -10.77 16.25 4.60
C GLY A 270 -9.36 15.70 4.58
N LEU A 271 -8.60 15.91 5.65
CA LEU A 271 -7.22 15.44 5.66
C LEU A 271 -7.14 13.93 5.79
N ASP A 272 -7.99 13.33 6.65
CA ASP A 272 -8.03 11.87 6.72
C ASP A 272 -8.39 11.26 5.37
N TRP A 273 -9.38 11.83 4.68
CA TRP A 273 -9.75 11.28 3.37
C TRP A 273 -8.59 11.37 2.39
N GLU A 274 -7.91 12.53 2.35
CA GLU A 274 -6.79 12.68 1.43
C GLU A 274 -5.63 11.76 1.78
N TRP A 275 -5.36 11.55 3.08
CA TRP A 275 -4.20 10.76 3.46
C TRP A 275 -4.46 9.26 3.37
N PHE A 276 -5.70 8.83 3.63
CA PHE A 276 -5.98 7.40 3.76
C PHE A 276 -7.19 6.93 2.98
N ALA A 277 -8.12 7.81 2.61
CA ALA A 277 -9.30 7.45 1.83
C ALA A 277 -9.96 6.19 2.36
N ALA A 278 -10.13 6.15 3.69
CA ALA A 278 -10.47 4.92 4.38
C ALA A 278 -11.95 4.75 4.67
N ASP A 279 -12.71 5.84 4.80
CA ASP A 279 -14.11 5.77 5.19
C ASP A 279 -14.96 6.65 4.30
N PRO A 280 -15.65 6.07 3.31
CA PRO A 280 -16.46 6.88 2.38
C PRO A 280 -17.49 7.76 3.07
N TRP A 281 -17.93 7.40 4.28
CA TRP A 281 -18.87 8.24 5.01
C TRP A 281 -18.35 9.66 5.18
N GLN A 282 -17.03 9.83 5.28
CA GLN A 282 -16.45 11.15 5.48
C GLN A 282 -16.83 12.12 4.37
N ARG A 283 -16.96 11.63 3.14
CA ARG A 283 -17.34 12.54 2.07
C ARG A 283 -18.81 12.93 2.18
N GLU A 284 -19.67 12.01 2.65
CA GLU A 284 -21.07 12.37 2.93
C GLU A 284 -21.16 13.43 4.02
N ALA A 285 -20.35 13.29 5.08
CA ALA A 285 -20.40 14.24 6.19
C ALA A 285 -19.92 15.63 5.75
N VAL A 286 -18.79 15.68 5.01
CA VAL A 286 -18.32 16.97 4.51
C VAL A 286 -19.36 17.56 3.57
N GLY A 287 -20.03 16.72 2.79
CA GLY A 287 -21.13 17.19 1.94
C GLY A 287 -22.20 17.91 2.74
N LYS A 288 -22.58 17.37 3.90
CA LYS A 288 -23.64 17.99 4.67
C LYS A 288 -23.17 19.30 5.31
N ILE A 289 -21.92 19.34 5.77
CA ILE A 289 -21.38 20.55 6.37
C ILE A 289 -21.33 21.66 5.33
N GLN A 290 -20.82 21.37 4.14
CA GLN A 290 -20.71 22.41 3.14
C GLN A 290 -22.10 22.87 2.68
N ALA A 291 -23.06 21.94 2.59
CA ALA A 291 -24.43 22.34 2.26
C ALA A 291 -25.01 23.27 3.33
N PHE A 292 -24.71 23.00 4.60
CA PHE A 292 -25.23 23.85 5.66
C PHE A 292 -24.71 25.27 5.54
N PHE A 293 -23.43 25.43 5.19
CA PHE A 293 -22.82 26.75 5.15
C PHE A 293 -22.83 27.42 3.79
N ALA A 294 -23.19 26.69 2.73
CA ALA A 294 -23.06 27.24 1.38
C ALA A 294 -23.82 28.55 1.20
N ASP A 295 -24.99 28.66 1.85
CA ASP A 295 -25.87 29.81 1.71
C ASP A 295 -25.61 30.90 2.75
N LYS A 296 -24.69 30.69 3.68
CA LYS A 296 -24.47 31.59 4.80
C LYS A 296 -23.32 32.54 4.53
N GLU A 297 -23.48 33.78 4.96
CA GLU A 297 -22.45 34.81 4.81
C GLU A 297 -21.50 34.77 6.00
N PRO A 298 -20.19 34.74 5.76
CA PRO A 298 -19.25 34.64 6.88
C PRO A 298 -19.38 35.76 7.90
N GLU A 299 -19.67 36.98 7.45
CA GLU A 299 -19.83 38.10 8.38
C GLU A 299 -21.03 37.96 9.28
N ASP A 300 -21.86 36.92 9.10
CA ASP A 300 -23.00 36.64 9.96
C ASP A 300 -22.97 35.25 10.57
N TYR A 301 -21.86 34.51 10.46
CA TYR A 301 -21.76 33.21 11.12
C TYR A 301 -22.08 33.33 12.60
N ARG A 302 -22.80 32.34 13.13
CA ARG A 302 -23.21 32.31 14.53
C ARG A 302 -22.70 31.05 15.21
N ARG A 303 -22.87 30.98 16.52
CA ARG A 303 -22.95 29.68 17.18
C ARG A 303 -24.25 29.00 16.74
N TYR A 304 -24.18 27.70 16.49
CA TYR A 304 -25.35 26.94 16.09
C TYR A 304 -25.49 25.70 16.97
N THR A 305 -26.74 25.29 17.24
CA THR A 305 -26.93 23.92 17.73
C THR A 305 -26.50 22.95 16.64
N ILE A 306 -26.25 21.70 17.02
CA ILE A 306 -25.78 20.78 15.99
C ILE A 306 -26.87 20.48 14.97
N SER A 307 -28.14 20.69 15.33
CA SER A 307 -29.22 20.59 14.36
C SER A 307 -29.35 21.84 13.51
N GLY A 308 -28.53 22.87 13.77
CA GLY A 308 -28.43 24.02 12.90
C GLY A 308 -29.15 25.26 13.34
N GLU A 309 -29.83 25.24 14.48
CA GLU A 309 -30.54 26.43 14.93
C GLU A 309 -29.54 27.49 15.38
N PRO A 310 -29.68 28.74 14.92
CA PRO A 310 -28.71 29.77 15.27
C PRO A 310 -28.94 30.37 16.64
N PHE A 311 -27.85 30.69 17.32
CA PHE A 311 -27.87 31.60 18.44
C PHE A 311 -27.71 33.03 17.96
N GLU A 312 -27.96 33.98 18.86
CA GLU A 312 -27.68 35.38 18.54
C GLU A 312 -26.19 35.66 18.53
N GLU A 313 -25.43 34.93 19.33
CA GLU A 313 -24.01 35.16 19.48
C GLU A 313 -23.28 34.90 18.17
N PRO A 314 -22.47 35.83 17.68
CA PRO A 314 -21.72 35.58 16.46
C PRO A 314 -20.58 34.61 16.68
N ALA A 315 -20.12 34.01 15.59
CA ALA A 315 -18.93 33.17 15.65
C ALA A 315 -17.75 34.04 16.06
N LEU A 316 -16.97 33.55 17.02
CA LEU A 316 -15.74 34.25 17.42
C LEU A 316 -14.69 34.22 16.32
N HIS A 317 -14.58 33.10 15.61
CA HIS A 317 -13.54 32.91 14.60
C HIS A 317 -14.15 32.54 13.25
N PRO A 318 -14.76 33.52 12.56
CA PRO A 318 -15.42 33.20 11.28
C PRO A 318 -14.44 32.84 10.17
N VAL A 319 -13.24 33.44 10.16
CA VAL A 319 -12.23 33.10 9.16
C VAL A 319 -11.75 31.67 9.35
N GLY A 320 -11.52 31.27 10.60
CA GLY A 320 -11.20 29.87 10.89
C GLY A 320 -12.28 28.92 10.39
N LEU A 321 -13.54 29.26 10.62
CA LEU A 321 -14.63 28.41 10.15
C LEU A 321 -14.58 28.23 8.62
N LEU A 322 -14.51 29.33 7.88
CA LEU A 322 -14.49 29.20 6.43
C LEU A 322 -13.23 28.49 5.95
N ALA A 323 -12.12 28.63 6.67
CA ALA A 323 -10.93 27.90 6.26
C ALA A 323 -11.10 26.39 6.46
N THR A 324 -11.71 25.97 7.58
CA THR A 324 -11.92 24.53 7.77
C THR A 324 -12.88 23.98 6.74
N ASN A 325 -13.92 24.75 6.39
CA ASN A 325 -14.86 24.26 5.38
C ASN A 325 -14.18 24.14 4.01
N ALA A 326 -13.23 25.02 3.72
CA ALA A 326 -12.48 24.90 2.48
C ALA A 326 -11.56 23.67 2.52
N MET A 327 -10.82 23.48 3.61
CA MET A 327 -9.95 22.31 3.72
C MET A 327 -10.73 21.01 3.58
N ALA A 328 -11.99 20.99 4.04
CA ALA A 328 -12.85 19.81 3.92
C ALA A 328 -13.10 19.41 2.47
N SER A 329 -12.94 20.35 1.52
CA SER A 329 -13.12 20.01 0.10
C SER A 329 -12.20 18.91 -0.38
N LEU A 330 -11.13 18.60 0.37
CA LEU A 330 -10.35 17.41 0.04
C LEU A 330 -11.19 16.15 0.09
N ALA A 331 -12.34 16.18 0.76
CA ALA A 331 -13.23 15.03 0.80
C ALA A 331 -14.55 15.27 0.06
N ALA A 332 -14.64 16.36 -0.71
CA ALA A 332 -15.86 16.69 -1.41
C ALA A 332 -15.55 16.92 -2.89
N ASP A 333 -16.60 17.03 -3.69
CA ASP A 333 -16.46 17.41 -5.09
C ASP A 333 -17.79 17.95 -5.59
N GLY A 334 -17.73 18.81 -6.60
CA GLY A 334 -18.92 19.44 -7.11
C GLY A 334 -18.95 20.93 -6.81
N PRO A 335 -20.09 21.56 -7.06
CA PRO A 335 -20.15 23.02 -6.99
C PRO A 335 -19.91 23.60 -5.60
N GLN A 336 -20.50 23.01 -4.56
CA GLN A 336 -20.34 23.60 -3.24
C GLN A 336 -18.90 23.47 -2.74
N ALA A 337 -18.21 22.40 -3.12
CA ALA A 337 -16.81 22.26 -2.72
C ALA A 337 -15.94 23.35 -3.33
N LYS A 338 -16.17 23.66 -4.61
CA LYS A 338 -15.40 24.72 -5.24
C LYS A 338 -15.76 26.08 -4.66
N ALA A 339 -17.01 26.30 -4.28
CA ALA A 339 -17.40 27.57 -3.70
C ALA A 339 -16.75 27.78 -2.33
N CYS A 340 -16.71 26.75 -1.49
CA CYS A 340 -16.00 26.89 -0.20
C CYS A 340 -14.55 27.28 -0.42
N VAL A 341 -13.91 26.70 -1.44
CA VAL A 341 -12.50 26.99 -1.67
C VAL A 341 -12.34 28.40 -2.23
N ASP A 342 -13.25 28.83 -3.14
CA ASP A 342 -13.12 30.17 -3.70
C ASP A 342 -13.33 31.24 -2.64
N LEU A 343 -14.27 31.03 -1.71
CA LEU A 343 -14.43 31.94 -0.59
C LEU A 343 -13.13 32.02 0.22
N PHE A 344 -12.54 30.88 0.55
CA PHE A 344 -11.26 30.86 1.26
C PHE A 344 -10.17 31.58 0.48
N TRP A 345 -10.03 31.28 -0.81
CA TRP A 345 -8.99 31.92 -1.62
C TRP A 345 -9.12 33.44 -1.57
N ASN A 346 -10.35 33.95 -1.56
CA ASN A 346 -10.60 35.39 -1.57
C ASN A 346 -10.71 35.98 -0.16
N THR A 347 -10.33 35.23 0.87
CA THR A 347 -10.36 35.71 2.24
C THR A 347 -8.94 35.99 2.70
N PRO A 348 -8.61 37.20 3.13
CA PRO A 348 -7.26 37.47 3.61
C PRO A 348 -7.07 36.97 5.05
N VAL A 349 -5.80 36.82 5.42
CA VAL A 349 -5.48 36.39 6.78
C VAL A 349 -6.05 37.40 7.78
N ARG A 350 -6.39 36.92 8.97
CA ARG A 350 -7.09 37.76 9.93
C ARG A 350 -6.11 38.67 10.67
N THR A 351 -6.59 39.87 10.99
CA THR A 351 -5.85 40.88 11.72
C THR A 351 -6.62 41.22 12.99
N GLY A 352 -5.95 41.90 13.92
CA GLY A 352 -6.60 42.27 15.18
C GLY A 352 -6.40 41.26 16.31
N LYS A 353 -7.14 41.52 17.40
CA LYS A 353 -6.88 40.85 18.67
C LYS A 353 -7.30 39.38 18.68
N ARG A 354 -8.26 38.97 17.85
CA ARG A 354 -8.77 37.60 17.87
C ARG A 354 -8.18 36.73 16.75
N ARG A 355 -7.05 37.14 16.17
CA ARG A 355 -6.58 36.52 14.93
C ARG A 355 -5.96 35.14 15.09
N TYR A 356 -5.55 34.75 16.29
CA TYR A 356 -4.63 33.61 16.42
C TYR A 356 -5.27 32.31 15.92
N TYR A 357 -6.46 31.99 16.43
CA TYR A 357 -7.09 30.72 16.07
C TYR A 357 -7.50 30.71 14.60
N ASP A 358 -8.00 31.84 14.09
CA ASP A 358 -8.33 31.94 12.67
C ASP A 358 -7.10 31.71 11.81
N ASN A 359 -5.98 32.35 12.16
CA ASN A 359 -4.81 32.29 11.30
C ASN A 359 -4.13 30.91 11.34
N CYS A 360 -4.21 30.19 12.45
CA CYS A 360 -3.71 28.83 12.49
C CYS A 360 -4.49 27.93 11.54
N LEU A 361 -5.81 28.00 11.61
CA LEU A 361 -6.64 27.18 10.74
C LEU A 361 -6.46 27.58 9.29
N TYR A 362 -6.28 28.89 9.06
CA TYR A 362 -6.07 29.41 7.72
C TYR A 362 -4.84 28.79 7.07
N LEU A 363 -3.71 28.82 7.77
CA LEU A 363 -2.48 28.27 7.21
C LEU A 363 -2.56 26.76 7.03
N PHE A 364 -3.20 26.05 7.95
CA PHE A 364 -3.39 24.62 7.76
C PHE A 364 -4.18 24.33 6.49
N ALA A 365 -5.23 25.10 6.23
CA ALA A 365 -6.03 24.89 5.04
C ALA A 365 -5.24 25.18 3.78
N LEU A 366 -4.46 26.26 3.79
CA LEU A 366 -3.67 26.61 2.61
C LEU A 366 -2.61 25.55 2.34
N LEU A 367 -1.96 25.07 3.40
CA LEU A 367 -1.03 23.95 3.25
C LEU A 367 -1.72 22.72 2.66
N ALA A 368 -2.87 22.34 3.21
CA ALA A 368 -3.54 21.13 2.76
C ALA A 368 -4.06 21.29 1.33
N LEU A 369 -4.61 22.45 1.00
CA LEU A 369 -5.23 22.64 -0.31
C LEU A 369 -4.20 22.86 -1.40
N SER A 370 -2.95 23.15 -1.04
CA SER A 370 -1.90 23.30 -2.03
C SER A 370 -1.08 22.03 -2.22
N GLY A 371 -1.46 20.95 -1.53
CA GLY A 371 -0.70 19.72 -1.59
C GLY A 371 0.56 19.73 -0.76
N ASN A 372 0.59 20.50 0.33
CA ASN A 372 1.79 20.70 1.12
C ASN A 372 1.61 20.30 2.59
N TYR A 373 0.55 19.57 2.91
CA TYR A 373 0.34 19.02 4.25
C TYR A 373 0.51 17.50 4.08
N ARG A 374 1.74 17.03 4.23
CA ARG A 374 2.10 15.69 3.79
C ARG A 374 2.53 14.79 4.93
N ILE A 375 2.55 13.49 4.64
CA ILE A 375 3.10 12.50 5.54
C ILE A 375 4.59 12.36 5.24
N TRP A 376 5.41 12.73 6.20
CA TRP A 376 6.86 12.70 6.03
C TRP A 376 7.36 11.35 6.53
N MET A 377 7.80 10.49 5.56
CA MET A 377 8.16 9.10 5.78
C MET A 377 9.62 9.00 6.23
N PRO A 378 9.97 7.94 7.00
CA PRO A 378 11.34 7.66 7.43
C PRO A 378 12.29 7.52 6.25
N ARG A 379 13.55 7.92 6.43
CA ARG A 379 14.53 7.94 5.34
N MET B 1 -2.66 -38.34 -4.09
CA MET B 1 -2.38 -39.65 -3.52
C MET B 1 -2.01 -39.56 -2.05
N LYS B 2 -1.16 -38.57 -1.72
CA LYS B 2 -0.70 -38.38 -0.36
C LYS B 2 -1.82 -38.04 0.60
N GLU B 3 -2.98 -37.64 0.07
CA GLU B 3 -4.18 -37.40 0.88
C GLU B 3 -4.67 -38.65 1.59
N HIS B 4 -4.34 -39.83 1.06
CA HIS B 4 -4.87 -41.10 1.55
C HIS B 4 -3.81 -41.98 2.20
N GLN B 5 -2.57 -41.51 2.26
CA GLN B 5 -1.44 -42.28 2.72
C GLN B 5 -0.81 -41.52 3.87
N GLY B 6 -0.56 -42.22 4.97
CA GLY B 6 0.06 -41.57 6.11
C GLY B 6 1.50 -41.22 5.79
N ALA B 7 1.88 -39.97 6.07
CA ALA B 7 3.25 -39.53 5.82
C ALA B 7 4.28 -40.31 6.61
N TYR B 8 3.91 -40.88 7.74
CA TYR B 8 4.84 -41.75 8.46
C TYR B 8 5.34 -42.88 7.56
N CYS B 9 4.43 -43.52 6.83
CA CYS B 9 4.79 -44.68 6.03
C CYS B 9 5.59 -44.29 4.79
N THR B 10 5.33 -43.12 4.24
CA THR B 10 5.95 -42.72 2.98
C THR B 10 7.12 -41.77 3.15
N GLY B 11 7.21 -41.05 4.26
CA GLY B 11 8.17 -39.96 4.32
C GLY B 11 7.86 -38.78 3.43
N THR B 12 6.67 -38.75 2.82
CA THR B 12 6.26 -37.70 1.89
C THR B 12 5.12 -36.92 2.49
N TYR B 13 5.15 -35.60 2.28
CA TYR B 13 4.20 -34.69 2.91
C TYR B 13 3.51 -33.85 1.87
N ARG B 14 2.22 -33.61 2.07
CA ARG B 14 1.47 -32.67 1.24
C ARG B 14 1.83 -31.24 1.60
N ASN B 15 2.05 -30.42 0.57
CA ASN B 15 2.06 -28.97 0.71
C ASN B 15 0.67 -28.54 0.25
N LEU B 16 -0.27 -28.51 1.20
CA LEU B 16 -1.67 -28.24 0.88
C LEU B 16 -1.82 -26.88 0.22
N LEU B 17 -1.10 -25.87 0.70
CA LEU B 17 -1.22 -24.54 0.13
C LEU B 17 -0.85 -24.55 -1.35
N ALA B 18 0.20 -25.27 -1.71
CA ALA B 18 0.59 -25.36 -3.12
C ALA B 18 -0.45 -26.13 -3.92
N GLU B 19 -0.97 -27.22 -3.36
CA GLU B 19 -2.04 -27.97 -4.02
C GLU B 19 -3.22 -27.07 -4.33
N TYR B 20 -3.56 -26.19 -3.38
CA TYR B 20 -4.72 -25.31 -3.51
C TYR B 20 -4.47 -24.14 -4.45
N GLY B 21 -3.25 -23.94 -4.91
CA GLY B 21 -2.98 -22.91 -5.90
C GLY B 21 -2.34 -21.66 -5.37
N TYR B 22 -1.88 -21.65 -4.12
CA TYR B 22 -1.04 -20.58 -3.64
C TYR B 22 0.38 -20.84 -4.13
N GLY B 23 1.10 -19.77 -4.43
CA GLY B 23 2.39 -19.93 -5.08
C GLY B 23 3.46 -20.43 -4.12
N GLU B 24 4.31 -21.34 -4.63
CA GLU B 24 5.36 -21.92 -3.80
C GLU B 24 6.26 -20.85 -3.20
N GLU B 25 6.69 -19.88 -4.01
CA GLU B 25 7.48 -18.77 -3.49
C GLU B 25 6.74 -18.01 -2.39
N ALA B 26 5.47 -17.68 -2.65
CA ALA B 26 4.70 -16.92 -1.66
C ALA B 26 4.51 -17.74 -0.38
N ILE B 27 4.31 -19.05 -0.51
CA ILE B 27 4.16 -19.92 0.65
C ILE B 27 5.40 -19.84 1.52
N GLN B 28 6.58 -20.05 0.92
CA GLN B 28 7.82 -20.00 1.68
C GLN B 28 8.04 -18.63 2.30
N ARG B 29 7.70 -17.57 1.57
CA ARG B 29 7.86 -16.22 2.11
C ARG B 29 6.94 -16.00 3.30
N ARG B 30 5.73 -16.55 3.25
CA ARG B 30 4.82 -16.40 4.38
C ARG B 30 5.32 -17.13 5.62
N LEU B 31 5.85 -18.35 5.44
CA LEU B 31 6.41 -19.07 6.58
C LEU B 31 7.60 -18.33 7.17
N ASP B 32 8.49 -17.83 6.31
CA ASP B 32 9.67 -17.14 6.80
C ASP B 32 9.33 -15.84 7.51
N GLU B 33 8.38 -15.05 6.97
CA GLU B 33 8.03 -13.79 7.64
C GLU B 33 7.28 -14.05 8.94
N THR B 34 6.51 -15.15 9.01
CA THR B 34 5.83 -15.51 10.25
C THR B 34 6.83 -15.89 11.33
N TRP B 35 7.83 -16.71 10.97
CA TRP B 35 8.89 -17.03 11.93
C TRP B 35 9.55 -15.76 12.47
N GLU B 36 9.93 -14.85 11.57
CA GLU B 36 10.58 -13.62 11.99
C GLU B 36 9.73 -12.85 12.99
N GLN B 37 8.45 -12.65 12.67
CA GLN B 37 7.55 -11.87 13.52
C GLN B 37 7.43 -12.49 14.91
N LEU B 38 7.43 -13.81 14.99
CA LEU B 38 7.18 -14.47 16.28
C LEU B 38 8.44 -14.70 17.09
N PHE B 39 9.57 -14.95 16.41
CA PHE B 39 10.80 -15.34 17.07
C PHE B 39 11.95 -14.37 16.91
N GLU B 40 11.87 -13.43 15.96
CA GLU B 40 12.96 -12.48 15.73
C GLU B 40 12.51 -11.01 15.65
N GLY B 41 11.22 -10.72 15.68
CA GLY B 41 10.73 -9.35 15.53
C GLY B 41 10.68 -8.57 16.82
N ASP B 42 9.65 -7.73 16.99
CA ASP B 42 9.54 -6.82 18.14
C ASP B 42 8.23 -7.05 18.89
N GLU B 43 7.93 -6.14 19.82
CA GLU B 43 6.80 -6.26 20.72
C GLU B 43 5.44 -6.26 20.00
N GLU B 44 5.44 -6.09 18.68
CA GLU B 44 4.17 -6.11 17.95
C GLU B 44 3.56 -7.53 17.92
N THR B 45 4.35 -8.54 17.56
CA THR B 45 3.81 -9.90 17.49
C THR B 45 4.67 -10.97 18.17
N ARG B 46 5.79 -10.59 18.76
CA ARG B 46 6.75 -11.58 19.26
C ARG B 46 6.13 -12.43 20.37
N ILE B 47 6.44 -13.73 20.33
CA ILE B 47 6.09 -14.64 21.42
C ILE B 47 7.31 -15.25 22.09
N TYR B 48 8.50 -15.10 21.51
CA TYR B 48 9.72 -15.69 22.05
C TYR B 48 10.68 -14.59 22.50
N TYR B 49 11.27 -14.76 23.68
CA TYR B 49 12.20 -13.80 24.25
C TYR B 49 13.50 -14.50 24.69
N PRO B 50 14.65 -14.19 24.08
CA PRO B 50 15.91 -14.75 24.60
C PRO B 50 16.26 -14.18 25.95
N SER B 51 17.04 -14.91 26.72
CA SER B 51 17.48 -14.37 28.00
C SER B 51 18.88 -14.87 28.30
N GLY B 52 19.80 -13.92 28.55
CA GLY B 52 21.17 -14.29 28.82
C GLY B 52 21.84 -14.91 27.62
N GLU B 53 22.92 -15.63 27.87
CA GLU B 53 23.66 -16.24 26.77
C GLU B 53 23.21 -17.64 26.39
N ASP B 54 22.24 -18.22 27.09
CA ASP B 54 21.90 -19.59 26.74
C ASP B 54 20.47 -19.97 27.06
N MET B 55 19.58 -18.98 27.25
CA MET B 55 18.21 -19.24 27.67
C MET B 55 17.26 -18.41 26.81
N GLY B 56 15.98 -18.73 26.95
CA GLY B 56 14.94 -17.99 26.27
C GLY B 56 13.62 -18.60 26.67
N TYR B 57 12.55 -17.82 26.49
CA TYR B 57 11.26 -18.33 26.91
C TYR B 57 10.16 -17.84 25.98
N MET B 58 9.07 -18.60 25.98
CA MET B 58 7.82 -18.26 25.31
C MET B 58 6.91 -17.60 26.34
N LEU B 59 6.50 -16.37 26.07
CA LEU B 59 5.72 -15.59 27.02
C LEU B 59 4.23 -15.63 26.67
N ASP B 60 3.41 -16.04 27.62
CA ASP B 60 1.96 -15.84 27.54
C ASP B 60 1.71 -14.36 27.77
N THR B 61 1.48 -13.63 26.68
CA THR B 61 1.34 -12.19 26.74
C THR B 61 0.12 -11.77 27.53
N GLY B 62 -0.92 -12.61 27.56
CA GLY B 62 -2.13 -12.29 28.30
C GLY B 62 -2.00 -12.48 29.79
N ASN B 63 -1.60 -13.67 30.23
CA ASN B 63 -1.51 -13.97 31.66
C ASN B 63 -0.15 -13.61 32.26
N LEU B 64 0.75 -13.03 31.46
CA LEU B 64 2.08 -12.59 31.93
C LEU B 64 2.82 -13.71 32.66
N ASP B 65 2.80 -14.91 32.09
CA ASP B 65 3.55 -16.02 32.68
C ASP B 65 4.17 -16.86 31.56
N VAL B 66 5.10 -17.72 31.97
CA VAL B 66 5.70 -18.72 31.10
C VAL B 66 5.06 -20.06 31.41
N ARG B 67 4.47 -20.68 30.39
CA ARG B 67 3.75 -21.93 30.57
C ARG B 67 4.44 -23.07 29.83
N THR B 68 4.32 -24.29 30.38
CA THR B 68 4.93 -25.43 29.70
C THR B 68 4.29 -25.67 28.35
N GLU B 69 3.01 -25.34 28.20
CA GLU B 69 2.37 -25.39 26.90
C GLU B 69 3.14 -24.58 25.86
N GLY B 70 3.41 -23.30 26.17
CA GLY B 70 4.09 -22.46 25.21
C GLY B 70 5.55 -22.85 25.00
N MET B 71 6.23 -23.23 26.08
CA MET B 71 7.61 -23.68 25.93
C MET B 71 7.70 -24.91 25.04
N SER B 72 6.86 -25.91 25.32
CA SER B 72 6.87 -27.11 24.51
C SER B 72 6.48 -26.81 23.06
N TYR B 73 5.53 -25.91 22.87
CA TYR B 73 5.18 -25.43 21.52
C TYR B 73 6.37 -24.80 20.82
N GLY B 74 7.06 -23.89 21.51
CA GLY B 74 8.19 -23.23 20.89
C GLY B 74 9.30 -24.22 20.54
N MET B 75 9.47 -25.23 21.37
CA MET B 75 10.44 -26.27 21.09
C MET B 75 10.03 -27.05 19.83
N MET B 76 8.74 -27.37 19.68
CA MET B 76 8.30 -28.08 18.47
C MET B 76 8.43 -27.21 17.23
N MET B 77 8.05 -25.93 17.32
CA MET B 77 8.24 -25.01 16.21
C MET B 77 9.72 -24.93 15.81
N ALA B 78 10.61 -24.81 16.79
CA ALA B 78 12.03 -24.64 16.51
C ALA B 78 12.62 -25.87 15.84
N VAL B 79 12.24 -27.07 16.30
CA VAL B 79 12.81 -28.26 15.68
C VAL B 79 12.21 -28.46 14.29
N GLN B 80 10.94 -28.10 14.07
CA GLN B 80 10.37 -28.23 12.74
C GLN B 80 11.00 -27.25 11.76
N TYR B 81 11.31 -26.05 12.23
CA TYR B 81 11.88 -24.99 11.41
C TYR B 81 13.41 -25.00 11.43
N ASP B 82 14.01 -25.98 12.11
CA ASP B 82 15.46 -26.21 12.09
C ASP B 82 16.23 -25.03 12.67
N ARG B 83 15.90 -24.66 13.91
CA ARG B 83 16.64 -23.63 14.64
C ARG B 83 16.98 -24.19 16.01
N GLN B 84 18.13 -24.86 16.06
CA GLN B 84 18.56 -25.52 17.28
C GLN B 84 18.91 -24.52 18.38
N ASP B 85 19.43 -23.34 18.01
CA ASP B 85 19.77 -22.35 19.02
C ASP B 85 18.54 -21.92 19.82
N VAL B 86 17.42 -21.67 19.13
CA VAL B 86 16.17 -21.32 19.84
C VAL B 86 15.70 -22.50 20.70
N PHE B 87 15.63 -23.69 20.10
CA PHE B 87 15.27 -24.90 20.82
C PHE B 87 16.05 -25.03 22.12
N ASP B 88 17.39 -24.92 22.03
CA ASP B 88 18.22 -25.16 23.19
C ASP B 88 18.02 -24.09 24.25
N ARG B 89 17.83 -22.84 23.82
CA ARG B 89 17.55 -21.77 24.77
C ARG B 89 16.25 -22.04 25.53
N ILE B 90 15.21 -22.45 24.82
CA ILE B 90 13.95 -22.73 25.49
C ILE B 90 14.09 -23.93 26.43
N TRP B 91 14.69 -25.00 25.93
CA TRP B 91 14.83 -26.20 26.76
C TRP B 91 15.67 -25.94 28.01
N LYS B 92 16.69 -25.08 27.89
CA LYS B 92 17.53 -24.79 29.05
C LYS B 92 16.76 -24.06 30.13
N TRP B 93 15.97 -23.05 29.74
CA TRP B 93 15.12 -22.36 30.71
C TRP B 93 14.15 -23.33 31.38
N THR B 94 13.57 -24.24 30.59
CA THR B 94 12.61 -25.20 31.11
C THR B 94 13.25 -26.06 32.20
N VAL B 95 14.39 -26.69 31.89
CA VAL B 95 15.08 -27.53 32.87
C VAL B 95 15.46 -26.71 34.09
N THR B 96 15.89 -25.46 33.88
CA THR B 96 16.47 -24.66 34.95
C THR B 96 15.41 -24.26 35.98
N TYR B 97 14.22 -23.88 35.51
CA TYR B 97 13.21 -23.30 36.38
C TYR B 97 11.93 -24.09 36.49
N MET B 98 11.62 -24.95 35.53
CA MET B 98 10.32 -25.61 35.55
C MET B 98 10.38 -27.07 35.94
N TYR B 99 11.51 -27.73 35.73
CA TYR B 99 11.62 -29.14 36.10
C TYR B 99 11.56 -29.30 37.62
N MET B 100 10.62 -30.13 38.08
CA MET B 100 10.39 -30.31 39.51
C MET B 100 11.19 -31.49 40.03
N THR B 101 11.98 -31.27 41.07
CA THR B 101 12.79 -32.32 41.67
C THR B 101 12.26 -32.78 43.02
N GLU B 102 11.15 -32.23 43.49
CA GLU B 102 10.61 -32.60 44.79
C GLU B 102 9.08 -32.56 44.74
N GLY B 103 8.46 -33.09 45.78
CA GLY B 103 7.02 -33.09 45.90
C GLY B 103 6.38 -34.24 45.15
N ASP B 104 5.04 -34.23 45.15
CA ASP B 104 4.26 -35.31 44.56
C ASP B 104 4.46 -35.41 43.06
N ASN B 105 4.86 -34.31 42.41
CA ASN B 105 4.98 -34.27 40.96
C ASN B 105 6.43 -34.18 40.50
N ALA B 106 7.35 -34.74 41.29
CA ALA B 106 8.76 -34.79 40.90
C ALA B 106 8.93 -35.58 39.61
N GLY B 107 9.71 -35.05 38.68
CA GLY B 107 9.87 -35.62 37.37
C GLY B 107 9.01 -34.97 36.30
N TYR B 108 7.97 -34.25 36.69
CA TYR B 108 7.18 -33.45 35.79
C TYR B 108 7.68 -32.00 35.80
N PHE B 109 7.09 -31.16 34.96
CA PHE B 109 7.47 -29.75 34.84
C PHE B 109 6.33 -28.89 35.36
N ALA B 110 6.64 -27.96 36.27
CA ALA B 110 5.63 -27.02 36.74
C ALA B 110 5.08 -26.24 35.57
N TRP B 111 3.75 -26.20 35.45
CA TRP B 111 3.16 -25.70 34.21
C TRP B 111 3.27 -24.19 34.08
N SER B 112 3.39 -23.45 35.19
CA SER B 112 3.30 -22.00 35.17
C SER B 112 4.42 -21.39 35.99
N CYS B 113 5.18 -20.48 35.38
CA CYS B 113 6.27 -19.79 36.05
C CYS B 113 6.22 -18.32 35.69
N ALA B 114 6.78 -17.49 36.57
CA ALA B 114 6.97 -16.08 36.27
C ALA B 114 8.11 -15.90 35.26
N PRO B 115 8.14 -14.77 34.54
CA PRO B 115 9.18 -14.60 33.52
C PRO B 115 10.58 -14.57 34.09
N ASP B 116 10.74 -14.29 35.39
CA ASP B 116 12.05 -14.37 36.02
C ASP B 116 12.41 -15.78 36.48
N GLY B 117 11.47 -16.73 36.43
CA GLY B 117 11.76 -18.10 36.79
C GLY B 117 11.10 -18.61 38.07
N LYS B 118 10.53 -17.72 38.88
CA LYS B 118 9.87 -18.14 40.11
C LYS B 118 8.66 -19.02 39.82
N ARG B 119 8.56 -20.13 40.55
CA ARG B 119 7.43 -21.03 40.38
C ARG B 119 6.12 -20.34 40.75
N LEU B 120 5.12 -20.52 39.90
CA LEU B 120 3.76 -20.11 40.22
C LEU B 120 2.86 -21.31 40.50
N SER B 121 3.41 -22.52 40.46
CA SER B 121 2.60 -23.73 40.59
C SER B 121 3.53 -24.88 40.95
N ASN B 122 2.94 -25.99 41.37
CA ASN B 122 3.74 -27.19 41.64
C ASN B 122 3.10 -28.43 41.02
N GLY B 123 2.35 -28.24 39.93
CA GLY B 123 1.80 -29.34 39.17
C GLY B 123 1.99 -29.13 37.69
N PRO B 124 1.96 -30.22 36.91
CA PRO B 124 2.23 -30.11 35.48
C PRO B 124 0.97 -29.98 34.62
N ALA B 125 1.16 -29.82 33.33
CA ALA B 125 0.08 -29.88 32.35
C ALA B 125 0.46 -30.94 31.34
N PRO B 126 -0.28 -32.07 31.27
CA PRO B 126 0.16 -33.17 30.39
C PRO B 126 0.36 -32.80 28.95
N ASP B 127 -0.37 -31.82 28.42
CA ASP B 127 -0.15 -31.46 27.02
C ASP B 127 1.26 -30.91 26.80
N GLY B 128 1.81 -30.25 27.81
CA GLY B 128 3.21 -29.81 27.69
C GLY B 128 4.17 -30.98 27.64
N GLU B 129 4.03 -31.93 28.56
CA GLU B 129 4.92 -33.09 28.61
C GLU B 129 4.95 -33.84 27.28
N GLU B 130 3.79 -34.10 26.67
CA GLU B 130 3.81 -34.89 25.44
C GLU B 130 4.44 -34.10 24.28
N TYR B 131 4.28 -32.78 24.25
CA TYR B 131 4.99 -31.99 23.25
C TYR B 131 6.48 -31.95 23.54
N PHE B 132 6.87 -31.78 24.82
CA PHE B 132 8.28 -31.83 25.19
C PHE B 132 8.91 -33.13 24.69
N ALA B 133 8.26 -34.24 24.97
CA ALA B 133 8.82 -35.54 24.62
C ALA B 133 9.00 -35.68 23.11
N LEU B 134 7.96 -35.37 22.33
CA LEU B 134 8.11 -35.58 20.88
C LEU B 134 9.10 -34.60 20.28
N ALA B 135 9.08 -33.33 20.71
CA ALA B 135 10.02 -32.35 20.19
C ALA B 135 11.46 -32.75 20.48
N LEU B 136 11.71 -33.30 21.67
CA LEU B 136 13.04 -33.77 22.04
C LEU B 136 13.45 -34.99 21.22
N LEU B 137 12.51 -35.92 20.97
CA LEU B 137 12.82 -37.03 20.08
C LEU B 137 13.14 -36.56 18.67
N PHE B 138 12.37 -35.57 18.16
CA PHE B 138 12.71 -34.97 16.88
C PHE B 138 14.06 -34.27 16.92
N ALA B 139 14.37 -33.57 18.02
CA ALA B 139 15.68 -32.93 18.12
C ALA B 139 16.79 -33.97 18.11
N SER B 140 16.59 -35.09 18.81
CA SER B 140 17.57 -36.16 18.80
C SER B 140 17.79 -36.70 17.39
N HIS B 141 16.70 -36.81 16.63
CA HIS B 141 16.83 -37.35 15.28
C HIS B 141 17.39 -36.33 14.29
N ARG B 142 16.94 -35.07 14.36
CA ARG B 142 17.42 -34.05 13.43
C ARG B 142 18.88 -33.69 13.67
N TRP B 143 19.26 -33.51 14.94
CA TRP B 143 20.54 -32.87 15.27
C TRP B 143 21.49 -33.76 16.05
N GLY B 144 21.00 -34.81 16.71
CA GLY B 144 21.84 -35.65 17.52
C GLY B 144 21.95 -35.14 18.94
N ASP B 145 21.95 -36.08 19.90
CA ASP B 145 22.10 -35.72 21.30
C ASP B 145 23.43 -35.02 21.55
N ARG B 146 23.42 -33.98 22.38
CA ARG B 146 24.58 -33.40 23.01
C ARG B 146 24.62 -33.91 24.46
N GLU B 147 25.23 -33.17 25.36
CA GLU B 147 25.27 -33.64 26.73
C GLU B 147 24.29 -32.88 27.62
N ALA B 148 24.02 -33.48 28.77
CA ALA B 148 22.95 -33.02 29.65
C ALA B 148 23.05 -31.52 29.90
N PRO B 149 21.93 -30.79 29.83
CA PRO B 149 20.59 -31.33 29.64
C PRO B 149 20.15 -31.51 28.19
N PHE B 150 21.09 -31.41 27.25
CA PHE B 150 20.76 -31.49 25.83
C PHE B 150 20.97 -32.88 25.25
N ASN B 151 20.89 -33.91 26.09
CA ASN B 151 20.88 -35.30 25.66
C ASN B 151 19.44 -35.65 25.32
N TYR B 152 19.00 -35.15 24.15
CA TYR B 152 17.58 -35.00 23.86
C TYR B 152 16.81 -36.31 24.00
N GLY B 153 17.28 -37.37 23.34
CA GLY B 153 16.55 -38.63 23.34
C GLY B 153 16.46 -39.24 24.72
N THR B 154 17.51 -39.09 25.52
CA THR B 154 17.47 -39.57 26.89
C THR B 154 16.46 -38.79 27.72
N GLN B 155 16.47 -37.46 27.59
CA GLN B 155 15.50 -36.66 28.32
C GLN B 155 14.08 -37.05 27.93
N ALA B 156 13.87 -37.36 26.65
CA ALA B 156 12.53 -37.71 26.18
C ALA B 156 12.09 -39.06 26.71
N ARG B 157 12.95 -40.07 26.62
CA ARG B 157 12.56 -41.40 27.09
C ARG B 157 12.37 -41.42 28.61
N ASP B 158 13.21 -40.69 29.35
CA ASP B 158 13.02 -40.64 30.80
C ASP B 158 11.74 -39.92 31.16
N LEU B 159 11.41 -38.86 30.43
CA LEU B 159 10.17 -38.14 30.69
C LEU B 159 8.95 -39.03 30.42
N LEU B 160 8.97 -39.75 29.29
CA LEU B 160 7.85 -40.63 28.96
C LEU B 160 7.72 -41.77 29.95
N ARG B 161 8.83 -42.23 30.51
CA ARG B 161 8.75 -43.28 31.53
C ARG B 161 8.04 -42.76 32.77
N THR B 162 8.37 -41.54 33.20
CA THR B 162 7.68 -40.93 34.33
C THR B 162 6.19 -40.79 34.07
N CYS B 163 5.82 -40.37 32.86
CA CYS B 163 4.41 -40.17 32.51
C CYS B 163 3.59 -41.44 32.69
N LEU B 164 4.20 -42.61 32.51
CA LEU B 164 3.47 -43.87 32.62
C LEU B 164 3.61 -44.54 33.98
N HIS B 165 4.77 -44.39 34.64
CA HIS B 165 5.11 -45.23 35.77
C HIS B 165 5.10 -44.50 37.11
N LYS B 166 4.90 -43.19 37.12
CA LYS B 166 4.88 -42.47 38.39
C LYS B 166 3.77 -43.02 39.27
N GLY B 167 4.05 -43.12 40.57
CA GLY B 167 3.08 -43.62 41.52
C GLY B 167 3.13 -45.11 41.77
N GLU B 168 4.05 -45.83 41.13
CA GLU B 168 4.26 -47.23 41.46
C GLU B 168 4.99 -47.38 42.79
N ASP B 169 6.19 -46.81 42.88
CA ASP B 169 6.99 -46.87 44.09
C ASP B 169 7.10 -45.47 44.68
N GLY B 170 5.99 -44.98 45.23
CA GLY B 170 5.99 -43.70 45.89
C GLY B 170 4.69 -42.94 45.72
N PRO B 171 4.66 -41.69 46.16
CA PRO B 171 3.47 -40.85 45.95
C PRO B 171 3.43 -40.26 44.55
N GLY B 172 2.25 -39.82 44.17
CA GLY B 172 2.04 -39.24 42.86
C GLY B 172 1.28 -40.19 41.94
N TYR B 173 0.95 -39.65 40.77
CA TYR B 173 0.06 -40.33 39.83
C TYR B 173 0.63 -40.19 38.43
N PRO B 174 0.42 -41.19 37.57
CA PRO B 174 0.83 -41.07 36.18
C PRO B 174 -0.09 -40.13 35.40
N MET B 175 0.37 -39.76 34.20
CA MET B 175 -0.41 -38.86 33.36
C MET B 175 -1.35 -39.59 32.41
N TRP B 176 -1.20 -40.91 32.26
CA TRP B 176 -2.12 -41.74 31.51
C TRP B 176 -2.78 -42.73 32.46
N ASN B 177 -4.08 -42.89 32.32
CA ASN B 177 -4.79 -43.90 33.09
C ASN B 177 -4.38 -45.29 32.57
N PRO B 178 -3.93 -46.19 33.44
CA PRO B 178 -3.42 -47.48 32.93
C PRO B 178 -4.53 -48.41 32.44
N ASP B 179 -5.78 -48.20 32.85
CA ASP B 179 -6.84 -49.12 32.45
C ASP B 179 -7.42 -48.75 31.08
N ASN B 180 -7.74 -47.47 30.85
CA ASN B 180 -8.33 -47.07 29.58
C ASN B 180 -7.33 -46.47 28.59
N LYS B 181 -6.05 -46.35 28.98
CA LYS B 181 -4.97 -45.90 28.11
C LYS B 181 -5.12 -44.44 27.67
N LEU B 182 -5.93 -43.65 28.37
CA LEU B 182 -6.22 -42.26 27.98
C LEU B 182 -5.40 -41.27 28.81
N ILE B 183 -4.90 -40.24 28.15
CA ILE B 183 -4.21 -39.16 28.85
C ILE B 183 -5.22 -38.42 29.74
N LYS B 184 -4.75 -37.97 30.90
CA LYS B 184 -5.57 -37.30 31.89
C LYS B 184 -5.38 -35.78 31.79
N PHE B 185 -6.32 -35.04 32.37
CA PHE B 185 -6.18 -33.58 32.40
C PHE B 185 -4.98 -33.17 33.25
N VAL B 186 -4.90 -33.70 34.47
CA VAL B 186 -3.70 -33.62 35.30
C VAL B 186 -3.49 -34.98 35.93
N PRO B 187 -2.28 -35.28 36.41
CA PRO B 187 -2.04 -36.62 36.97
C PRO B 187 -3.03 -37.01 38.06
N ASN B 188 -3.53 -36.06 38.84
CA ASN B 188 -4.36 -36.37 40.00
C ASN B 188 -5.85 -36.32 39.71
N CYS B 189 -6.25 -36.27 38.44
CA CYS B 189 -7.68 -36.17 38.10
C CYS B 189 -8.06 -37.23 37.08
N GLU B 190 -9.16 -37.91 37.35
CA GLU B 190 -9.67 -38.98 36.48
C GLU B 190 -10.70 -38.45 35.47
N PHE B 191 -10.29 -37.42 34.74
CA PHE B 191 -11.00 -36.97 33.55
C PHE B 191 -9.96 -36.43 32.57
N SER B 192 -10.43 -35.94 31.42
CA SER B 192 -9.48 -35.62 30.37
C SER B 192 -9.82 -34.27 29.73
N ASP B 193 -9.06 -33.94 28.71
CA ASP B 193 -9.18 -32.75 27.90
C ASP B 193 -9.03 -33.23 26.47
N PRO B 194 -10.10 -33.22 25.66
CA PRO B 194 -10.03 -33.80 24.30
C PRO B 194 -8.86 -33.30 23.46
N SER B 195 -8.51 -32.02 23.57
CA SER B 195 -7.42 -31.47 22.78
C SER B 195 -6.05 -32.00 23.18
N TYR B 196 -5.92 -32.64 24.34
CA TYR B 196 -4.66 -33.29 24.73
C TYR B 196 -4.41 -34.60 24.01
N HIS B 197 -5.41 -35.16 23.32
CA HIS B 197 -5.30 -36.49 22.73
C HIS B 197 -4.58 -36.41 21.41
N LEU B 198 -3.36 -36.95 21.36
CA LEU B 198 -2.49 -36.89 20.19
C LEU B 198 -2.11 -38.30 19.77
N PRO B 199 -3.06 -39.06 19.20
CA PRO B 199 -2.74 -40.44 18.81
C PRO B 199 -1.55 -40.52 17.87
N HIS B 200 -1.36 -39.49 17.04
CA HIS B 200 -0.22 -39.49 16.12
C HIS B 200 1.09 -39.33 16.86
N PHE B 201 1.09 -38.63 18.00
CA PHE B 201 2.28 -38.64 18.86
C PHE B 201 2.48 -40.04 19.46
N TYR B 202 1.41 -40.70 19.91
CA TYR B 202 1.60 -41.96 20.62
C TYR B 202 2.04 -43.07 19.68
N GLU B 203 1.66 -42.99 18.40
CA GLU B 203 2.21 -43.92 17.41
C GLU B 203 3.72 -43.85 17.41
N LEU B 204 4.26 -42.65 17.57
CA LEU B 204 5.70 -42.45 17.54
C LEU B 204 6.36 -42.82 18.86
N PHE B 205 5.68 -42.53 19.99
CA PHE B 205 6.18 -43.05 21.25
C PHE B 205 6.23 -44.57 21.21
N ALA B 206 5.28 -45.20 20.53
CA ALA B 206 5.26 -46.66 20.40
C ALA B 206 6.47 -47.20 19.64
N LEU B 207 7.22 -46.35 18.95
CA LEU B 207 8.45 -46.76 18.29
C LEU B 207 9.70 -46.34 19.04
N TRP B 208 9.63 -45.28 19.84
CA TRP B 208 10.84 -44.63 20.34
C TRP B 208 10.91 -44.49 21.85
N ALA B 209 9.85 -44.79 22.58
CA ALA B 209 9.96 -44.86 24.03
C ALA B 209 10.87 -46.02 24.43
N TYR B 210 11.19 -46.09 25.71
CA TYR B 210 11.82 -47.27 26.26
C TYR B 210 11.03 -48.51 25.83
N PRO B 211 11.71 -49.59 25.44
CA PRO B 211 11.01 -50.72 24.79
C PRO B 211 9.85 -51.31 25.58
N GLU B 212 9.97 -51.40 26.91
CA GLU B 212 8.90 -52.01 27.70
C GLU B 212 7.60 -51.22 27.64
N ASP B 213 7.66 -49.93 27.29
CA ASP B 213 6.45 -49.10 27.29
C ASP B 213 5.78 -49.00 25.91
N ARG B 214 6.38 -49.60 24.88
CA ARG B 214 5.92 -49.35 23.51
C ARG B 214 4.55 -49.99 23.26
N ALA B 215 4.29 -51.17 23.83
CA ALA B 215 2.96 -51.76 23.74
C ALA B 215 1.90 -50.81 24.27
N PHE B 216 2.15 -50.20 25.43
CA PHE B 216 1.18 -49.27 26.01
C PHE B 216 0.91 -48.10 25.06
N TRP B 217 1.97 -47.51 24.53
CA TRP B 217 1.80 -46.34 23.66
C TRP B 217 0.99 -46.69 22.42
N LYS B 218 1.17 -47.91 21.88
CA LYS B 218 0.37 -48.30 20.73
C LYS B 218 -1.08 -48.43 21.12
N GLU B 219 -1.36 -48.96 22.32
CA GLU B 219 -2.73 -49.03 22.79
C GLU B 219 -3.29 -47.64 23.04
N ALA B 220 -2.46 -46.71 23.54
CA ALA B 220 -2.90 -45.34 23.76
C ALA B 220 -3.32 -44.67 22.46
N ALA B 221 -2.57 -44.93 21.38
CA ALA B 221 -2.91 -44.38 20.08
C ALA B 221 -4.29 -44.82 19.64
N GLU B 222 -4.58 -46.13 19.73
CA GLU B 222 -5.90 -46.61 19.33
C GLU B 222 -6.98 -46.11 20.28
N ALA B 223 -6.69 -46.06 21.58
CA ALA B 223 -7.71 -45.63 22.54
C ALA B 223 -8.05 -44.15 22.36
N SER B 224 -7.05 -43.32 22.11
CA SER B 224 -7.31 -41.89 21.90
C SER B 224 -8.10 -41.66 20.61
N ARG B 225 -7.79 -42.40 19.55
CA ARG B 225 -8.58 -42.24 18.32
C ARG B 225 -10.04 -42.57 18.56
N GLN B 226 -10.33 -43.65 19.29
CA GLN B 226 -11.72 -44.00 19.52
C GLN B 226 -12.38 -43.04 20.51
N TYR B 227 -11.60 -42.52 21.47
CA TYR B 227 -12.16 -41.61 22.46
C TYR B 227 -12.71 -40.36 21.81
N LEU B 228 -12.00 -39.85 20.80
CA LEU B 228 -12.46 -38.63 20.14
C LEU B 228 -13.83 -38.82 19.47
N HIS B 229 -14.18 -40.05 19.07
CA HIS B 229 -15.54 -40.31 18.59
C HIS B 229 -16.58 -40.00 19.66
N LEU B 230 -16.24 -40.22 20.93
CA LEU B 230 -17.16 -39.91 22.01
C LEU B 230 -17.18 -38.43 22.33
N ALA B 231 -16.03 -37.78 22.27
CA ALA B 231 -15.93 -36.40 22.75
C ALA B 231 -16.47 -35.39 21.75
N CYS B 232 -16.41 -35.67 20.45
CA CYS B 232 -16.89 -34.70 19.46
C CYS B 232 -18.39 -34.85 19.28
N HIS B 233 -19.09 -33.73 19.21
CA HIS B 233 -20.54 -33.77 19.06
C HIS B 233 -20.90 -34.40 17.73
N PRO B 234 -21.92 -35.27 17.68
CA PRO B 234 -22.22 -35.99 16.43
C PRO B 234 -22.73 -35.11 15.31
N VAL B 235 -23.28 -33.93 15.61
CA VAL B 235 -23.79 -33.03 14.56
C VAL B 235 -22.76 -31.97 14.18
N THR B 236 -22.20 -31.27 15.18
CA THR B 236 -21.32 -30.14 14.93
C THR B 236 -19.86 -30.54 14.83
N GLY B 237 -19.48 -31.69 15.37
CA GLY B 237 -18.07 -32.03 15.49
C GLY B 237 -17.35 -31.35 16.63
N LEU B 238 -18.02 -30.48 17.39
CA LEU B 238 -17.37 -29.69 18.42
C LEU B 238 -17.09 -30.54 19.65
N ALA B 239 -15.82 -30.42 20.20
CA ALA B 239 -15.51 -31.09 21.44
C ALA B 239 -15.50 -30.09 22.60
N PRO B 240 -15.78 -30.53 23.82
CA PRO B 240 -15.65 -29.65 24.98
C PRO B 240 -14.19 -29.49 25.37
N GLU B 241 -13.90 -28.45 26.16
CA GLU B 241 -12.54 -28.26 26.66
C GLU B 241 -12.13 -29.40 27.61
N TYR B 242 -12.95 -29.67 28.63
CA TYR B 242 -12.74 -30.82 29.50
C TYR B 242 -13.87 -31.82 29.32
N ALA B 243 -13.54 -33.10 29.48
CA ALA B 243 -14.55 -34.13 29.33
C ALA B 243 -14.22 -35.32 30.22
N TYR B 244 -15.25 -36.06 30.59
CA TYR B 244 -15.06 -37.31 31.28
C TYR B 244 -14.58 -38.39 30.32
N TYR B 245 -14.24 -39.56 30.89
CA TYR B 245 -13.74 -40.67 30.09
C TYR B 245 -14.78 -41.21 29.14
N ASP B 246 -16.06 -40.99 29.40
CA ASP B 246 -17.09 -41.39 28.45
C ASP B 246 -17.35 -40.33 27.39
N GLY B 247 -16.57 -39.24 27.37
CA GLY B 247 -16.71 -38.20 26.38
C GLY B 247 -17.65 -37.08 26.73
N THR B 248 -18.49 -37.23 27.75
CA THR B 248 -19.44 -36.18 28.07
C THR B 248 -18.71 -34.98 28.68
N PRO B 249 -19.21 -33.77 28.46
CA PRO B 249 -18.51 -32.57 28.91
C PRO B 249 -18.41 -32.51 30.43
N ASN B 250 -17.25 -32.10 30.91
CA ASN B 250 -17.06 -31.79 32.33
C ASN B 250 -17.18 -30.28 32.46
N ASN B 251 -18.35 -29.81 32.90
CA ASN B 251 -18.55 -28.39 33.17
C ASN B 251 -18.57 -28.10 34.67
N GLU B 252 -17.66 -28.72 35.42
CA GLU B 252 -17.54 -28.40 36.84
C GLU B 252 -17.09 -26.95 37.06
N ARG B 253 -16.12 -26.46 36.26
CA ARG B 253 -15.63 -25.08 36.38
C ARG B 253 -15.77 -24.29 35.09
N GLY B 254 -16.79 -24.58 34.27
CA GLY B 254 -16.99 -23.81 33.07
C GLY B 254 -16.25 -24.26 31.83
N TYR B 255 -15.61 -25.43 31.87
CA TYR B 255 -14.82 -25.93 30.73
C TYR B 255 -15.55 -26.98 29.91
N GLY B 256 -16.85 -27.11 30.06
CA GLY B 256 -17.57 -28.10 29.28
C GLY B 256 -18.09 -27.65 27.93
N HIS B 257 -17.63 -26.53 27.40
CA HIS B 257 -18.11 -25.97 26.14
C HIS B 257 -16.96 -25.87 25.15
N PHE B 258 -17.28 -25.40 23.93
CA PHE B 258 -16.28 -25.24 22.88
C PHE B 258 -15.62 -23.88 23.05
N PHE B 259 -14.37 -23.89 23.51
CA PHE B 259 -13.63 -22.67 23.77
C PHE B 259 -12.15 -22.97 23.53
N SER B 260 -11.28 -22.02 23.89
CA SER B 260 -9.87 -22.02 23.49
C SER B 260 -9.19 -23.41 23.43
N ASP B 261 -9.26 -24.19 24.51
CA ASP B 261 -8.57 -25.48 24.51
C ASP B 261 -9.03 -26.35 23.35
N ALA B 262 -10.34 -26.40 23.14
CA ALA B 262 -10.96 -27.35 22.24
C ALA B 262 -10.64 -27.04 20.78
N TYR B 263 -10.20 -25.83 20.49
CA TYR B 263 -9.88 -25.50 19.10
C TYR B 263 -8.87 -26.46 18.52
N ARG B 264 -7.96 -26.96 19.35
CA ARG B 264 -6.88 -27.79 18.84
C ARG B 264 -7.35 -29.15 18.33
N VAL B 265 -8.58 -29.56 18.66
CA VAL B 265 -9.01 -30.91 18.28
C VAL B 265 -9.02 -31.04 16.75
N ALA B 266 -9.57 -30.04 16.06
CA ALA B 266 -9.63 -30.12 14.60
C ALA B 266 -8.24 -30.15 13.99
N ALA B 267 -7.33 -29.33 14.54
CA ALA B 267 -5.94 -29.35 14.10
C ALA B 267 -5.32 -30.72 14.29
N ASN B 268 -5.56 -31.34 15.46
CA ASN B 268 -4.96 -32.64 15.76
C ASN B 268 -5.48 -33.73 14.83
N LEU B 269 -6.78 -33.69 14.51
CA LEU B 269 -7.33 -34.64 13.56
C LEU B 269 -6.71 -34.47 12.18
N GLY B 270 -6.53 -33.23 11.75
CA GLY B 270 -5.87 -32.99 10.48
C GLY B 270 -4.45 -33.54 10.46
N LEU B 271 -3.71 -33.33 11.53
CA LEU B 271 -2.32 -33.79 11.54
C LEU B 271 -2.24 -35.30 11.67
N ASP B 272 -3.07 -35.89 12.52
CA ASP B 272 -3.12 -37.36 12.59
C ASP B 272 -3.48 -37.97 11.24
N TRP B 273 -4.47 -37.39 10.56
CA TRP B 273 -4.84 -37.94 9.25
C TRP B 273 -3.69 -37.86 8.27
N GLU B 274 -3.00 -36.71 8.22
CA GLU B 274 -1.88 -36.55 7.30
C GLU B 274 -0.72 -37.49 7.66
N TRP B 275 -0.45 -37.68 8.95
CA TRP B 275 0.71 -38.48 9.34
C TRP B 275 0.44 -39.98 9.25
N PHE B 276 -0.80 -40.41 9.51
CA PHE B 276 -1.08 -41.83 9.64
C PHE B 276 -2.28 -42.31 8.85
N ALA B 277 -3.20 -41.43 8.46
CA ALA B 277 -4.39 -41.78 7.70
C ALA B 277 -5.05 -43.05 8.23
N ALA B 278 -5.23 -43.09 9.55
CA ALA B 278 -5.57 -44.31 10.25
C ALA B 278 -7.06 -44.48 10.53
N ASP B 279 -7.81 -43.40 10.63
CA ASP B 279 -9.22 -43.46 11.05
C ASP B 279 -10.07 -42.57 10.15
N PRO B 280 -10.76 -43.14 9.16
CA PRO B 280 -11.59 -42.33 8.25
C PRO B 280 -12.61 -41.44 8.94
N TRP B 281 -13.04 -41.81 10.15
CA TRP B 281 -13.98 -40.96 10.89
C TRP B 281 -13.44 -39.55 11.08
N GLN B 282 -12.12 -39.39 11.17
CA GLN B 282 -11.53 -38.08 11.34
C GLN B 282 -11.90 -37.12 10.20
N ARG B 283 -12.06 -37.64 8.98
CA ARG B 283 -12.50 -36.79 7.88
C ARG B 283 -13.94 -36.34 8.06
N GLU B 284 -14.81 -37.24 8.53
CA GLU B 284 -16.20 -36.85 8.81
C GLU B 284 -16.28 -35.79 9.91
N ALA B 285 -15.47 -35.94 10.96
CA ALA B 285 -15.50 -34.98 12.07
C ALA B 285 -15.02 -33.60 11.62
N VAL B 286 -13.91 -33.55 10.89
CA VAL B 286 -13.43 -32.26 10.38
C VAL B 286 -14.46 -31.67 9.42
N GLY B 287 -15.13 -32.53 8.64
CA GLY B 287 -16.22 -32.07 7.81
C GLY B 287 -17.28 -31.34 8.61
N LYS B 288 -17.64 -31.88 9.77
CA LYS B 288 -18.71 -31.25 10.56
C LYS B 288 -18.24 -29.95 11.18
N ILE B 289 -17.00 -29.90 11.67
CA ILE B 289 -16.50 -28.66 12.27
C ILE B 289 -16.43 -27.55 11.23
N GLN B 290 -15.92 -27.86 10.03
CA GLN B 290 -15.81 -26.82 9.02
C GLN B 290 -17.20 -26.36 8.56
N ALA B 291 -18.15 -27.29 8.45
CA ALA B 291 -19.53 -26.89 8.13
C ALA B 291 -20.10 -25.97 9.20
N PHE B 292 -19.80 -26.23 10.46
CA PHE B 292 -20.32 -25.40 11.53
C PHE B 292 -19.81 -23.97 11.42
N PHE B 293 -18.53 -23.79 11.07
CA PHE B 293 -17.92 -22.48 11.03
C PHE B 293 -17.92 -21.82 9.66
N ALA B 294 -18.27 -22.55 8.60
CA ALA B 294 -18.14 -22.01 7.25
C ALA B 294 -18.91 -20.70 7.08
N ASP B 295 -20.07 -20.59 7.72
CA ASP B 295 -20.97 -19.44 7.59
C ASP B 295 -20.69 -18.34 8.61
N LYS B 296 -19.79 -18.57 9.55
CA LYS B 296 -19.58 -17.66 10.67
C LYS B 296 -18.42 -16.71 10.39
N GLU B 297 -18.57 -15.48 10.85
CA GLU B 297 -17.52 -14.48 10.67
C GLU B 297 -16.57 -14.50 11.87
N PRO B 298 -15.25 -14.52 11.64
CA PRO B 298 -14.31 -14.60 12.77
C PRO B 298 -14.48 -13.47 13.79
N GLU B 299 -14.78 -12.26 13.35
CA GLU B 299 -14.90 -11.11 14.24
C GLU B 299 -16.11 -11.26 15.16
N ASP B 300 -16.86 -12.35 15.01
CA ASP B 300 -18.07 -12.62 15.77
C ASP B 300 -18.02 -14.01 16.42
N TYR B 301 -16.90 -14.73 16.32
CA TYR B 301 -16.81 -16.03 16.99
C TYR B 301 -17.15 -15.91 18.47
N ARG B 302 -17.86 -16.91 19.00
CA ARG B 302 -18.28 -16.93 20.39
C ARG B 302 -17.78 -18.20 21.07
N ARG B 303 -17.96 -18.26 22.39
CA ARG B 303 -18.04 -19.55 23.05
C ARG B 303 -19.33 -20.24 22.62
N TYR B 304 -19.27 -21.54 22.36
CA TYR B 304 -20.45 -22.30 21.97
C TYR B 304 -20.58 -23.54 22.86
N THR B 305 -21.83 -23.95 23.13
CA THR B 305 -22.01 -25.32 23.61
C THR B 305 -21.60 -26.29 22.52
N ILE B 306 -21.34 -27.54 22.90
CA ILE B 306 -20.87 -28.46 21.87
C ILE B 306 -21.97 -28.75 20.85
N SER B 307 -23.24 -28.54 21.21
CA SER B 307 -24.32 -28.65 20.24
C SER B 307 -24.45 -27.39 19.38
N GLY B 308 -23.63 -26.36 19.64
CA GLY B 308 -23.54 -25.22 18.76
C GLY B 308 -24.26 -23.96 19.22
N GLU B 309 -24.93 -23.99 20.36
CA GLU B 309 -25.64 -22.81 20.82
C GLU B 309 -24.64 -21.74 21.27
N PRO B 310 -24.77 -20.50 20.80
CA PRO B 310 -23.79 -19.47 21.15
C PRO B 310 -24.04 -18.87 22.52
N PHE B 311 -22.94 -18.54 23.19
CA PHE B 311 -22.96 -17.63 24.32
C PHE B 311 -22.81 -16.20 23.84
N GLU B 312 -23.06 -15.26 24.73
CA GLU B 312 -22.79 -13.86 24.42
C GLU B 312 -21.29 -13.57 24.41
N GLU B 313 -20.54 -14.31 25.21
CA GLU B 313 -19.12 -14.07 25.35
C GLU B 313 -18.39 -14.35 24.05
N PRO B 314 -17.57 -13.42 23.57
CA PRO B 314 -16.81 -13.67 22.34
C PRO B 314 -15.66 -14.63 22.58
N ALA B 315 -15.20 -15.23 21.48
CA ALA B 315 -14.00 -16.07 21.55
C ALA B 315 -12.82 -15.20 21.94
N LEU B 316 -12.03 -15.68 22.90
CA LEU B 316 -10.80 -14.99 23.30
C LEU B 316 -9.76 -15.01 22.19
N HIS B 317 -9.67 -16.12 21.46
CA HIS B 317 -8.61 -16.33 20.46
C HIS B 317 -9.24 -16.69 19.12
N PRO B 318 -9.86 -15.72 18.43
CA PRO B 318 -10.51 -16.04 17.15
C PRO B 318 -9.53 -16.38 16.04
N VAL B 319 -8.35 -15.79 16.04
CA VAL B 319 -7.33 -16.13 15.04
C VAL B 319 -6.85 -17.56 15.23
N GLY B 320 -6.64 -17.97 16.49
CA GLY B 320 -6.31 -19.36 16.76
C GLY B 320 -7.36 -20.32 16.26
N LEU B 321 -8.64 -19.99 16.48
CA LEU B 321 -9.72 -20.85 16.03
C LEU B 321 -9.67 -21.03 14.50
N LEU B 322 -9.57 -19.93 13.77
CA LEU B 322 -9.57 -20.04 12.32
C LEU B 322 -8.32 -20.75 11.81
N ALA B 323 -7.21 -20.62 12.54
CA ALA B 323 -6.02 -21.35 12.13
C ALA B 323 -6.18 -22.85 12.34
N THR B 324 -6.80 -23.27 13.45
CA THR B 324 -7.01 -24.70 13.64
C THR B 324 -7.97 -25.26 12.61
N ASN B 325 -9.01 -24.49 12.26
CA ASN B 325 -9.95 -24.98 11.26
C ASN B 325 -9.29 -25.10 9.89
N ALA B 326 -8.33 -24.22 9.60
CA ALA B 326 -7.57 -24.34 8.35
C ALA B 326 -6.67 -25.56 8.38
N MET B 327 -5.93 -25.76 9.48
CA MET B 327 -5.05 -26.92 9.59
C MET B 327 -5.83 -28.23 9.46
N ALA B 328 -7.09 -28.24 9.93
CA ALA B 328 -7.95 -29.42 9.80
C ALA B 328 -8.20 -29.82 8.35
N SER B 329 -8.04 -28.89 7.40
CA SER B 329 -8.21 -29.21 5.98
C SER B 329 -7.29 -30.32 5.50
N LEU B 330 -6.23 -30.63 6.25
CA LEU B 330 -5.45 -31.82 5.91
C LEU B 330 -6.30 -33.08 5.96
N ALA B 331 -7.44 -33.06 6.64
CA ALA B 331 -8.33 -34.21 6.67
C ALA B 331 -9.64 -33.96 5.94
N ALA B 332 -9.72 -32.88 5.17
CA ALA B 332 -10.96 -32.55 4.46
C ALA B 332 -10.65 -32.33 2.98
N ASP B 333 -11.71 -32.22 2.19
CA ASP B 333 -11.56 -31.84 0.78
C ASP B 333 -12.90 -31.31 0.30
N GLY B 334 -12.83 -30.44 -0.71
CA GLY B 334 -14.02 -29.80 -1.23
C GLY B 334 -14.05 -28.32 -0.93
N PRO B 335 -15.19 -27.68 -1.18
CA PRO B 335 -15.24 -26.21 -1.11
C PRO B 335 -15.01 -25.64 0.27
N GLN B 336 -15.59 -26.24 1.31
CA GLN B 336 -15.42 -25.62 2.63
C GLN B 336 -14.00 -25.76 3.14
N ALA B 337 -13.29 -26.83 2.77
CA ALA B 337 -11.89 -26.97 3.17
C ALA B 337 -11.04 -25.89 2.55
N LYS B 338 -11.26 -25.58 1.27
CA LYS B 338 -10.48 -24.51 0.64
C LYS B 338 -10.84 -23.15 1.21
N ALA B 339 -12.10 -22.95 1.59
CA ALA B 339 -12.49 -21.67 2.17
C ALA B 339 -11.85 -21.45 3.54
N CYS B 340 -11.80 -22.48 4.39
CA CYS B 340 -11.11 -22.35 5.66
C CYS B 340 -9.65 -21.96 5.46
N VAL B 341 -9.01 -22.54 4.44
CA VAL B 341 -7.60 -22.25 4.19
C VAL B 341 -7.43 -20.85 3.64
N ASP B 342 -8.35 -20.42 2.74
CA ASP B 342 -8.21 -19.07 2.18
C ASP B 342 -8.43 -17.99 3.24
N LEU B 343 -9.37 -18.21 4.16
CA LEU B 343 -9.53 -17.29 5.27
C LEU B 343 -8.23 -17.20 6.09
N PHE B 344 -7.64 -18.34 6.43
CA PHE B 344 -6.36 -18.35 7.16
C PHE B 344 -5.26 -17.65 6.38
N TRP B 345 -5.13 -17.95 5.07
CA TRP B 345 -4.10 -17.32 4.26
C TRP B 345 -4.22 -15.79 4.31
N ASN B 346 -5.45 -15.28 4.32
CA ASN B 346 -5.69 -13.85 4.31
C ASN B 346 -5.81 -13.25 5.71
N THR B 347 -5.43 -14.00 6.74
CA THR B 347 -5.45 -13.52 8.12
C THR B 347 -4.03 -13.25 8.58
N PRO B 348 -3.72 -12.04 9.01
CA PRO B 348 -2.38 -11.74 9.52
C PRO B 348 -2.18 -12.28 10.93
N VAL B 349 -0.91 -12.43 11.30
CA VAL B 349 -0.58 -12.84 12.65
C VAL B 349 -1.15 -11.84 13.66
N ARG B 350 -1.48 -12.33 14.85
CA ARG B 350 -2.18 -11.49 15.81
C ARG B 350 -1.20 -10.58 16.55
N THR B 351 -1.68 -9.37 16.86
CA THR B 351 -0.94 -8.35 17.59
C THR B 351 -1.72 -8.03 18.87
N GLY B 352 -1.05 -7.34 19.80
CA GLY B 352 -1.70 -6.98 21.05
C GLY B 352 -1.50 -7.97 22.18
N LYS B 353 -2.23 -7.72 23.27
CA LYS B 353 -1.97 -8.38 24.54
C LYS B 353 -2.38 -9.85 24.56
N ARG B 354 -3.33 -10.27 23.73
CA ARG B 354 -3.83 -11.64 23.75
C ARG B 354 -3.26 -12.51 22.63
N ARG B 355 -2.14 -12.11 22.04
CA ARG B 355 -1.68 -12.72 20.79
C ARG B 355 -1.05 -14.10 20.96
N TYR B 356 -0.64 -14.49 22.17
CA TYR B 356 0.27 -15.62 22.30
C TYR B 356 -0.36 -16.91 21.81
N TYR B 357 -1.56 -17.24 22.32
CA TYR B 357 -2.20 -18.50 21.95
C TYR B 357 -2.60 -18.52 20.48
N ASP B 358 -3.10 -17.39 19.96
CA ASP B 358 -3.43 -17.31 18.55
C ASP B 358 -2.20 -17.53 17.69
N ASN B 359 -1.08 -16.89 18.04
CA ASN B 359 0.09 -16.95 17.18
C ASN B 359 0.76 -18.33 17.21
N CYS B 360 0.69 -19.04 18.33
CA CYS B 360 1.20 -20.42 18.36
C CYS B 360 0.42 -21.31 17.40
N LEU B 361 -0.91 -21.25 17.49
CA LEU B 361 -1.75 -22.06 16.63
C LEU B 361 -1.57 -21.65 15.17
N TYR B 362 -1.38 -20.34 14.94
CA TYR B 362 -1.17 -19.83 13.59
C TYR B 362 0.06 -20.46 12.95
N LEU B 363 1.19 -20.43 13.65
CA LEU B 363 2.42 -20.96 13.07
C LEU B 363 2.34 -22.47 12.89
N PHE B 364 1.71 -23.18 13.82
CA PHE B 364 1.52 -24.62 13.64
C PHE B 364 0.73 -24.92 12.37
N ALA B 365 -0.32 -24.14 12.11
CA ALA B 365 -1.13 -24.35 10.91
C ALA B 365 -0.33 -24.05 9.66
N LEU B 366 0.44 -22.97 9.66
CA LEU B 366 1.24 -22.62 8.49
C LEU B 366 2.29 -23.68 8.23
N LEU B 367 2.95 -24.17 9.27
CA LEU B 367 3.88 -25.28 9.13
C LEU B 367 3.18 -26.51 8.53
N ALA B 368 2.03 -26.89 9.09
CA ALA B 368 1.35 -28.10 8.63
C ALA B 368 0.85 -27.94 7.20
N LEU B 369 0.29 -26.78 6.87
CA LEU B 369 -0.32 -26.59 5.56
C LEU B 369 0.70 -26.37 4.46
N SER B 370 1.96 -26.08 4.82
CA SER B 370 3.01 -25.94 3.84
C SER B 370 3.82 -27.20 3.66
N GLY B 371 3.45 -28.29 4.34
CA GLY B 371 4.22 -29.52 4.28
C GLY B 371 5.47 -29.52 5.12
N ASN B 372 5.49 -28.74 6.20
CA ASN B 372 6.69 -28.54 6.99
C ASN B 372 6.52 -28.93 8.46
N TYR B 373 5.46 -29.67 8.78
CA TYR B 373 5.25 -30.23 10.12
C TYR B 373 5.42 -31.73 9.95
N ARG B 374 6.66 -32.21 10.10
CA ARG B 374 7.01 -33.54 9.66
C ARG B 374 7.43 -34.45 10.81
N ILE B 375 7.46 -35.75 10.50
CA ILE B 375 8.01 -36.75 11.42
C ILE B 375 9.50 -36.87 11.11
N TRP B 376 10.32 -36.51 12.08
CA TRP B 376 11.77 -36.54 11.91
C TRP B 376 12.27 -37.88 12.40
N MET B 377 12.69 -38.74 11.44
CA MET B 377 13.07 -40.14 11.67
C MET B 377 14.52 -40.24 12.11
N PRO B 378 14.87 -41.29 12.88
CA PRO B 378 16.25 -41.57 13.31
C PRO B 378 17.20 -41.72 12.12
N ARG B 379 18.45 -41.32 12.30
CA ARG B 379 19.43 -41.31 11.21
N MET C 1 -16.24 -13.58 5.84
CA MET C 1 -16.23 -15.01 5.55
C MET C 1 -16.58 -15.27 4.09
N LYS C 2 -17.57 -14.52 3.58
CA LYS C 2 -18.04 -14.68 2.21
C LYS C 2 -16.98 -14.32 1.18
N GLU C 3 -15.93 -13.62 1.60
CA GLU C 3 -14.83 -13.31 0.69
C GLU C 3 -14.10 -14.58 0.24
N HIS C 4 -14.14 -15.63 1.06
CA HIS C 4 -13.35 -16.84 0.84
C HIS C 4 -14.21 -18.04 0.44
N GLN C 5 -15.52 -17.86 0.34
CA GLN C 5 -16.43 -18.93 0.00
C GLN C 5 -17.18 -18.55 -1.25
N GLY C 6 -17.39 -19.54 -2.12
CA GLY C 6 -18.12 -19.29 -3.34
C GLY C 6 -19.59 -19.15 -3.03
N ALA C 7 -20.20 -18.10 -3.58
CA ALA C 7 -21.63 -17.87 -3.42
C ALA C 7 -22.47 -19.02 -3.96
N TYR C 8 -21.94 -19.77 -4.92
CA TYR C 8 -22.67 -20.95 -5.40
C TYR C 8 -22.97 -21.90 -4.25
N CYS C 9 -21.98 -22.17 -3.41
CA CYS C 9 -22.15 -23.16 -2.34
C CYS C 9 -23.01 -22.65 -1.21
N THR C 10 -23.00 -21.35 -0.94
CA THR C 10 -23.72 -20.80 0.20
C THR C 10 -25.06 -20.20 -0.17
N GLY C 11 -25.22 -19.72 -1.40
CA GLY C 11 -26.39 -18.94 -1.75
C GLY C 11 -26.40 -17.54 -1.18
N THR C 12 -25.28 -17.06 -0.64
CA THR C 12 -25.21 -15.73 -0.07
C THR C 12 -24.14 -14.93 -0.78
N TYR C 13 -24.39 -13.64 -0.92
CA TYR C 13 -23.58 -12.76 -1.76
C TYR C 13 -23.08 -11.57 -0.96
N ARG C 14 -21.84 -11.21 -1.22
CA ARG C 14 -21.23 -10.03 -0.62
C ARG C 14 -21.80 -8.76 -1.26
N ASN C 15 -22.23 -7.81 -0.43
CA ASN C 15 -22.54 -6.47 -0.89
C ASN C 15 -21.29 -5.64 -0.62
N LEU C 16 -20.37 -5.64 -1.59
CA LEU C 16 -19.05 -5.06 -1.38
C LEU C 16 -19.14 -3.57 -1.09
N LEU C 17 -20.04 -2.85 -1.78
CA LEU C 17 -20.18 -1.42 -1.52
C LEU C 17 -20.56 -1.15 -0.07
N ALA C 18 -21.51 -1.93 0.46
CA ALA C 18 -21.89 -1.75 1.86
C ALA C 18 -20.76 -2.13 2.79
N GLU C 19 -20.05 -3.22 2.49
CA GLU C 19 -18.86 -3.58 3.25
C GLU C 19 -17.90 -2.42 3.32
N TYR C 20 -17.71 -1.74 2.20
CA TYR C 20 -16.74 -0.67 2.04
C TYR C 20 -17.21 0.63 2.68
N GLY C 21 -18.47 0.73 3.11
CA GLY C 21 -18.93 1.88 3.87
C GLY C 21 -19.85 2.82 3.11
N TYR C 22 -20.23 2.50 1.88
CA TYR C 22 -21.28 3.26 1.22
C TYR C 22 -22.61 2.85 1.82
N GLY C 23 -23.56 3.79 1.87
CA GLY C 23 -24.81 3.52 2.55
C GLY C 23 -25.67 2.55 1.77
N GLU C 24 -26.32 1.62 2.50
CA GLU C 24 -27.19 0.64 1.86
C GLU C 24 -28.27 1.34 1.03
N GLU C 25 -28.89 2.37 1.61
CA GLU C 25 -29.90 3.14 0.89
C GLU C 25 -29.33 3.79 -0.36
N ALA C 26 -28.17 4.44 -0.26
CA ALA C 26 -27.58 5.09 -1.43
C ALA C 26 -27.19 4.07 -2.49
N ILE C 27 -26.77 2.87 -2.07
CA ILE C 27 -26.42 1.83 -3.03
C ILE C 27 -27.64 1.44 -3.85
N GLN C 28 -28.77 1.18 -3.17
CA GLN C 28 -30.00 0.81 -3.85
C GLN C 28 -30.46 1.91 -4.81
N ARG C 29 -30.35 3.18 -4.40
CA ARG C 29 -30.79 4.28 -5.27
C ARG C 29 -29.89 4.40 -6.49
N ARG C 30 -28.58 4.21 -6.32
CA ARG C 30 -27.66 4.24 -7.46
C ARG C 30 -28.01 3.16 -8.47
N LEU C 31 -28.26 1.94 -8.00
CA LEU C 31 -28.63 0.85 -8.91
C LEU C 31 -29.92 1.17 -9.65
N ASP C 32 -30.95 1.61 -8.92
CA ASP C 32 -32.22 1.90 -9.57
C ASP C 32 -32.12 3.09 -10.51
N GLU C 33 -31.38 4.13 -10.13
CA GLU C 33 -31.19 5.27 -11.03
C GLU C 33 -30.42 4.86 -12.28
N THR C 34 -29.44 3.95 -12.13
CA THR C 34 -28.69 3.47 -13.27
C THR C 34 -29.57 2.66 -14.21
N TRP C 35 -30.35 1.72 -13.66
CA TRP C 35 -31.30 0.98 -14.48
C TRP C 35 -32.17 1.94 -15.29
N GLU C 36 -32.73 2.94 -14.63
CA GLU C 36 -33.67 3.83 -15.33
C GLU C 36 -32.98 4.59 -16.47
N GLN C 37 -31.76 5.10 -16.22
CA GLN C 37 -31.04 5.83 -17.26
C GLN C 37 -30.74 4.96 -18.47
N LEU C 38 -30.51 3.66 -18.26
CA LEU C 38 -30.09 2.77 -19.35
C LEU C 38 -31.26 2.12 -20.05
N PHE C 39 -32.34 1.82 -19.34
CA PHE C 39 -33.45 1.05 -19.88
C PHE C 39 -34.76 1.82 -19.95
N GLU C 40 -34.90 2.92 -19.23
CA GLU C 40 -36.15 3.69 -19.24
C GLU C 40 -35.93 5.18 -19.46
N GLY C 41 -34.73 5.58 -19.87
CA GLY C 41 -34.37 6.98 -20.00
C GLY C 41 -34.51 7.50 -21.41
N ASP C 42 -33.59 8.38 -21.80
CA ASP C 42 -33.68 9.09 -23.07
C ASP C 42 -32.36 9.05 -23.83
N GLU C 43 -32.24 9.90 -24.86
CA GLU C 43 -31.05 9.94 -25.69
C GLU C 43 -29.77 10.18 -24.92
N GLU C 44 -29.86 10.58 -23.65
CA GLU C 44 -28.64 10.88 -22.89
C GLU C 44 -27.80 9.63 -22.65
N THR C 45 -28.39 8.61 -22.02
CA THR C 45 -27.60 7.44 -21.65
C THR C 45 -28.21 6.11 -22.06
N ARG C 46 -29.37 6.11 -22.73
CA ARG C 46 -30.09 4.86 -22.96
C ARG C 46 -29.30 3.92 -23.86
N ILE C 47 -29.36 2.63 -23.54
CA ILE C 47 -28.81 1.59 -24.40
C ILE C 47 -29.86 0.60 -24.86
N TYR C 48 -31.09 0.69 -24.36
CA TYR C 48 -32.16 -0.22 -24.71
C TYR C 48 -33.30 0.55 -25.35
N TYR C 49 -33.87 -0.01 -26.41
CA TYR C 49 -34.97 0.60 -27.16
C TYR C 49 -36.08 -0.42 -27.34
N PRO C 50 -37.28 -0.17 -26.84
CA PRO C 50 -38.41 -1.04 -27.21
C PRO C 50 -38.81 -0.85 -28.67
N SER C 51 -39.38 -1.91 -29.26
CA SER C 51 -39.83 -1.83 -30.65
C SER C 51 -41.09 -2.66 -30.79
N GLY C 52 -42.20 -2.00 -31.18
CA GLY C 52 -43.47 -2.70 -31.20
C GLY C 52 -43.96 -2.96 -29.79
N GLU C 53 -44.84 -3.95 -29.68
CA GLU C 53 -45.41 -4.30 -28.38
C GLU C 53 -44.79 -5.54 -27.76
N ASP C 54 -43.86 -6.20 -28.45
CA ASP C 54 -43.29 -7.41 -27.88
C ASP C 54 -41.81 -7.58 -28.17
N MET C 55 -41.10 -6.53 -28.61
CA MET C 55 -39.69 -6.63 -28.94
C MET C 55 -38.94 -5.40 -28.44
N GLY C 56 -37.62 -5.47 -28.55
CA GLY C 56 -36.76 -4.38 -28.13
C GLY C 56 -35.34 -4.83 -28.35
N TYR C 57 -34.45 -3.85 -28.44
CA TYR C 57 -33.07 -4.19 -28.74
C TYR C 57 -32.12 -3.29 -27.95
N MET C 58 -30.89 -3.78 -27.82
CA MET C 58 -29.77 -3.01 -27.27
C MET C 58 -28.97 -2.49 -28.45
N LEU C 59 -28.75 -1.18 -28.48
CA LEU C 59 -28.14 -0.52 -29.62
C LEU C 59 -26.68 -0.19 -29.30
N ASP C 60 -25.76 -0.70 -30.12
CA ASP C 60 -24.38 -0.22 -30.14
C ASP C 60 -24.41 1.20 -30.69
N THR C 61 -24.39 2.17 -29.78
CA THR C 61 -24.51 3.57 -30.18
C THR C 61 -23.36 4.01 -31.08
N GLY C 62 -22.18 3.40 -30.93
CA GLY C 62 -21.01 3.83 -31.68
C GLY C 62 -20.96 3.29 -33.09
N ASN C 63 -21.40 2.05 -33.27
CA ASN C 63 -21.42 1.39 -34.58
C ASN C 63 -22.81 1.36 -35.20
N LEU C 64 -23.80 1.97 -34.53
CA LEU C 64 -25.23 1.89 -34.87
C LEU C 64 -25.61 0.56 -35.52
N ASP C 65 -25.35 -0.52 -34.78
CA ASP C 65 -25.85 -1.83 -35.14
C ASP C 65 -26.35 -2.52 -33.87
N VAL C 66 -27.02 -3.65 -34.05
CA VAL C 66 -27.50 -4.48 -32.94
C VAL C 66 -26.65 -5.73 -32.90
N ARG C 67 -26.06 -5.99 -31.75
CA ARG C 67 -25.03 -7.00 -31.65
C ARG C 67 -25.41 -8.05 -30.60
N THR C 68 -25.05 -9.32 -30.85
CA THR C 68 -25.46 -10.34 -29.90
C THR C 68 -24.78 -10.15 -28.54
N GLU C 69 -23.58 -9.55 -28.52
CA GLU C 69 -22.96 -9.18 -27.25
C GLU C 69 -23.92 -8.34 -26.42
N GLY C 70 -24.35 -7.21 -26.97
CA GLY C 70 -25.25 -6.33 -26.23
C GLY C 70 -26.60 -6.95 -25.95
N MET C 71 -27.16 -7.68 -26.91
CA MET C 71 -28.44 -8.33 -26.67
C MET C 71 -28.34 -9.32 -25.51
N SER C 72 -27.28 -10.13 -25.50
CA SER C 72 -27.13 -11.10 -24.42
C SER C 72 -26.81 -10.41 -23.10
N TYR C 73 -26.04 -9.31 -23.13
CA TYR C 73 -25.83 -8.52 -21.92
C TYR C 73 -27.15 -7.98 -21.40
N GLY C 74 -27.99 -7.48 -22.30
CA GLY C 74 -29.27 -6.95 -21.88
C GLY C 74 -30.14 -8.00 -21.22
N MET C 75 -30.13 -9.21 -21.76
CA MET C 75 -30.91 -10.28 -21.13
C MET C 75 -30.34 -10.61 -19.75
N MET C 76 -29.00 -10.61 -19.62
CA MET C 76 -28.44 -10.91 -18.29
C MET C 76 -28.77 -9.81 -17.29
N MET C 77 -28.66 -8.54 -17.69
CA MET C 77 -29.09 -7.46 -16.79
C MET C 77 -30.56 -7.59 -16.43
N ALA C 78 -31.41 -7.93 -17.40
CA ALA C 78 -32.85 -7.98 -17.15
C ALA C 78 -33.21 -9.11 -16.18
N VAL C 79 -32.55 -10.26 -16.29
CA VAL C 79 -32.89 -11.34 -15.37
C VAL C 79 -32.27 -11.09 -13.99
N GLN C 80 -31.11 -10.44 -13.91
CA GLN C 80 -30.57 -10.12 -12.60
C GLN C 80 -31.42 -9.07 -11.89
N TYR C 81 -31.94 -8.11 -12.63
CA TYR C 81 -32.75 -7.02 -12.09
C TYR C 81 -34.25 -7.35 -12.04
N ASP C 82 -34.65 -8.54 -12.48
CA ASP C 82 -36.03 -9.03 -12.35
C ASP C 82 -37.01 -8.21 -13.19
N ARG C 83 -36.71 -8.07 -14.48
CA ARG C 83 -37.66 -7.46 -15.42
C ARG C 83 -37.83 -8.39 -16.61
N GLN C 84 -38.81 -9.27 -16.49
CA GLN C 84 -39.07 -10.26 -17.53
C GLN C 84 -39.56 -9.61 -18.82
N ASP C 85 -40.30 -8.49 -18.70
CA ASP C 85 -40.80 -7.83 -19.90
C ASP C 85 -39.65 -7.38 -20.80
N VAL C 86 -38.62 -6.74 -20.21
CA VAL C 86 -37.46 -6.35 -21.01
C VAL C 86 -36.74 -7.57 -21.55
N PHE C 87 -36.52 -8.57 -20.69
CA PHE C 87 -35.89 -9.82 -21.11
C PHE C 87 -36.60 -10.41 -22.33
N ASP C 88 -37.93 -10.54 -22.27
CA ASP C 88 -38.63 -11.20 -23.36
C ASP C 88 -38.61 -10.38 -24.64
N ARG C 89 -38.67 -9.06 -24.52
CA ARG C 89 -38.58 -8.22 -25.71
C ARG C 89 -37.24 -8.40 -26.42
N ILE C 90 -36.15 -8.39 -25.66
CA ILE C 90 -34.82 -8.57 -26.26
C ILE C 90 -34.71 -9.96 -26.89
N TRP C 91 -35.11 -10.99 -26.14
CA TRP C 91 -35.02 -12.35 -26.64
C TRP C 91 -35.89 -12.54 -27.89
N LYS C 92 -37.04 -11.86 -27.94
CA LYS C 92 -37.91 -12.00 -29.11
C LYS C 92 -37.25 -11.40 -30.35
N TRP C 93 -36.71 -10.18 -30.24
CA TRP C 93 -35.96 -9.60 -31.36
C TRP C 93 -34.84 -10.53 -31.79
N THR C 94 -34.16 -11.13 -30.83
CA THR C 94 -33.00 -11.97 -31.11
C THR C 94 -33.39 -13.18 -31.94
N VAL C 95 -34.45 -13.87 -31.54
CA VAL C 95 -34.85 -15.07 -32.28
C VAL C 95 -35.39 -14.70 -33.66
N THR C 96 -36.08 -13.56 -33.78
CA THR C 96 -36.75 -13.26 -35.03
C THR C 96 -35.78 -12.81 -36.11
N TYR C 97 -34.70 -12.12 -35.75
CA TYR C 97 -33.82 -11.49 -36.72
C TYR C 97 -32.41 -12.04 -36.70
N MET C 98 -31.94 -12.57 -35.57
CA MET C 98 -30.54 -12.96 -35.43
C MET C 98 -30.33 -14.48 -35.48
N TYR C 99 -31.30 -15.27 -35.07
CA TYR C 99 -31.13 -16.72 -35.10
C TYR C 99 -30.99 -17.21 -36.54
N MET C 100 -29.93 -17.98 -36.80
CA MET C 100 -29.60 -18.44 -38.15
C MET C 100 -30.13 -19.84 -38.40
N THR C 101 -30.88 -20.01 -39.49
CA THR C 101 -31.49 -21.28 -39.84
C THR C 101 -30.83 -21.98 -41.02
N GLU C 102 -29.78 -21.41 -41.61
CA GLU C 102 -29.16 -21.99 -42.79
C GLU C 102 -27.69 -21.60 -42.80
N GLY C 103 -26.94 -22.20 -43.71
CA GLY C 103 -25.53 -21.91 -43.85
C GLY C 103 -24.70 -22.72 -42.86
N ASP C 104 -23.38 -22.46 -42.90
CA ASP C 104 -22.46 -23.23 -42.06
C ASP C 104 -22.69 -22.98 -40.57
N ASN C 105 -23.24 -21.81 -40.21
CA ASN C 105 -23.42 -21.43 -38.81
C ASN C 105 -24.88 -21.55 -38.36
N ALA C 106 -25.67 -22.40 -39.00
CA ALA C 106 -27.05 -22.60 -38.58
C ALA C 106 -27.10 -23.14 -37.16
N GLY C 107 -28.02 -22.61 -36.36
CA GLY C 107 -28.09 -22.89 -34.96
C GLY C 107 -27.39 -21.85 -34.11
N TYR C 108 -26.53 -21.04 -34.71
CA TYR C 108 -25.92 -19.91 -34.02
C TYR C 108 -26.70 -18.63 -34.35
N PHE C 109 -26.33 -17.54 -33.67
CA PHE C 109 -26.96 -16.23 -33.85
C PHE C 109 -25.99 -15.31 -34.59
N ALA C 110 -26.48 -14.65 -35.64
CA ALA C 110 -25.65 -13.69 -36.36
C ALA C 110 -25.25 -12.56 -35.42
N TRP C 111 -23.94 -12.29 -35.33
CA TRP C 111 -23.48 -11.40 -34.27
C TRP C 111 -23.92 -9.96 -34.51
N SER C 112 -24.13 -9.55 -35.76
CA SER C 112 -24.36 -8.14 -36.07
C SER C 112 -25.55 -7.98 -37.00
N CYS C 113 -26.52 -7.18 -36.58
CA CYS C 113 -27.69 -6.84 -37.38
C CYS C 113 -27.91 -5.33 -37.33
N ALA C 114 -28.60 -4.83 -38.32
CA ALA C 114 -28.98 -3.43 -38.24
C ALA C 114 -30.24 -3.28 -37.39
N PRO C 115 -30.51 -2.08 -36.86
CA PRO C 115 -31.66 -1.92 -35.97
C PRO C 115 -32.98 -2.27 -36.62
N ASP C 116 -33.04 -2.26 -37.95
CA ASP C 116 -34.22 -2.74 -38.65
C ASP C 116 -34.34 -4.25 -38.68
N GLY C 117 -33.27 -4.97 -38.32
CA GLY C 117 -33.29 -6.42 -38.33
C GLY C 117 -32.58 -7.07 -39.51
N LYS C 118 -32.20 -6.32 -40.55
CA LYS C 118 -31.45 -6.92 -41.66
C LYS C 118 -30.08 -7.39 -41.19
N ARG C 119 -29.69 -8.58 -41.65
CA ARG C 119 -28.40 -9.17 -41.29
C ARG C 119 -27.25 -8.32 -41.79
N LEU C 120 -26.26 -8.12 -40.94
CA LEU C 120 -24.99 -7.53 -41.32
C LEU C 120 -23.88 -8.57 -41.37
N SER C 121 -24.18 -9.83 -41.05
CA SER C 121 -23.19 -10.87 -40.90
C SER C 121 -23.88 -12.21 -41.02
N ASN C 122 -23.07 -13.27 -41.22
CA ASN C 122 -23.60 -14.63 -41.17
C ASN C 122 -22.74 -15.52 -40.27
N GLY C 123 -22.06 -14.94 -39.30
CA GLY C 123 -21.32 -15.68 -38.31
C GLY C 123 -21.61 -15.18 -36.90
N PRO C 124 -21.32 -16.01 -35.90
CA PRO C 124 -21.70 -15.67 -34.52
C PRO C 124 -20.54 -15.09 -33.72
N ALA C 125 -20.83 -14.66 -32.51
CA ALA C 125 -19.79 -14.29 -31.55
C ALA C 125 -20.00 -15.17 -30.32
N PRO C 126 -19.05 -16.05 -29.98
CA PRO C 126 -19.28 -17.00 -28.90
C PRO C 126 -19.54 -16.36 -27.56
N ASP C 127 -19.06 -15.14 -27.32
CA ASP C 127 -19.35 -14.54 -26.01
C ASP C 127 -20.82 -14.20 -25.87
N GLY C 128 -21.49 -13.85 -26.98
CA GLY C 128 -22.93 -13.69 -26.92
C GLY C 128 -23.66 -14.98 -26.63
N GLU C 129 -23.25 -16.07 -27.30
CA GLU C 129 -23.92 -17.36 -27.09
C GLU C 129 -23.85 -17.80 -25.63
N GLU C 130 -22.69 -17.67 -24.99
CA GLU C 130 -22.59 -18.16 -23.62
C GLU C 130 -23.36 -17.28 -22.64
N TYR C 131 -23.47 -15.97 -22.92
CA TYR C 131 -24.35 -15.15 -22.10
C TYR C 131 -25.81 -15.46 -22.37
N PHE C 132 -26.19 -15.69 -23.63
CA PHE C 132 -27.57 -16.08 -23.94
C PHE C 132 -27.95 -17.32 -23.12
N ALA C 133 -27.05 -18.31 -23.12
CA ALA C 133 -27.34 -19.59 -22.50
C ALA C 133 -27.54 -19.44 -20.99
N LEU C 134 -26.61 -18.73 -20.32
CA LEU C 134 -26.77 -18.60 -18.87
C LEU C 134 -27.94 -17.70 -18.50
N ALA C 135 -28.15 -16.60 -19.25
CA ALA C 135 -29.30 -15.75 -18.98
C ALA C 135 -30.61 -16.52 -19.11
N LEU C 136 -30.73 -17.34 -20.16
CA LEU C 136 -31.93 -18.14 -20.38
C LEU C 136 -32.13 -19.17 -19.26
N LEU C 137 -31.04 -19.80 -18.80
CA LEU C 137 -31.17 -20.75 -17.69
C LEU C 137 -31.61 -20.03 -16.43
N PHE C 138 -31.02 -18.85 -16.15
CA PHE C 138 -31.47 -18.03 -15.04
C PHE C 138 -32.92 -17.62 -15.22
N ALA C 139 -33.32 -17.27 -16.46
CA ALA C 139 -34.72 -16.90 -16.67
C ALA C 139 -35.63 -18.08 -16.42
N SER C 140 -35.23 -19.27 -16.87
CA SER C 140 -36.00 -20.47 -16.59
C SER C 140 -36.14 -20.69 -15.08
N HIS C 141 -35.09 -20.40 -14.32
CA HIS C 141 -35.12 -20.66 -12.89
C HIS C 141 -35.88 -19.58 -12.11
N ARG C 142 -35.70 -18.30 -12.47
CA ARG C 142 -36.38 -17.25 -11.73
C ARG C 142 -37.87 -17.21 -12.04
N TRP C 143 -38.25 -17.41 -13.31
CA TRP C 143 -39.61 -17.13 -13.77
C TRP C 143 -40.34 -18.33 -14.31
N GLY C 144 -39.64 -19.36 -14.76
CA GLY C 144 -40.27 -20.52 -15.34
C GLY C 144 -40.39 -20.42 -16.85
N ASP C 145 -40.17 -21.55 -17.52
CA ASP C 145 -40.36 -21.61 -18.96
C ASP C 145 -41.79 -21.20 -19.32
N ARG C 146 -41.92 -20.51 -20.46
CA ARG C 146 -43.21 -20.28 -21.07
C ARG C 146 -43.20 -20.98 -22.42
N GLU C 147 -44.11 -20.62 -23.31
CA GLU C 147 -44.17 -21.31 -24.60
C GLU C 147 -43.17 -20.73 -25.59
N ALA C 148 -42.73 -21.57 -26.52
CA ALA C 148 -41.67 -21.20 -27.45
C ALA C 148 -42.02 -19.88 -28.16
N PRO C 149 -41.04 -19.02 -28.41
CA PRO C 149 -39.62 -19.26 -28.09
C PRO C 149 -39.21 -18.88 -26.67
N PHE C 150 -40.18 -18.67 -25.78
CA PHE C 150 -39.87 -18.35 -24.39
C PHE C 150 -39.83 -19.57 -23.51
N ASN C 151 -39.51 -20.73 -24.09
CA ASN C 151 -39.25 -21.95 -23.32
C ASN C 151 -37.76 -21.93 -22.95
N TYR C 152 -37.44 -21.07 -21.98
CA TYR C 152 -36.06 -20.58 -21.77
C TYR C 152 -35.06 -21.72 -21.59
N GLY C 153 -35.34 -22.64 -20.67
CA GLY C 153 -34.39 -23.71 -20.38
C GLY C 153 -34.13 -24.60 -21.57
N THR C 154 -35.17 -24.86 -22.37
CA THR C 154 -34.98 -25.65 -23.58
C THR C 154 -34.13 -24.90 -24.60
N GLN C 155 -34.43 -23.61 -24.81
CA GLN C 155 -33.60 -22.81 -25.72
C GLN C 155 -32.14 -22.82 -25.29
N ALA C 156 -31.89 -22.76 -23.97
CA ALA C 156 -30.52 -22.70 -23.47
C ALA C 156 -29.79 -24.03 -23.68
N ARG C 157 -30.44 -25.14 -23.32
CA ARG C 157 -29.80 -26.44 -23.49
C ARG C 157 -29.60 -26.76 -24.97
N ASP C 158 -30.56 -26.41 -25.83
CA ASP C 158 -30.37 -26.62 -27.26
C ASP C 158 -29.22 -25.79 -27.79
N LEU C 159 -29.13 -24.53 -27.36
CA LEU C 159 -28.01 -23.69 -27.77
C LEU C 159 -26.69 -24.31 -27.33
N LEU C 160 -26.58 -24.70 -26.06
CA LEU C 160 -25.34 -25.26 -25.53
C LEU C 160 -24.96 -26.55 -26.25
N ARG C 161 -25.95 -27.33 -26.68
CA ARG C 161 -25.67 -28.54 -27.44
C ARG C 161 -25.03 -28.20 -28.78
N THR C 162 -25.60 -27.23 -29.50
CA THR C 162 -24.98 -26.75 -30.74
C THR C 162 -23.54 -26.31 -30.51
N CYS C 163 -23.29 -25.56 -29.43
CA CYS C 163 -21.96 -25.00 -29.18
C CYS C 163 -20.88 -26.07 -29.09
N LEU C 164 -21.25 -27.27 -28.66
CA LEU C 164 -20.28 -28.34 -28.50
C LEU C 164 -20.26 -29.31 -29.67
N HIS C 165 -21.41 -29.54 -30.30
CA HIS C 165 -21.56 -30.67 -31.21
C HIS C 165 -21.67 -30.29 -32.68
N LYS C 166 -21.78 -29.01 -33.01
CA LYS C 166 -21.86 -28.61 -34.41
C LYS C 166 -20.65 -29.14 -35.18
N GLY C 167 -20.90 -29.58 -36.41
CA GLY C 167 -19.87 -30.13 -37.23
C GLY C 167 -19.68 -31.62 -37.10
N GLU C 168 -20.32 -32.25 -36.10
CA GLU C 168 -20.21 -33.69 -35.93
C GLU C 168 -20.81 -34.42 -37.12
N ASP C 169 -22.01 -34.02 -37.54
CA ASP C 169 -22.72 -34.61 -38.68
C ASP C 169 -23.21 -33.51 -39.61
N GLY C 170 -22.32 -32.59 -39.96
CA GLY C 170 -22.65 -31.48 -40.82
C GLY C 170 -21.42 -30.70 -41.20
N PRO C 171 -21.59 -29.68 -42.04
CA PRO C 171 -20.44 -28.84 -42.41
C PRO C 171 -20.35 -27.54 -41.61
N GLY C 172 -19.97 -27.64 -40.34
CA GLY C 172 -19.70 -26.47 -39.52
C GLY C 172 -18.66 -26.74 -38.45
N TYR C 173 -18.52 -25.83 -37.48
CA TYR C 173 -17.54 -26.00 -36.40
C TYR C 173 -18.13 -25.65 -35.04
N PRO C 174 -17.72 -26.35 -33.99
CA PRO C 174 -18.21 -26.00 -32.65
C PRO C 174 -17.47 -24.80 -32.09
N MET C 175 -18.02 -24.24 -31.02
CA MET C 175 -17.49 -23.02 -30.42
C MET C 175 -16.43 -23.30 -29.38
N TRP C 176 -16.33 -24.54 -28.90
CA TRP C 176 -15.29 -24.98 -27.98
C TRP C 176 -14.44 -26.01 -28.69
N ASN C 177 -13.13 -25.85 -28.57
CA ASN C 177 -12.22 -26.86 -29.11
C ASN C 177 -12.36 -28.14 -28.30
N PRO C 178 -12.57 -29.29 -28.95
CA PRO C 178 -12.83 -30.52 -28.17
C PRO C 178 -11.59 -31.09 -27.51
N ASP C 179 -10.39 -30.69 -27.95
CA ASP C 179 -9.15 -31.23 -27.40
C ASP C 179 -8.69 -30.49 -26.15
N ASN C 180 -8.64 -29.15 -26.19
CA ASN C 180 -8.17 -28.38 -25.04
C ASN C 180 -9.32 -27.79 -24.22
N LYS C 181 -10.57 -28.02 -24.65
CA LYS C 181 -11.77 -27.59 -23.93
C LYS C 181 -11.85 -26.06 -23.76
N LEU C 182 -11.22 -25.30 -24.64
CA LEU C 182 -11.24 -23.85 -24.58
C LEU C 182 -12.21 -23.27 -25.60
N ILE C 183 -12.95 -22.25 -25.18
CA ILE C 183 -13.80 -21.50 -26.10
C ILE C 183 -12.92 -20.82 -27.15
N LYS C 184 -13.43 -20.76 -28.39
CA LYS C 184 -12.71 -20.14 -29.49
C LYS C 184 -13.21 -18.73 -29.76
N PHE C 185 -12.40 -17.98 -30.50
CA PHE C 185 -12.82 -16.62 -30.87
C PHE C 185 -14.04 -16.65 -31.78
N VAL C 186 -14.01 -17.49 -32.82
CA VAL C 186 -15.20 -17.85 -33.60
C VAL C 186 -15.13 -19.33 -33.94
N PRO C 187 -16.26 -19.94 -34.30
CA PRO C 187 -16.24 -21.38 -34.58
C PRO C 187 -15.15 -21.80 -35.54
N ASN C 188 -14.85 -20.97 -36.53
CA ASN C 188 -13.96 -21.37 -37.61
C ASN C 188 -12.51 -20.98 -37.37
N CYS C 189 -12.15 -20.57 -36.14
CA CYS C 189 -10.78 -20.18 -35.87
C CYS C 189 -10.25 -20.92 -34.66
N GLU C 190 -8.98 -21.32 -34.75
CA GLU C 190 -8.27 -22.03 -33.69
C GLU C 190 -7.40 -21.09 -32.86
N PHE C 191 -8.02 -20.01 -32.40
CA PHE C 191 -7.44 -19.19 -31.33
C PHE C 191 -8.60 -18.65 -30.49
N SER C 192 -8.28 -17.85 -29.48
CA SER C 192 -9.33 -17.48 -28.54
C SER C 192 -9.22 -16.00 -28.19
N ASP C 193 -10.07 -15.60 -27.25
CA ASP C 193 -10.20 -14.23 -26.78
C ASP C 193 -10.29 -14.34 -25.27
N PRO C 194 -9.27 -13.93 -24.51
CA PRO C 194 -9.27 -14.21 -23.06
C PRO C 194 -10.52 -13.75 -22.32
N SER C 195 -11.09 -12.60 -22.71
CA SER C 195 -12.31 -12.11 -22.06
C SER C 195 -13.54 -12.98 -22.31
N TYR C 196 -13.51 -13.89 -23.30
CA TYR C 196 -14.61 -14.84 -23.49
C TYR C 196 -14.59 -15.96 -22.46
N HIS C 197 -13.52 -16.14 -21.70
CA HIS C 197 -13.36 -17.29 -20.81
C HIS C 197 -14.11 -17.04 -19.51
N LEU C 198 -15.20 -17.78 -19.31
CA LEU C 198 -16.11 -17.61 -18.18
C LEU C 198 -16.20 -18.92 -17.43
N PRO C 199 -15.14 -19.32 -16.71
CA PRO C 199 -15.18 -20.62 -16.01
C PRO C 199 -16.33 -20.70 -15.04
N HIS C 200 -16.74 -19.56 -14.47
CA HIS C 200 -17.89 -19.57 -13.57
C HIS C 200 -19.19 -19.89 -14.32
N PHE C 201 -19.30 -19.50 -15.58
CA PHE C 201 -20.46 -19.92 -16.37
C PHE C 201 -20.41 -21.43 -16.65
N TYR C 202 -19.21 -21.95 -16.96
CA TYR C 202 -19.14 -23.37 -17.36
C TYR C 202 -19.40 -24.28 -16.17
N GLU C 203 -19.05 -23.85 -14.96
CA GLU C 203 -19.42 -24.59 -13.76
C GLU C 203 -20.93 -24.80 -13.71
N LEU C 204 -21.69 -23.80 -14.11
CA LEU C 204 -23.15 -23.90 -14.09
C LEU C 204 -23.67 -24.70 -15.28
N PHE C 205 -23.02 -24.58 -16.45
CA PHE C 205 -23.40 -25.44 -17.56
C PHE C 205 -23.19 -26.91 -17.19
N ALA C 206 -22.12 -27.20 -16.43
CA ALA C 206 -21.84 -28.55 -15.96
C ALA C 206 -22.91 -29.11 -15.02
N LEU C 207 -23.81 -28.25 -14.53
CA LEU C 207 -24.97 -28.70 -13.77
C LEU C 207 -26.25 -28.73 -14.58
N TRP C 208 -26.40 -27.87 -15.59
CA TRP C 208 -27.71 -27.64 -16.20
C TRP C 208 -27.78 -27.86 -17.70
N ALA C 209 -26.67 -28.16 -18.37
CA ALA C 209 -26.74 -28.54 -19.77
C ALA C 209 -27.39 -29.92 -19.89
N TYR C 210 -27.62 -30.37 -21.12
CA TYR C 210 -28.00 -31.76 -21.33
C TYR C 210 -26.99 -32.67 -20.64
N PRO C 211 -27.45 -33.74 -19.98
CA PRO C 211 -26.55 -34.51 -19.10
C PRO C 211 -25.27 -35.00 -19.77
N GLU C 212 -25.34 -35.39 -21.05
CA GLU C 212 -24.16 -35.95 -21.71
C GLU C 212 -23.01 -34.95 -21.85
N ASP C 213 -23.31 -33.65 -21.84
CA ASP C 213 -22.28 -32.64 -22.03
C ASP C 213 -21.70 -32.09 -20.74
N ARG C 214 -22.25 -32.50 -19.58
CA ARG C 214 -21.85 -31.86 -18.32
C ARG C 214 -20.41 -32.17 -17.95
N ALA C 215 -19.91 -33.37 -18.27
CA ALA C 215 -18.49 -33.63 -18.03
C ALA C 215 -17.61 -32.67 -18.81
N PHE C 216 -17.93 -32.43 -20.09
CA PHE C 216 -17.15 -31.49 -20.88
C PHE C 216 -17.13 -30.10 -20.23
N TRP C 217 -18.30 -29.62 -19.79
CA TRP C 217 -18.38 -28.27 -19.24
C TRP C 217 -17.56 -28.16 -17.97
N LYS C 218 -17.59 -29.20 -17.14
CA LYS C 218 -16.75 -29.19 -15.94
C LYS C 218 -15.28 -29.09 -16.30
N GLU C 219 -14.85 -29.79 -17.37
CA GLU C 219 -13.45 -29.74 -17.79
C GLU C 219 -13.14 -28.40 -18.45
N ALA C 220 -14.13 -27.78 -19.09
CA ALA C 220 -13.93 -26.44 -19.66
C ALA C 220 -13.73 -25.40 -18.57
N ALA C 221 -14.43 -25.55 -17.45
CA ALA C 221 -14.26 -24.64 -16.32
C ALA C 221 -12.81 -24.68 -15.81
N GLU C 222 -12.28 -25.87 -15.57
CA GLU C 222 -10.90 -25.92 -15.08
C GLU C 222 -9.91 -25.54 -16.18
N ALA C 223 -10.17 -25.91 -17.43
CA ALA C 223 -9.26 -25.53 -18.51
C ALA C 223 -9.19 -24.02 -18.68
N SER C 224 -10.32 -23.33 -18.58
CA SER C 224 -10.31 -21.90 -18.75
C SER C 224 -9.62 -21.20 -17.59
N ARG C 225 -9.77 -21.72 -16.37
CA ARG C 225 -9.08 -21.11 -15.24
C ARG C 225 -7.57 -21.21 -15.43
N GLN C 226 -7.09 -22.38 -15.84
CA GLN C 226 -5.66 -22.54 -16.09
C GLN C 226 -5.20 -21.68 -17.26
N TYR C 227 -6.04 -21.56 -18.29
CA TYR C 227 -5.64 -20.81 -19.47
C TYR C 227 -5.38 -19.36 -19.15
N LEU C 228 -6.19 -18.77 -18.27
CA LEU C 228 -6.00 -17.37 -17.94
C LEU C 228 -4.64 -17.12 -17.29
N HIS C 229 -4.04 -18.14 -16.65
CA HIS C 229 -2.67 -18.02 -16.16
C HIS C 229 -1.69 -17.72 -17.28
N LEU C 230 -1.95 -18.28 -18.47
CA LEU C 230 -1.07 -18.07 -19.62
C LEU C 230 -1.33 -16.72 -20.28
N ALA C 231 -2.59 -16.31 -20.35
CA ALA C 231 -2.92 -15.12 -21.13
C ALA C 231 -2.59 -13.84 -20.39
N CYS C 232 -2.66 -13.83 -19.06
CA CYS C 232 -2.41 -12.61 -18.30
C CYS C 232 -0.91 -12.41 -18.09
N HIS C 233 -0.44 -11.20 -18.36
CA HIS C 233 0.99 -10.90 -18.24
C HIS C 233 1.42 -11.10 -16.78
N PRO C 234 2.59 -11.70 -16.55
CA PRO C 234 2.97 -12.06 -15.18
C PRO C 234 3.31 -10.89 -14.29
N VAL C 235 3.56 -9.71 -14.84
CA VAL C 235 3.85 -8.52 -14.04
C VAL C 235 2.64 -7.61 -13.91
N THR C 236 2.00 -7.28 -15.04
CA THR C 236 0.91 -6.31 -15.08
C THR C 236 -0.46 -6.94 -14.86
N GLY C 237 -0.58 -8.25 -15.09
CA GLY C 237 -1.88 -8.87 -15.09
C GLY C 237 -2.71 -8.66 -16.34
N LEU C 238 -2.22 -7.85 -17.29
CA LEU C 238 -3.01 -7.49 -18.46
C LEU C 238 -3.07 -8.63 -19.46
N ALA C 239 -4.29 -8.86 -20.00
CA ALA C 239 -4.43 -9.86 -21.06
C ALA C 239 -4.61 -9.19 -22.42
N PRO C 240 -4.20 -9.88 -23.49
CA PRO C 240 -4.48 -9.36 -24.84
C PRO C 240 -5.94 -9.57 -25.21
N GLU C 241 -6.41 -8.76 -26.18
CA GLU C 241 -7.77 -8.94 -26.68
C GLU C 241 -7.96 -10.31 -27.33
N TYR C 242 -7.06 -10.69 -28.24
CA TYR C 242 -7.03 -12.03 -28.82
C TYR C 242 -5.72 -12.74 -28.48
N ALA C 243 -5.79 -14.06 -28.32
CA ALA C 243 -4.60 -14.83 -28.00
C ALA C 243 -4.70 -16.22 -28.58
N TYR C 244 -3.54 -16.84 -28.75
CA TYR C 244 -3.47 -18.24 -29.15
C TYR C 244 -3.72 -19.13 -27.94
N TYR C 245 -3.84 -20.43 -28.22
CA TYR C 245 -4.13 -21.41 -27.16
C TYR C 245 -3.03 -21.46 -26.11
N ASP C 246 -1.81 -21.04 -26.46
CA ASP C 246 -0.73 -21.00 -25.47
C ASP C 246 -0.66 -19.67 -24.72
N GLY C 247 -1.64 -18.79 -24.89
CA GLY C 247 -1.69 -17.55 -24.17
C GLY C 247 -0.98 -16.38 -24.82
N THR C 248 -0.10 -16.63 -25.78
CA THR C 248 0.62 -15.53 -26.40
C THR C 248 -0.33 -14.70 -27.26
N PRO C 249 -0.10 -13.38 -27.32
CA PRO C 249 -1.04 -12.50 -28.03
C PRO C 249 -1.10 -12.78 -29.52
N ASN C 250 -2.31 -12.72 -30.06
CA ASN C 250 -2.55 -12.82 -31.50
C ASN C 250 -2.71 -11.41 -32.03
N ASN C 251 -1.64 -10.86 -32.58
CA ASN C 251 -1.69 -9.52 -33.18
C ASN C 251 -1.73 -9.59 -34.70
N GLU C 252 -2.46 -10.57 -35.24
CA GLU C 252 -2.71 -10.62 -36.68
C GLU C 252 -3.30 -9.29 -37.20
N ARG C 253 -4.28 -8.72 -36.49
CA ARG C 253 -5.08 -7.59 -36.94
C ARG C 253 -5.16 -6.51 -35.87
N GLY C 254 -4.13 -6.36 -35.04
CA GLY C 254 -4.13 -5.29 -34.05
C GLY C 254 -4.75 -5.65 -32.72
N TYR C 255 -5.21 -6.88 -32.54
CA TYR C 255 -5.90 -7.27 -31.32
C TYR C 255 -4.96 -7.89 -30.29
N GLY C 256 -3.66 -7.73 -30.46
CA GLY C 256 -2.72 -8.33 -29.54
C GLY C 256 -2.43 -7.57 -28.27
N HIS C 257 -3.16 -6.48 -27.96
CA HIS C 257 -2.81 -5.57 -26.87
C HIS C 257 -3.98 -5.45 -25.89
N PHE C 258 -3.78 -4.66 -24.83
CA PHE C 258 -4.81 -4.46 -23.81
C PHE C 258 -5.72 -3.32 -24.27
N PHE C 259 -6.94 -3.69 -24.68
CA PHE C 259 -7.91 -2.75 -25.22
C PHE C 259 -9.30 -3.27 -24.87
N SER C 260 -10.32 -2.62 -25.43
CA SER C 260 -11.72 -2.79 -25.02
C SER C 260 -12.14 -4.20 -24.60
N ASP C 261 -11.92 -5.20 -25.45
CA ASP C 261 -12.34 -6.56 -25.12
C ASP C 261 -11.72 -7.03 -23.81
N ALA C 262 -10.42 -6.80 -23.65
CA ALA C 262 -9.68 -7.39 -22.55
C ALA C 262 -10.05 -6.80 -21.21
N TYR C 263 -10.69 -5.63 -21.17
CA TYR C 263 -11.10 -5.05 -19.90
C TYR C 263 -11.94 -6.05 -19.11
N ARG C 264 -12.68 -6.91 -19.81
CA ARG C 264 -13.60 -7.78 -19.11
C ARG C 264 -12.90 -8.87 -18.32
N VAL C 265 -11.62 -9.14 -18.60
CA VAL C 265 -10.93 -10.23 -17.90
C VAL C 265 -10.96 -9.99 -16.39
N ALA C 266 -10.59 -8.78 -15.97
CA ALA C 266 -10.54 -8.47 -14.54
C ALA C 266 -11.91 -8.66 -13.89
N ALA C 267 -12.97 -8.22 -14.56
CA ALA C 267 -14.31 -8.37 -14.03
C ALA C 267 -14.71 -9.84 -13.92
N ASN C 268 -14.35 -10.63 -14.94
CA ASN C 268 -14.64 -12.06 -14.92
C ASN C 268 -13.94 -12.76 -13.76
N LEU C 269 -12.68 -12.40 -13.49
CA LEU C 269 -11.97 -12.99 -12.36
C LEU C 269 -12.64 -12.64 -11.04
N GLY C 270 -13.06 -11.38 -10.90
CA GLY C 270 -13.80 -10.97 -9.71
C GLY C 270 -15.08 -11.77 -9.55
N LEU C 271 -15.82 -11.99 -10.65
CA LEU C 271 -17.10 -12.69 -10.51
C LEU C 271 -16.89 -14.18 -10.27
N ASP C 272 -15.94 -14.80 -10.96
CA ASP C 272 -15.63 -16.20 -10.68
C ASP C 272 -15.20 -16.39 -9.24
N TRP C 273 -14.33 -15.50 -8.74
CA TRP C 273 -13.89 -15.64 -7.35
C TRP C 273 -15.06 -15.52 -6.40
N GLU C 274 -15.93 -14.53 -6.61
CA GLU C 274 -17.08 -14.38 -5.72
C GLU C 274 -18.01 -15.59 -5.81
N TRP C 275 -18.23 -16.12 -7.01
CA TRP C 275 -19.20 -17.21 -7.16
C TRP C 275 -18.64 -18.56 -6.74
N PHE C 276 -17.35 -18.80 -6.96
CA PHE C 276 -16.80 -20.14 -6.77
C PHE C 276 -15.52 -20.17 -5.93
N ALA C 277 -14.81 -19.06 -5.78
CA ALA C 277 -13.62 -18.97 -4.94
C ALA C 277 -12.70 -20.17 -5.18
N ALA C 278 -12.48 -20.47 -6.47
CA ALA C 278 -11.89 -21.73 -6.89
C ALA C 278 -10.39 -21.67 -7.14
N ASP C 279 -9.85 -20.52 -7.52
CA ASP C 279 -8.44 -20.42 -7.92
C ASP C 279 -7.84 -19.20 -7.26
N PRO C 280 -7.05 -19.38 -6.22
CA PRO C 280 -6.45 -18.23 -5.51
C PRO C 280 -5.56 -17.37 -6.39
N TRP C 281 -5.05 -17.91 -7.50
CA TRP C 281 -4.27 -17.11 -8.44
C TRP C 281 -5.06 -15.90 -8.92
N GLN C 282 -6.38 -16.03 -9.03
CA GLN C 282 -7.20 -14.90 -9.48
C GLN C 282 -7.00 -13.66 -8.61
N ARG C 283 -6.86 -13.83 -7.29
CA ARG C 283 -6.62 -12.68 -6.43
C ARG C 283 -5.28 -12.02 -6.74
N GLU C 284 -4.25 -12.82 -7.03
CA GLU C 284 -2.96 -12.25 -7.40
C GLU C 284 -3.06 -11.51 -8.73
N ALA C 285 -3.78 -12.06 -9.70
CA ALA C 285 -3.89 -11.39 -11.00
C ALA C 285 -4.65 -10.08 -10.89
N VAL C 286 -5.76 -10.07 -10.14
CA VAL C 286 -6.49 -8.82 -9.97
C VAL C 286 -5.63 -7.80 -9.22
N GLY C 287 -4.85 -8.28 -8.24
CA GLY C 287 -3.90 -7.41 -7.58
C GLY C 287 -2.95 -6.74 -8.55
N LYS C 288 -2.49 -7.48 -9.56
CA LYS C 288 -1.54 -6.91 -10.51
C LYS C 288 -2.20 -5.87 -11.41
N ILE C 289 -3.43 -6.14 -11.86
CA ILE C 289 -4.15 -5.20 -12.73
C ILE C 289 -4.45 -3.92 -11.98
N GLN C 290 -4.95 -4.04 -10.74
CA GLN C 290 -5.28 -2.84 -9.98
C GLN C 290 -4.03 -2.03 -9.64
N ALA C 291 -2.91 -2.70 -9.38
CA ALA C 291 -1.66 -1.98 -9.16
C ALA C 291 -1.23 -1.24 -10.42
N PHE C 292 -1.41 -1.85 -11.59
CA PHE C 292 -1.04 -1.18 -12.82
C PHE C 292 -1.84 0.10 -13.02
N PHE C 293 -3.14 0.06 -12.74
CA PHE C 293 -3.99 1.21 -12.99
C PHE C 293 -4.06 2.17 -11.81
N ALA C 294 -3.39 1.84 -10.70
CA ALA C 294 -3.41 2.72 -9.53
C ALA C 294 -2.79 4.08 -9.84
N ASP C 295 -1.68 4.10 -10.57
CA ASP C 295 -1.02 5.37 -10.89
C ASP C 295 -1.51 5.98 -12.20
N LYS C 296 -2.80 5.83 -12.53
CA LYS C 296 -3.26 6.25 -13.83
C LYS C 296 -4.59 7.00 -13.73
N GLU C 297 -4.69 8.09 -14.51
CA GLU C 297 -5.91 8.88 -14.61
C GLU C 297 -6.81 8.31 -15.70
N PRO C 298 -8.08 8.08 -15.39
CA PRO C 298 -9.01 7.60 -16.42
C PRO C 298 -9.06 8.48 -17.65
N GLU C 299 -8.98 9.82 -17.47
CA GLU C 299 -9.01 10.73 -18.60
C GLU C 299 -7.82 10.55 -19.53
N ASP C 300 -6.79 9.80 -19.11
CA ASP C 300 -5.61 9.56 -19.93
C ASP C 300 -5.37 8.08 -20.23
N TYR C 301 -6.33 7.20 -19.95
CA TYR C 301 -6.16 5.79 -20.29
C TYR C 301 -5.84 5.64 -21.77
N ARG C 302 -4.95 4.71 -22.09
CA ARG C 302 -4.51 4.44 -23.45
C ARG C 302 -4.75 2.98 -23.80
N ARG C 303 -4.49 2.65 -25.06
CA ARG C 303 -4.12 1.28 -25.38
C ARG C 303 -2.73 1.01 -24.79
N TYR C 304 -2.55 -0.18 -24.23
CA TYR C 304 -1.25 -0.59 -23.70
C TYR C 304 -0.88 -1.95 -24.26
N THR C 305 0.41 -2.21 -24.44
CA THR C 305 0.81 -3.61 -24.61
C THR C 305 0.60 -4.35 -23.31
N ILE C 306 0.56 -5.69 -23.38
CA ILE C 306 0.28 -6.42 -22.15
C ILE C 306 1.39 -6.25 -21.14
N SER C 307 2.59 -5.87 -21.58
CA SER C 307 3.66 -5.55 -20.63
C SER C 307 3.52 -4.14 -20.07
N GLY C 308 2.53 -3.38 -20.54
CA GLY C 308 2.21 -2.09 -19.97
C GLY C 308 2.70 -0.87 -20.73
N GLU C 309 3.31 -1.05 -21.90
CA GLU C 309 3.80 0.11 -22.64
C GLU C 309 2.63 0.85 -23.27
N PRO C 310 2.54 2.17 -23.11
CA PRO C 310 1.39 2.90 -23.64
C PRO C 310 1.56 3.20 -25.13
N PHE C 311 0.45 3.14 -25.85
CA PHE C 311 0.36 3.71 -27.18
C PHE C 311 -0.04 5.17 -27.07
N GLU C 312 0.01 5.87 -28.21
CA GLU C 312 -0.56 7.21 -28.27
C GLU C 312 -2.08 7.16 -28.17
N GLU C 313 -2.68 6.13 -28.76
CA GLU C 313 -4.12 6.05 -28.91
C GLU C 313 -4.81 5.96 -27.54
N PRO C 314 -5.79 6.81 -27.27
CA PRO C 314 -6.50 6.73 -25.99
C PRO C 314 -7.45 5.54 -25.97
N ALA C 315 -7.81 5.13 -24.76
CA ALA C 315 -8.85 4.14 -24.57
C ALA C 315 -10.16 4.63 -25.17
N LEU C 316 -10.81 3.77 -25.96
CA LEU C 316 -12.14 4.14 -26.48
C LEU C 316 -13.20 4.14 -25.37
N HIS C 317 -13.06 3.26 -24.39
CA HIS C 317 -14.08 3.08 -23.35
C HIS C 317 -13.46 3.15 -21.96
N PRO C 318 -12.99 4.33 -21.56
CA PRO C 318 -12.36 4.45 -20.23
C PRO C 318 -13.30 4.23 -19.06
N VAL C 319 -14.59 4.54 -19.21
CA VAL C 319 -15.53 4.26 -18.12
C VAL C 319 -15.72 2.75 -17.98
N GLY C 320 -15.82 2.05 -19.10
CA GLY C 320 -15.85 0.59 -19.06
C GLY C 320 -14.62 0.02 -18.38
N LEU C 321 -13.45 0.59 -18.66
CA LEU C 321 -12.22 0.10 -18.05
C LEU C 321 -12.27 0.28 -16.54
N LEU C 322 -12.64 1.48 -16.07
CA LEU C 322 -12.65 1.67 -14.62
C LEU C 322 -13.76 0.86 -13.96
N ALA C 323 -14.87 0.61 -14.66
CA ALA C 323 -15.91 -0.23 -14.08
C ALA C 323 -15.43 -1.67 -13.92
N THR C 324 -14.69 -2.21 -14.89
CA THR C 324 -14.21 -3.58 -14.74
C THR C 324 -13.16 -3.70 -13.65
N ASN C 325 -12.32 -2.68 -13.50
CA ASN C 325 -11.33 -2.74 -12.43
C ASN C 325 -12.00 -2.66 -11.07
N ALA C 326 -13.12 -1.94 -10.98
CA ALA C 326 -13.87 -1.91 -9.74
C ALA C 326 -14.53 -3.26 -9.46
N MET C 327 -15.16 -3.87 -10.48
CA MET C 327 -15.79 -5.17 -10.28
C MET C 327 -14.78 -6.22 -9.86
N ALA C 328 -13.53 -6.08 -10.32
CA ALA C 328 -12.47 -7.01 -9.93
C ALA C 328 -12.18 -6.99 -8.43
N SER C 329 -12.57 -5.93 -7.72
CA SER C 329 -12.33 -5.86 -6.28
C SER C 329 -13.03 -6.99 -5.51
N LEU C 330 -14.01 -7.66 -6.12
CA LEU C 330 -14.54 -8.89 -5.52
C LEU C 330 -13.46 -9.94 -5.30
N ALA C 331 -12.34 -9.86 -6.01
CA ALA C 331 -11.23 -10.78 -5.81
C ALA C 331 -10.00 -10.10 -5.20
N ALA C 332 -10.17 -8.95 -4.55
CA ALA C 332 -9.05 -8.18 -4.05
C ALA C 332 -9.34 -7.66 -2.65
N ASP C 333 -8.29 -7.14 -2.01
CA ASP C 333 -8.43 -6.54 -0.68
C ASP C 333 -7.29 -5.55 -0.50
N GLY C 334 -7.51 -4.58 0.38
CA GLY C 334 -6.52 -3.56 0.62
C GLY C 334 -6.92 -2.22 0.06
N PRO C 335 -6.04 -1.23 0.18
CA PRO C 335 -6.39 0.14 -0.23
C PRO C 335 -6.58 0.31 -1.73
N GLN C 336 -5.85 -0.43 -2.57
CA GLN C 336 -6.04 -0.25 -4.00
C GLN C 336 -7.39 -0.79 -4.46
N ALA C 337 -7.87 -1.87 -3.81
CA ALA C 337 -9.19 -2.38 -4.14
C ALA C 337 -10.28 -1.39 -3.76
N LYS C 338 -10.15 -0.77 -2.59
CA LYS C 338 -11.11 0.26 -2.19
C LYS C 338 -11.02 1.49 -3.07
N ALA C 339 -9.82 1.84 -3.54
CA ALA C 339 -9.68 2.99 -4.40
C ALA C 339 -10.35 2.77 -5.76
N CYS C 340 -10.16 1.58 -6.35
CA CYS C 340 -10.83 1.28 -7.61
C CYS C 340 -12.35 1.40 -7.48
N VAL C 341 -12.88 0.97 -6.34
CA VAL C 341 -14.32 1.04 -6.15
C VAL C 341 -14.78 2.48 -5.93
N ASP C 342 -14.00 3.28 -5.18
CA ASP C 342 -14.38 4.67 -4.95
C ASP C 342 -14.35 5.48 -6.24
N LEU C 343 -13.37 5.25 -7.11
CA LEU C 343 -13.38 5.91 -8.40
C LEU C 343 -14.66 5.56 -9.15
N PHE C 344 -15.00 4.27 -9.21
CA PHE C 344 -16.22 3.87 -9.91
C PHE C 344 -17.46 4.49 -9.27
N TRP C 345 -17.54 4.48 -7.93
CA TRP C 345 -18.69 5.05 -7.26
C TRP C 345 -18.87 6.51 -7.65
N ASN C 346 -17.78 7.24 -7.85
CA ASN C 346 -17.83 8.66 -8.19
C ASN C 346 -17.79 8.92 -9.69
N THR C 347 -18.14 7.94 -10.51
CA THR C 347 -18.13 8.06 -11.97
C THR C 347 -19.54 7.92 -12.47
N PRO C 348 -20.09 8.91 -13.17
CA PRO C 348 -21.47 8.78 -13.69
C PRO C 348 -21.49 7.92 -14.94
N VAL C 349 -22.68 7.37 -15.25
CA VAL C 349 -22.83 6.61 -16.49
C VAL C 349 -22.44 7.48 -17.68
N ARG C 350 -21.99 6.83 -18.74
CA ARG C 350 -21.48 7.58 -19.87
C ARG C 350 -22.62 8.10 -20.74
N THR C 351 -22.39 9.26 -21.35
CA THR C 351 -23.29 9.84 -22.35
C THR C 351 -22.53 10.03 -23.66
N GLY C 352 -23.26 10.38 -24.71
CA GLY C 352 -22.63 10.55 -26.00
C GLY C 352 -22.66 9.30 -26.83
N LYS C 353 -21.98 9.37 -27.98
CA LYS C 353 -22.12 8.35 -29.01
C LYS C 353 -21.39 7.05 -28.70
N ARG C 354 -20.41 7.05 -27.80
CA ARG C 354 -19.62 5.85 -27.52
C ARG C 354 -20.02 5.16 -26.22
N ARG C 355 -21.20 5.47 -25.70
CA ARG C 355 -21.59 5.10 -24.33
C ARG C 355 -21.99 3.64 -24.15
N TYR C 356 -22.27 2.91 -25.25
CA TYR C 356 -22.93 1.61 -25.12
C TYR C 356 -22.05 0.60 -24.39
N TYR C 357 -20.80 0.43 -24.82
CA TYR C 357 -19.94 -0.58 -24.19
C TYR C 357 -19.60 -0.19 -22.76
N ASP C 358 -19.29 1.09 -22.53
CA ASP C 358 -19.05 1.58 -21.17
C ASP C 358 -20.24 1.30 -20.25
N ASN C 359 -21.45 1.59 -20.72
CA ASN C 359 -22.61 1.53 -19.83
C ASN C 359 -23.01 0.10 -19.51
N CYS C 360 -22.83 -0.84 -20.45
CA CYS C 360 -23.04 -2.25 -20.14
C CYS C 360 -22.11 -2.70 -19.02
N LEU C 361 -20.81 -2.40 -19.15
CA LEU C 361 -19.85 -2.79 -18.15
C LEU C 361 -20.13 -2.10 -16.82
N TYR C 362 -20.58 -0.85 -16.89
CA TYR C 362 -20.91 -0.09 -15.69
C TYR C 362 -22.03 -0.76 -14.89
N LEU C 363 -23.10 -1.17 -15.57
CA LEU C 363 -24.21 -1.78 -14.84
C LEU C 363 -23.81 -3.15 -14.29
N PHE C 364 -23.04 -3.93 -15.06
CA PHE C 364 -22.56 -5.21 -14.56
C PHE C 364 -21.78 -5.02 -13.26
N ALA C 365 -20.87 -4.04 -13.25
CA ALA C 365 -20.07 -3.78 -12.05
C ALA C 365 -20.95 -3.39 -10.88
N LEU C 366 -21.93 -2.50 -11.11
CA LEU C 366 -22.80 -2.06 -10.03
C LEU C 366 -23.64 -3.21 -9.48
N LEU C 367 -24.17 -4.06 -10.37
CA LEU C 367 -24.87 -5.25 -9.92
C LEU C 367 -23.97 -6.15 -9.08
N ALA C 368 -22.75 -6.40 -9.57
CA ALA C 368 -21.86 -7.31 -8.86
C ALA C 368 -21.41 -6.72 -7.53
N LEU C 369 -21.10 -5.42 -7.51
CA LEU C 369 -20.56 -4.81 -6.30
C LEU C 369 -21.63 -4.53 -5.25
N SER C 370 -22.91 -4.60 -5.62
CA SER C 370 -23.99 -4.42 -4.67
C SER C 370 -24.56 -5.75 -4.20
N GLY C 371 -23.98 -6.88 -4.62
CA GLY C 371 -24.49 -8.17 -4.23
C GLY C 371 -25.70 -8.62 -5.02
N ASN C 372 -25.83 -8.16 -6.26
CA ASN C 372 -27.02 -8.38 -7.07
C ASN C 372 -26.74 -9.05 -8.41
N TYR C 373 -25.55 -9.62 -8.59
CA TYR C 373 -25.20 -10.42 -9.76
C TYR C 373 -25.08 -11.86 -9.23
N ARG C 374 -26.18 -12.59 -9.29
CA ARG C 374 -26.34 -13.84 -8.54
C ARG C 374 -26.55 -15.05 -9.44
N ILE C 375 -26.33 -16.22 -8.84
CA ILE C 375 -26.65 -17.50 -9.46
C ILE C 375 -28.08 -17.84 -9.09
N TRP C 376 -28.95 -17.87 -10.09
CA TRP C 376 -30.36 -18.12 -9.87
C TRP C 376 -30.59 -19.63 -9.99
N MET C 377 -30.91 -20.29 -8.83
CA MET C 377 -30.96 -21.75 -8.74
C MET C 377 -32.33 -22.27 -9.16
N PRO C 378 -32.39 -23.51 -9.65
CA PRO C 378 -33.68 -24.10 -10.01
C PRO C 378 -34.61 -24.17 -8.79
N ARG C 379 -35.90 -24.00 -9.05
CA ARG C 379 -36.92 -23.98 -7.99
C ARG C 379 -37.53 -25.37 -7.79
N MET D 1 28.80 16.77 11.20
CA MET D 1 28.81 15.34 10.90
C MET D 1 28.48 15.09 9.44
N LYS D 2 27.49 15.83 8.94
CA LYS D 2 27.03 15.66 7.56
C LYS D 2 28.08 16.05 6.53
N GLU D 3 29.13 16.75 6.94
CA GLU D 3 30.24 17.04 6.02
C GLU D 3 30.96 15.78 5.59
N HIS D 4 30.92 14.73 6.41
CA HIS D 4 31.70 13.52 6.19
C HIS D 4 30.85 12.32 5.80
N GLN D 5 29.55 12.50 5.69
CA GLN D 5 28.62 11.43 5.35
C GLN D 5 27.87 11.81 4.09
N GLY D 6 27.67 10.83 3.23
CA GLY D 6 26.93 11.08 2.01
C GLY D 6 25.46 11.22 2.31
N ALA D 7 24.85 12.26 1.76
CA ALA D 7 23.42 12.49 1.93
C ALA D 7 22.59 11.34 1.39
N TYR D 8 23.12 10.58 0.43
CA TYR D 8 22.39 9.42 -0.05
C TYR D 8 22.08 8.46 1.10
N CYS D 9 23.07 8.19 1.94
CA CYS D 9 22.91 7.20 3.00
C CYS D 9 22.04 7.71 4.15
N THR D 10 22.05 9.00 4.41
CA THR D 10 21.33 9.56 5.55
C THR D 10 19.99 10.15 5.18
N GLY D 11 19.83 10.64 3.96
CA GLY D 11 18.67 11.42 3.60
C GLY D 11 18.66 12.82 4.18
N THR D 12 19.76 13.29 4.72
CA THR D 12 19.84 14.64 5.28
C THR D 12 20.92 15.43 4.57
N TYR D 13 20.66 16.72 4.43
CA TYR D 13 21.47 17.60 3.60
C TYR D 13 21.97 18.79 4.40
N ARG D 14 23.22 19.15 4.15
CA ARG D 14 23.81 20.34 4.74
C ARG D 14 23.23 21.59 4.10
N ASN D 15 22.82 22.55 4.92
CA ASN D 15 22.51 23.89 4.45
C ASN D 15 23.76 24.72 4.73
N LEU D 16 24.68 24.72 3.75
CA LEU D 16 26.00 25.30 3.97
C LEU D 16 25.91 26.79 4.26
N LEU D 17 25.01 27.52 3.57
CA LEU D 17 24.87 28.95 3.83
C LEU D 17 24.49 29.21 5.29
N ALA D 18 23.55 28.43 5.82
CA ALA D 18 23.16 28.61 7.21
C ALA D 18 24.29 28.23 8.15
N GLU D 19 25.00 27.15 7.84
CA GLU D 19 26.19 26.78 8.59
C GLU D 19 27.15 27.95 8.67
N TYR D 20 27.35 28.62 7.54
CA TYR D 20 28.30 29.70 7.39
C TYR D 20 27.84 31.00 8.03
N GLY D 21 26.59 31.10 8.47
CA GLY D 21 26.12 32.25 9.22
C GLY D 21 25.21 33.18 8.48
N TYR D 22 24.83 32.87 7.24
CA TYR D 22 23.77 33.61 6.58
C TYR D 22 22.43 33.21 7.19
N GLY D 23 21.48 34.14 7.22
CA GLY D 23 20.23 33.87 7.91
C GLY D 23 19.37 32.89 7.14
N GLU D 24 18.74 31.96 7.86
CA GLU D 24 17.85 31.00 7.22
C GLU D 24 16.79 31.71 6.40
N GLU D 25 16.16 32.73 6.97
CA GLU D 25 15.15 33.50 6.25
C GLU D 25 15.72 34.14 4.99
N ALA D 26 16.88 34.80 5.10
CA ALA D 26 17.46 35.44 3.92
C ALA D 26 17.85 34.42 2.86
N ILE D 27 18.28 33.23 3.28
CA ILE D 27 18.63 32.19 2.32
C ILE D 27 17.41 31.79 1.50
N GLN D 28 16.28 31.54 2.18
CA GLN D 28 15.04 31.17 1.51
C GLN D 28 14.58 32.27 0.55
N ARG D 29 14.69 33.55 0.96
CA ARG D 29 14.26 34.64 0.09
C ARG D 29 15.16 34.75 -1.13
N ARG D 30 16.47 34.55 -0.96
CA ARG D 30 17.38 34.60 -2.11
C ARG D 30 17.05 33.52 -3.12
N LEU D 31 16.80 32.29 -2.64
CA LEU D 31 16.42 31.21 -3.55
C LEU D 31 15.14 31.54 -4.30
N ASP D 32 14.10 31.97 -3.57
CA ASP D 32 12.82 32.26 -4.21
C ASP D 32 12.94 33.45 -5.16
N GLU D 33 13.67 34.50 -4.76
CA GLU D 33 13.86 35.63 -5.67
C GLU D 33 14.63 35.22 -6.93
N THR D 34 15.59 34.30 -6.77
CA THR D 34 16.36 33.83 -7.92
C THR D 34 15.47 33.01 -8.86
N TRP D 35 14.70 32.07 -8.31
CA TRP D 35 13.74 31.34 -9.13
C TRP D 35 12.87 32.31 -9.94
N GLU D 36 12.32 33.31 -9.28
CA GLU D 36 11.38 34.19 -9.97
C GLU D 36 12.07 34.95 -11.10
N GLN D 37 13.30 35.44 -10.87
CA GLN D 37 14.02 36.18 -11.91
C GLN D 37 14.32 35.32 -13.12
N LEU D 38 14.55 34.02 -12.91
CA LEU D 38 14.96 33.13 -13.99
C LEU D 38 13.78 32.48 -14.71
N PHE D 39 12.70 32.17 -13.98
CA PHE D 39 11.59 31.41 -14.53
C PHE D 39 10.28 32.18 -14.59
N GLU D 40 10.13 33.27 -13.86
CA GLU D 40 8.89 34.04 -13.88
C GLU D 40 9.12 35.53 -14.10
N GLY D 41 10.30 35.94 -14.52
CA GLY D 41 10.68 37.34 -14.64
C GLY D 41 10.53 37.85 -16.05
N ASP D 42 11.46 38.74 -16.44
CA ASP D 42 11.37 39.45 -17.70
C ASP D 42 12.69 39.43 -18.46
N GLU D 43 12.80 40.28 -19.49
CA GLU D 43 13.99 40.34 -20.33
C GLU D 43 15.27 40.56 -19.56
N GLU D 44 15.19 40.94 -18.27
CA GLU D 44 16.42 41.24 -17.53
C GLU D 44 17.26 39.99 -17.29
N THR D 45 16.67 38.97 -16.66
CA THR D 45 17.46 37.80 -16.29
C THR D 45 16.84 36.46 -16.71
N ARG D 46 15.68 36.47 -17.37
CA ARG D 46 14.95 35.24 -17.61
C ARG D 46 15.75 34.28 -18.52
N ILE D 47 15.69 33.00 -18.19
CA ILE D 47 16.23 31.96 -19.04
C ILE D 47 15.18 30.96 -19.50
N TYR D 48 13.96 31.06 -19.00
CA TYR D 48 12.88 30.14 -19.35
C TYR D 48 11.75 30.92 -19.98
N TYR D 49 11.19 30.36 -21.07
CA TYR D 49 10.08 30.96 -21.81
C TYR D 49 8.97 29.94 -21.98
N PRO D 50 7.76 30.19 -21.48
CA PRO D 50 6.63 29.32 -21.85
C PRO D 50 6.22 29.51 -23.30
N SER D 51 5.65 28.47 -23.91
CA SER D 51 5.21 28.54 -25.28
C SER D 51 3.95 27.70 -25.44
N GLY D 52 2.84 28.35 -25.83
CA GLY D 52 1.57 27.65 -25.85
C GLY D 52 1.08 27.39 -24.42
N GLU D 53 0.20 26.41 -24.31
CA GLU D 53 -0.37 26.05 -23.01
C GLU D 53 0.26 24.82 -22.40
N ASP D 54 1.17 24.14 -23.10
CA ASP D 54 1.75 22.93 -22.54
C ASP D 54 3.25 22.78 -22.82
N MET D 55 3.93 23.85 -23.25
CA MET D 55 5.34 23.74 -23.59
C MET D 55 6.10 24.97 -23.10
N GLY D 56 7.42 24.88 -23.19
CA GLY D 56 8.29 25.97 -22.77
C GLY D 56 9.71 25.53 -23.00
N TYR D 57 10.60 26.51 -23.08
CA TYR D 57 11.99 26.18 -23.38
C TYR D 57 12.93 27.07 -22.59
N MET D 58 14.16 26.59 -22.46
CA MET D 58 15.28 27.36 -21.93
C MET D 58 16.08 27.87 -23.10
N LEU D 59 16.30 29.18 -23.14
CA LEU D 59 16.92 29.83 -24.27
C LEU D 59 18.38 30.15 -23.95
N ASP D 60 19.30 29.65 -24.77
CA ASP D 60 20.67 30.14 -24.79
C ASP D 60 20.63 31.54 -25.35
N THR D 61 20.62 32.52 -24.44
CA THR D 61 20.50 33.92 -24.85
C THR D 61 21.65 34.36 -25.74
N GLY D 62 22.83 33.77 -25.56
CA GLY D 62 24.01 34.19 -26.32
C GLY D 62 24.08 33.64 -27.72
N ASN D 63 23.64 32.39 -27.90
CA ASN D 63 23.66 31.72 -29.19
C ASN D 63 22.29 31.70 -29.86
N LEU D 64 21.26 32.25 -29.20
CA LEU D 64 19.88 32.29 -29.72
C LEU D 64 19.42 30.93 -30.25
N ASP D 65 19.67 29.89 -29.46
CA ASP D 65 19.18 28.55 -29.78
C ASP D 65 18.71 27.87 -28.49
N VAL D 66 18.07 26.71 -28.66
CA VAL D 66 17.60 25.88 -27.55
C VAL D 66 18.45 24.63 -27.52
N ARG D 67 19.13 24.39 -26.40
CA ARG D 67 20.04 23.25 -26.31
C ARG D 67 19.60 22.25 -25.26
N THR D 68 19.96 20.98 -25.49
CA THR D 68 19.59 19.94 -24.54
C THR D 68 20.25 20.19 -23.21
N GLU D 69 21.42 20.80 -23.24
CA GLU D 69 22.08 21.19 -22.01
C GLU D 69 21.14 22.04 -21.13
N GLY D 70 20.70 23.18 -21.65
CA GLY D 70 19.81 24.04 -20.89
C GLY D 70 18.46 23.41 -20.59
N MET D 71 17.90 22.68 -21.55
CA MET D 71 16.61 22.02 -21.30
C MET D 71 16.71 21.04 -20.15
N SER D 72 17.77 20.23 -20.14
CA SER D 72 17.93 19.26 -19.06
C SER D 72 18.24 19.94 -17.75
N TYR D 73 19.00 21.04 -17.79
CA TYR D 73 19.22 21.84 -16.58
C TYR D 73 17.89 22.38 -16.05
N GLY D 74 17.05 22.89 -16.94
CA GLY D 74 15.77 23.42 -16.53
C GLY D 74 14.92 22.37 -15.87
N MET D 75 14.92 21.15 -16.41
CA MET D 75 14.15 20.09 -15.76
C MET D 75 14.71 19.75 -14.40
N MET D 76 16.05 19.75 -14.25
CA MET D 76 16.61 19.45 -12.94
C MET D 76 16.27 20.55 -11.94
N MET D 77 16.38 21.83 -12.34
CA MET D 77 15.96 22.90 -11.44
C MET D 77 14.49 22.77 -11.06
N ALA D 78 13.64 22.44 -12.04
CA ALA D 78 12.20 22.39 -11.79
C ALA D 78 11.83 21.25 -10.82
N VAL D 79 12.49 20.10 -10.93
CA VAL D 79 12.16 19.01 -10.02
C VAL D 79 12.77 19.26 -8.64
N GLN D 80 13.94 19.92 -8.56
CA GLN D 80 14.48 20.24 -7.25
C GLN D 80 13.63 21.30 -6.53
N TYR D 81 13.12 22.26 -7.29
CA TYR D 81 12.31 23.34 -6.75
C TYR D 81 10.82 23.01 -6.70
N ASP D 82 10.40 21.82 -7.15
CA ASP D 82 9.02 21.34 -7.01
C ASP D 82 8.04 22.16 -7.86
N ARG D 83 8.35 22.32 -9.14
CA ARG D 83 7.42 22.94 -10.08
C ARG D 83 7.23 21.99 -11.27
N GLN D 84 6.24 21.10 -11.13
CA GLN D 84 5.98 20.11 -12.17
C GLN D 84 5.49 20.76 -13.45
N ASP D 85 4.75 21.87 -13.35
CA ASP D 85 4.24 22.52 -14.55
C ASP D 85 5.39 22.98 -15.45
N VAL D 86 6.42 23.62 -14.86
CA VAL D 86 7.57 24.02 -15.65
C VAL D 86 8.30 22.79 -16.19
N PHE D 87 8.52 21.79 -15.33
CA PHE D 87 9.14 20.54 -15.75
C PHE D 87 8.44 19.95 -16.97
N ASP D 88 7.11 19.83 -16.91
CA ASP D 88 6.39 19.15 -18.00
C ASP D 88 6.43 19.98 -19.29
N ARG D 89 6.38 21.30 -19.16
CA ARG D 89 6.46 22.14 -20.35
C ARG D 89 7.79 21.96 -21.05
N ILE D 90 8.90 21.95 -20.29
CA ILE D 90 10.21 21.78 -20.90
C ILE D 90 10.32 20.40 -21.53
N TRP D 91 9.96 19.37 -20.77
CA TRP D 91 10.04 18.01 -21.29
C TRP D 91 9.17 17.83 -22.53
N LYS D 92 8.02 18.50 -22.59
CA LYS D 92 7.16 18.36 -23.75
C LYS D 92 7.79 18.96 -24.99
N TRP D 93 8.34 20.17 -24.89
CA TRP D 93 9.08 20.76 -25.99
C TRP D 93 10.20 19.84 -26.45
N THR D 94 10.89 19.24 -25.47
CA THR D 94 12.05 18.40 -25.76
C THR D 94 11.65 17.19 -26.60
N VAL D 95 10.59 16.49 -26.18
CA VAL D 95 10.18 15.29 -26.92
C VAL D 95 9.66 15.66 -28.30
N THR D 96 8.98 16.81 -28.41
CA THR D 96 8.30 17.10 -29.68
C THR D 96 9.26 17.55 -30.76
N TYR D 97 10.34 18.25 -30.40
CA TYR D 97 11.22 18.86 -31.36
C TYR D 97 12.64 18.31 -31.35
N MET D 98 13.10 17.79 -30.21
CA MET D 98 14.50 17.40 -30.08
C MET D 98 14.73 15.89 -30.12
N TYR D 99 13.75 15.08 -29.71
CA TYR D 99 13.92 13.64 -29.75
C TYR D 99 14.05 13.16 -31.19
N MET D 100 15.11 12.38 -31.46
CA MET D 100 15.45 11.93 -32.80
C MET D 100 14.91 10.52 -33.06
N THR D 101 14.17 10.36 -34.15
CA THR D 101 13.56 9.08 -34.49
C THR D 101 14.23 8.38 -35.67
N GLU D 102 15.26 8.96 -36.27
CA GLU D 102 15.90 8.35 -37.43
C GLU D 102 17.38 8.75 -37.44
N GLY D 103 18.13 8.18 -38.36
CA GLY D 103 19.55 8.48 -38.48
C GLY D 103 20.37 7.65 -37.50
N ASP D 104 21.68 7.89 -37.54
CA ASP D 104 22.60 7.12 -36.68
C ASP D 104 22.36 7.39 -35.20
N ASN D 105 21.81 8.54 -34.85
CA ASN D 105 21.63 8.93 -33.45
C ASN D 105 20.17 8.82 -33.00
N ALA D 106 19.39 7.97 -33.65
CA ALA D 106 18.01 7.76 -33.23
C ALA D 106 17.95 7.22 -31.80
N GLY D 107 17.04 7.74 -31.01
CA GLY D 107 16.97 7.46 -29.60
C GLY D 107 17.65 8.50 -28.74
N TYR D 108 18.52 9.31 -29.35
CA TYR D 108 19.13 10.45 -28.67
C TYR D 108 18.35 11.72 -28.99
N PHE D 109 18.72 12.82 -28.31
CA PHE D 109 18.09 14.12 -28.50
C PHE D 109 19.07 15.04 -29.23
N ALA D 110 18.58 15.70 -30.29
CA ALA D 110 19.40 16.67 -31.00
C ALA D 110 19.79 17.80 -30.06
N TRP D 111 21.09 18.07 -29.98
CA TRP D 111 21.55 18.96 -28.93
C TRP D 111 21.14 20.41 -29.15
N SER D 112 20.91 20.82 -30.41
CA SER D 112 20.70 22.23 -30.71
C SER D 112 19.51 22.40 -31.65
N CYS D 113 18.53 23.18 -31.22
CA CYS D 113 17.37 23.52 -32.02
C CYS D 113 17.14 25.02 -31.98
N ALA D 114 16.44 25.51 -32.96
CA ALA D 114 16.04 26.90 -32.91
C ALA D 114 14.78 27.05 -32.05
N PRO D 115 14.51 28.27 -31.55
CA PRO D 115 13.36 28.44 -30.65
C PRO D 115 12.02 28.06 -31.27
N ASP D 116 11.93 28.07 -32.60
CA ASP D 116 10.75 27.57 -33.28
C ASP D 116 10.67 26.05 -33.28
N GLY D 117 11.74 25.35 -32.92
CA GLY D 117 11.76 23.90 -32.93
C GLY D 117 12.46 23.28 -34.13
N LYS D 118 12.84 24.05 -35.14
CA LYS D 118 13.58 23.48 -36.26
C LYS D 118 14.96 22.99 -35.83
N ARG D 119 15.34 21.81 -36.31
CA ARG D 119 16.63 21.21 -35.94
C ARG D 119 17.80 22.05 -36.44
N LEU D 120 18.79 22.23 -35.58
CA LEU D 120 20.06 22.81 -35.97
C LEU D 120 21.18 21.77 -36.01
N SER D 121 20.86 20.53 -35.69
CA SER D 121 21.87 19.48 -35.55
C SER D 121 21.18 18.13 -35.66
N ASN D 122 21.98 17.09 -35.87
CA ASN D 122 21.45 15.73 -35.82
C ASN D 122 22.31 14.84 -34.92
N GLY D 123 22.99 15.42 -33.94
CA GLY D 123 23.73 14.68 -32.96
C GLY D 123 23.44 15.17 -31.55
N PRO D 124 23.72 14.34 -30.55
CA PRO D 124 23.35 14.69 -29.17
C PRO D 124 24.52 15.26 -28.38
N ALA D 125 24.23 15.69 -27.16
CA ALA D 125 25.25 16.07 -26.19
C ALA D 125 25.05 15.18 -24.97
N PRO D 126 26.01 14.31 -24.63
CA PRO D 126 25.78 13.36 -23.54
C PRO D 126 25.52 14.01 -22.19
N ASP D 127 26.00 15.24 -21.95
CA ASP D 127 25.71 15.86 -20.66
C ASP D 127 24.22 16.16 -20.51
N GLY D 128 23.55 16.49 -21.61
CA GLY D 128 22.11 16.68 -21.54
C GLY D 128 21.38 15.38 -21.26
N GLU D 129 21.79 14.30 -21.93
CA GLU D 129 21.12 13.01 -21.73
C GLU D 129 21.19 12.56 -20.27
N GLU D 130 22.36 12.69 -19.64
CA GLU D 130 22.46 12.20 -18.26
C GLU D 130 21.69 13.08 -17.29
N TYR D 131 21.59 14.39 -17.56
CA TYR D 131 20.71 15.22 -16.74
C TYR D 131 19.24 14.89 -17.02
N PHE D 132 18.86 14.67 -18.29
CA PHE D 132 17.49 14.28 -18.59
C PHE D 132 17.12 13.05 -17.78
N ALA D 133 18.01 12.06 -17.78
CA ALA D 133 17.72 10.77 -17.14
C ALA D 133 17.52 10.93 -15.65
N LEU D 134 18.44 11.63 -14.97
CA LEU D 134 18.28 11.76 -13.52
C LEU D 134 17.11 12.66 -13.15
N ALA D 135 16.90 13.76 -13.89
CA ALA D 135 15.75 14.61 -13.63
C ALA D 135 14.44 13.84 -13.75
N LEU D 136 14.33 13.02 -14.80
CA LEU D 136 13.12 12.22 -15.02
C LEU D 136 12.92 11.19 -13.90
N LEU D 137 14.01 10.55 -13.45
CA LEU D 137 13.89 9.62 -12.34
C LEU D 137 13.44 10.33 -11.07
N PHE D 138 14.04 11.50 -10.79
CA PHE D 138 13.58 12.33 -9.68
C PHE D 138 12.13 12.74 -9.87
N ALA D 139 11.73 13.08 -11.09
CA ALA D 139 10.34 13.47 -11.32
C ALA D 139 9.41 12.28 -11.06
N SER D 140 9.81 11.10 -11.51
CA SER D 140 9.05 9.90 -11.23
C SER D 140 8.91 9.68 -9.73
N HIS D 141 9.96 9.97 -8.97
CA HIS D 141 9.94 9.71 -7.54
C HIS D 141 9.17 10.78 -6.76
N ARG D 142 9.34 12.06 -7.12
CA ARG D 142 8.66 13.11 -6.38
C ARG D 142 7.17 13.15 -6.69
N TRP D 143 6.79 12.94 -7.95
CA TRP D 143 5.44 13.23 -8.41
C TRP D 143 4.69 12.03 -8.95
N GLY D 144 5.40 11.00 -9.41
CA GLY D 144 4.77 9.83 -10.00
C GLY D 144 4.65 9.93 -11.50
N ASP D 145 4.86 8.81 -12.19
CA ASP D 145 4.67 8.77 -13.63
C ASP D 145 3.25 9.17 -13.98
N ARG D 146 3.09 9.86 -15.10
CA ARG D 146 1.79 10.00 -15.75
C ARG D 146 1.85 9.33 -17.10
N GLU D 147 0.94 9.69 -18.00
CA GLU D 147 0.88 9.02 -19.29
C GLU D 147 1.89 9.61 -20.26
N ALA D 148 2.34 8.78 -21.19
CA ALA D 148 3.38 9.16 -22.13
C ALA D 148 3.04 10.47 -22.82
N PRO D 149 4.03 11.34 -23.07
CA PRO D 149 5.44 11.11 -22.75
C PRO D 149 5.85 11.48 -21.32
N PHE D 150 4.87 11.68 -20.43
CA PHE D 150 5.18 12.01 -19.04
C PHE D 150 5.22 10.78 -18.16
N ASN D 151 5.53 9.62 -18.73
CA ASN D 151 5.80 8.41 -17.96
C ASN D 151 7.28 8.43 -17.59
N TYR D 152 7.61 9.29 -16.60
CA TYR D 152 8.98 9.78 -16.43
C TYR D 152 9.99 8.64 -16.23
N GLY D 153 9.72 7.73 -15.30
CA GLY D 153 10.66 6.66 -15.02
C GLY D 153 10.91 5.75 -16.21
N THR D 154 9.88 5.50 -17.00
CA THR D 154 10.07 4.71 -18.22
C THR D 154 10.92 5.46 -19.24
N GLN D 155 10.63 6.75 -19.44
CA GLN D 155 11.45 7.54 -20.36
C GLN D 155 12.92 7.54 -19.92
N ALA D 156 13.17 7.61 -18.61
CA ALA D 156 14.54 7.65 -18.10
C ALA D 156 15.27 6.34 -18.33
N ARG D 157 14.63 5.22 -17.97
CA ARG D 157 15.25 3.91 -18.14
C ARG D 157 15.46 3.59 -19.62
N ASP D 158 14.49 3.95 -20.48
CA ASP D 158 14.68 3.74 -21.91
C ASP D 158 15.83 4.57 -22.44
N LEU D 159 15.91 5.84 -22.01
CA LEU D 159 17.03 6.68 -22.41
C LEU D 159 18.35 6.06 -21.98
N LEU D 160 18.45 5.64 -20.72
CA LEU D 160 19.70 5.09 -20.19
C LEU D 160 20.08 3.81 -20.89
N ARG D 161 19.09 3.01 -21.33
CA ARG D 161 19.40 1.80 -22.07
C ARG D 161 20.03 2.13 -23.43
N THR D 162 19.47 3.12 -24.12
CA THR D 162 20.07 3.60 -25.37
C THR D 162 21.51 4.05 -25.15
N CYS D 163 21.76 4.80 -24.07
CA CYS D 163 23.09 5.37 -23.82
C CYS D 163 24.17 4.29 -23.73
N LEU D 164 23.80 3.09 -23.30
CA LEU D 164 24.77 2.02 -23.15
C LEU D 164 24.79 1.05 -24.33
N HIS D 165 23.65 0.81 -24.95
CA HIS D 165 23.49 -0.31 -25.86
C HIS D 165 23.39 0.07 -27.32
N LYS D 166 23.28 1.35 -27.65
CA LYS D 166 23.20 1.74 -29.05
C LYS D 166 24.40 1.23 -29.83
N GLY D 167 24.15 0.79 -31.06
CA GLY D 167 25.19 0.22 -31.88
C GLY D 167 25.38 -1.26 -31.74
N GLU D 168 24.73 -1.89 -30.74
CA GLU D 168 24.83 -3.33 -30.57
C GLU D 168 24.25 -4.07 -31.77
N ASP D 169 23.04 -3.66 -32.19
CA ASP D 169 22.35 -4.25 -33.34
C ASP D 169 21.84 -3.15 -34.27
N GLY D 170 22.74 -2.23 -34.61
CA GLY D 170 22.40 -1.11 -35.46
C GLY D 170 23.63 -0.32 -35.85
N PRO D 171 23.47 0.68 -36.70
CA PRO D 171 24.60 1.53 -37.06
C PRO D 171 24.69 2.82 -36.25
N GLY D 172 25.06 2.72 -34.98
CA GLY D 172 25.34 3.89 -34.16
C GLY D 172 26.39 3.62 -33.10
N TYR D 173 26.53 4.51 -32.12
CA TYR D 173 27.52 4.35 -31.04
C TYR D 173 26.92 4.72 -29.69
N PRO D 174 27.32 4.01 -28.63
CA PRO D 174 26.84 4.35 -27.29
C PRO D 174 27.58 5.56 -26.74
N MET D 175 27.03 6.13 -25.67
CA MET D 175 27.58 7.34 -25.07
C MET D 175 28.63 7.06 -24.01
N TRP D 176 28.72 5.82 -23.55
CA TRP D 176 29.76 5.37 -22.62
C TRP D 176 30.62 4.35 -23.33
N ASN D 177 31.93 4.50 -23.20
CA ASN D 177 32.83 3.49 -23.75
C ASN D 177 32.69 2.22 -22.93
N PRO D 178 32.46 1.07 -23.58
CA PRO D 178 32.23 -0.16 -22.81
C PRO D 178 33.47 -0.73 -22.16
N ASP D 179 34.65 -0.32 -22.59
CA ASP D 179 35.90 -0.86 -22.03
C ASP D 179 36.36 -0.12 -20.80
N ASN D 180 36.41 1.20 -20.83
CA ASN D 180 36.87 1.98 -19.69
C ASN D 180 35.73 2.57 -18.86
N LYS D 181 34.48 2.35 -19.29
CA LYS D 181 33.27 2.78 -18.58
C LYS D 181 33.20 4.30 -18.41
N LEU D 182 33.85 5.06 -19.28
CA LEU D 182 33.82 6.52 -19.22
C LEU D 182 32.85 7.10 -20.25
N ILE D 183 32.10 8.11 -19.83
CA ILE D 183 31.25 8.86 -20.74
C ILE D 183 32.12 9.54 -21.80
N LYS D 184 31.62 9.60 -23.03
CA LYS D 184 32.33 10.22 -24.14
C LYS D 184 31.83 11.63 -24.41
N PHE D 185 32.65 12.39 -25.15
CA PHE D 185 32.23 13.74 -25.52
C PHE D 185 31.00 13.71 -26.44
N VAL D 186 31.04 12.87 -27.47
CA VAL D 186 29.85 12.53 -28.25
C VAL D 186 29.93 11.04 -28.58
N PRO D 187 28.79 10.42 -28.95
CA PRO D 187 28.82 8.97 -29.22
C PRO D 187 29.90 8.56 -30.19
N ASN D 188 30.20 9.39 -31.18
CA ASN D 188 31.10 9.00 -32.26
C ASN D 188 32.54 9.38 -32.02
N CYS D 189 32.90 9.79 -30.80
CA CYS D 189 34.27 10.18 -30.52
C CYS D 189 34.81 9.43 -29.30
N GLU D 190 36.08 9.05 -29.39
CA GLU D 190 36.79 8.33 -28.34
C GLU D 190 37.65 9.28 -27.51
N PHE D 191 37.03 10.35 -27.03
CA PHE D 191 37.60 11.17 -25.97
C PHE D 191 36.45 11.71 -25.13
N SER D 192 36.77 12.52 -24.12
CA SER D 192 35.74 12.86 -23.16
C SER D 192 35.82 14.35 -22.82
N ASP D 193 34.97 14.75 -21.89
CA ASP D 193 34.85 16.13 -21.42
C ASP D 193 34.77 16.03 -19.92
N PRO D 194 35.76 16.43 -19.15
CA PRO D 194 35.78 16.16 -17.70
C PRO D 194 34.52 16.62 -16.96
N SER D 195 33.96 17.76 -17.33
CA SER D 195 32.74 18.26 -16.70
C SER D 195 31.50 17.38 -16.95
N TYR D 196 31.54 16.48 -17.95
CA TYR D 196 30.44 15.53 -18.14
C TYR D 196 30.45 14.40 -17.11
N HIS D 197 31.53 14.22 -16.35
CA HIS D 197 31.68 13.06 -15.47
C HIS D 197 30.93 13.32 -14.16
N LEU D 198 29.84 12.58 -13.96
CA LEU D 198 28.93 12.75 -12.83
C LEU D 198 28.84 11.43 -12.07
N PRO D 199 29.91 11.04 -11.37
CA PRO D 199 29.88 9.75 -10.67
C PRO D 199 28.72 9.66 -9.69
N HIS D 200 28.31 10.79 -9.12
CA HIS D 200 27.16 10.79 -8.22
C HIS D 200 25.86 10.47 -8.96
N PHE D 201 25.74 10.86 -10.22
CA PHE D 201 24.58 10.44 -11.01
C PHE D 201 24.64 8.94 -11.28
N TYR D 202 25.83 8.41 -11.61
CA TYR D 202 25.89 6.99 -12.00
C TYR D 202 25.64 6.08 -10.82
N GLU D 203 26.01 6.52 -9.61
CA GLU D 203 25.63 5.77 -8.40
C GLU D 203 24.12 5.57 -8.35
N LEU D 204 23.35 6.57 -8.75
CA LEU D 204 21.90 6.46 -8.73
C LEU D 204 21.38 5.65 -9.93
N PHE D 205 22.03 5.78 -11.10
CA PHE D 205 21.66 4.91 -12.20
C PHE D 205 21.86 3.45 -11.84
N ALA D 206 22.93 3.17 -11.07
CA ALA D 206 23.21 1.81 -10.61
C ALA D 206 22.15 1.26 -9.68
N LEU D 207 21.24 2.11 -9.18
CA LEU D 207 20.08 1.66 -8.42
C LEU D 207 18.79 1.64 -9.23
N TRP D 208 18.64 2.49 -10.25
CA TRP D 208 17.34 2.73 -10.85
C TRP D 208 17.27 2.50 -12.35
N ALA D 209 18.38 2.22 -13.01
CA ALA D 209 18.31 1.83 -14.42
C ALA D 209 17.66 0.45 -14.52
N TYR D 210 17.43 0.00 -15.76
CA TYR D 210 17.04 -1.40 -15.97
C TYR D 210 18.06 -2.31 -15.29
N PRO D 211 17.60 -3.38 -14.62
CA PRO D 211 18.50 -4.15 -13.75
C PRO D 211 19.78 -4.64 -14.42
N GLU D 212 19.72 -5.04 -15.70
CA GLU D 212 20.90 -5.60 -16.36
C GLU D 212 22.04 -4.60 -16.49
N ASP D 213 21.75 -3.30 -16.49
CA ASP D 213 22.77 -2.28 -16.68
C ASP D 213 23.34 -1.74 -15.38
N ARG D 214 22.80 -2.14 -14.22
CA ARG D 214 23.19 -1.51 -12.97
C ARG D 214 24.64 -1.80 -12.60
N ALA D 215 25.14 -3.01 -12.91
CA ALA D 215 26.56 -3.29 -12.69
C ALA D 215 27.43 -2.32 -13.46
N PHE D 216 27.10 -2.07 -14.74
CA PHE D 216 27.89 -1.13 -15.53
C PHE D 216 27.91 0.25 -14.88
N TRP D 217 26.74 0.73 -14.45
CA TRP D 217 26.67 2.09 -13.90
C TRP D 217 27.50 2.19 -12.64
N LYS D 218 27.52 1.13 -11.83
CA LYS D 218 28.33 1.17 -10.63
C LYS D 218 29.82 1.25 -10.97
N GLU D 219 30.25 0.57 -12.03
CA GLU D 219 31.66 0.68 -12.39
C GLU D 219 31.95 2.01 -13.07
N ALA D 220 30.95 2.60 -13.73
CA ALA D 220 31.11 3.95 -14.30
C ALA D 220 31.31 4.99 -13.21
N ALA D 221 30.60 4.82 -12.09
CA ALA D 221 30.79 5.72 -10.95
C ALA D 221 32.23 5.67 -10.45
N GLU D 222 32.77 4.48 -10.23
CA GLU D 222 34.15 4.41 -9.75
C GLU D 222 35.13 4.81 -10.85
N ALA D 223 34.87 4.45 -12.10
CA ALA D 223 35.78 4.83 -13.17
C ALA D 223 35.86 6.35 -13.34
N SER D 224 34.71 7.03 -13.22
CA SER D 224 34.73 8.47 -13.40
C SER D 224 35.42 9.17 -12.24
N ARG D 225 35.26 8.66 -11.01
CA ARG D 225 35.96 9.26 -9.89
C ARG D 225 37.47 9.15 -10.07
N GLN D 226 37.95 7.98 -10.49
CA GLN D 226 39.38 7.81 -10.74
C GLN D 226 39.85 8.67 -11.91
N TYR D 227 39.01 8.79 -12.94
CA TYR D 227 39.41 9.54 -14.12
C TYR D 227 39.68 11.01 -13.79
N LEU D 228 38.86 11.59 -12.92
CA LEU D 228 39.05 12.99 -12.59
C LEU D 228 40.40 13.25 -11.94
N HIS D 229 41.00 12.22 -11.30
CA HIS D 229 42.37 12.34 -10.80
C HIS D 229 43.34 12.63 -11.92
N LEU D 230 43.09 12.09 -13.12
CA LEU D 230 43.97 12.29 -14.26
C LEU D 230 43.71 13.64 -14.92
N ALA D 231 42.45 14.05 -14.99
CA ALA D 231 42.12 15.24 -15.77
C ALA D 231 42.46 16.52 -15.02
N CYS D 232 42.39 16.53 -13.70
CA CYS D 232 42.63 17.75 -12.94
C CYS D 232 44.14 17.95 -12.73
N HIS D 233 44.60 19.16 -13.00
CA HIS D 233 46.03 19.47 -12.87
C HIS D 233 46.46 19.26 -11.42
N PRO D 234 47.63 18.66 -11.20
CA PRO D 234 48.02 18.29 -9.82
C PRO D 234 48.36 19.47 -8.93
N VAL D 235 48.61 20.65 -9.49
CA VAL D 235 48.90 21.84 -8.69
C VAL D 235 47.69 22.75 -8.56
N THR D 236 47.05 23.08 -9.69
CA THR D 236 45.96 24.04 -9.73
C THR D 236 44.60 23.40 -9.52
N GLY D 237 44.48 22.11 -9.75
CA GLY D 237 43.18 21.47 -9.74
C GLY D 237 42.35 21.71 -10.99
N LEU D 238 42.83 22.51 -11.93
CA LEU D 238 42.04 22.87 -13.11
C LEU D 238 41.99 21.73 -14.11
N ALA D 239 40.78 21.49 -14.65
CA ALA D 239 40.62 20.50 -15.70
C ALA D 239 40.44 21.16 -17.07
N PRO D 240 40.85 20.48 -18.14
CA PRO D 240 40.57 20.99 -19.48
C PRO D 240 39.11 20.79 -19.85
N GLU D 241 38.64 21.59 -20.83
CA GLU D 241 37.27 21.41 -21.33
C GLU D 241 37.10 20.04 -21.98
N TYR D 242 37.99 19.67 -22.89
CA TYR D 242 38.02 18.34 -23.49
C TYR D 242 39.33 17.62 -23.13
N ALA D 243 39.25 16.31 -22.97
CA ALA D 243 40.45 15.54 -22.64
C ALA D 243 40.35 14.15 -23.23
N TYR D 244 41.51 13.53 -23.39
CA TYR D 244 41.57 12.13 -23.79
C TYR D 244 41.33 11.22 -22.58
N TYR D 245 41.21 9.93 -22.86
CA TYR D 245 40.92 8.96 -21.81
C TYR D 245 42.02 8.91 -20.76
N ASP D 246 43.25 9.31 -21.11
CA ASP D 246 44.32 9.36 -20.13
C ASP D 246 44.39 10.69 -19.38
N GLY D 247 43.41 11.57 -19.55
CA GLY D 247 43.36 12.81 -18.82
C GLY D 247 44.07 13.98 -19.47
N THR D 248 44.95 13.73 -20.44
CA THR D 248 45.66 14.83 -21.05
C THR D 248 44.72 15.67 -21.91
N PRO D 249 44.94 16.98 -21.98
CA PRO D 249 44.00 17.86 -22.68
C PRO D 249 43.95 17.58 -24.17
N ASN D 250 42.73 17.64 -24.71
CA ASN D 250 42.50 17.54 -26.15
C ASN D 250 42.36 18.96 -26.68
N ASN D 251 43.43 19.51 -27.22
CA ASN D 251 43.38 20.84 -27.81
C ASN D 251 43.35 20.78 -29.33
N GLU D 252 42.61 19.82 -29.89
CA GLU D 252 42.37 19.77 -31.33
C GLU D 252 41.76 21.08 -31.84
N ARG D 253 40.76 21.60 -31.13
CA ARG D 253 39.96 22.75 -31.58
C ARG D 253 39.87 23.84 -30.51
N GLY D 254 40.90 23.99 -29.69
CA GLY D 254 40.93 25.05 -28.70
C GLY D 254 40.30 24.71 -27.37
N TYR D 255 39.84 23.48 -27.18
CA TYR D 255 39.15 23.10 -25.95
C TYR D 255 40.08 22.48 -24.93
N GLY D 256 41.39 22.63 -25.10
CA GLY D 256 42.33 22.03 -24.19
C GLY D 256 42.63 22.79 -22.92
N HIS D 257 41.90 23.87 -22.61
CA HIS D 257 42.25 24.78 -21.52
C HIS D 257 41.07 24.91 -20.54
N PHE D 258 41.26 25.70 -19.48
CA PHE D 258 40.22 25.91 -18.48
C PHE D 258 39.32 27.05 -18.93
N PHE D 259 38.12 26.69 -19.37
CA PHE D 259 37.14 27.64 -19.88
C PHE D 259 35.75 27.11 -19.53
N SER D 260 34.72 27.74 -20.09
CA SER D 260 33.33 27.58 -19.66
C SER D 260 32.91 26.16 -19.24
N ASP D 261 33.13 25.17 -20.09
CA ASP D 261 32.71 23.80 -19.77
C ASP D 261 33.33 23.33 -18.46
N ALA D 262 34.63 23.57 -18.29
CA ALA D 262 35.37 22.97 -17.20
C ALA D 262 34.99 23.56 -15.85
N TYR D 263 34.36 24.73 -15.82
CA TYR D 263 33.95 25.30 -14.55
C TYR D 263 33.11 24.31 -13.76
N ARG D 264 32.37 23.45 -14.45
CA ARG D 264 31.43 22.58 -13.75
C ARG D 264 32.14 21.49 -12.96
N VAL D 265 33.42 21.22 -13.24
CA VAL D 265 34.10 20.13 -12.54
C VAL D 265 34.09 20.37 -11.03
N ALA D 266 34.47 21.58 -10.61
CA ALA D 266 34.50 21.89 -9.18
C ALA D 266 33.15 21.69 -8.53
N ALA D 267 32.08 22.14 -9.20
CA ALA D 267 30.73 21.99 -8.67
C ALA D 267 30.36 20.53 -8.57
N ASN D 268 30.70 19.73 -9.58
CA ASN D 268 30.41 18.29 -9.57
C ASN D 268 31.10 17.60 -8.40
N LEU D 269 32.37 17.96 -8.13
CA LEU D 269 33.07 17.37 -7.00
C LEU D 269 32.39 17.72 -5.68
N GLY D 270 31.99 18.98 -5.54
CA GLY D 270 31.25 19.39 -4.36
C GLY D 270 29.97 18.59 -4.19
N LEU D 271 29.23 18.38 -5.29
CA LEU D 271 27.95 17.67 -5.16
C LEU D 271 28.16 16.18 -4.92
N ASP D 272 29.11 15.56 -5.61
CA ASP D 272 29.42 14.16 -5.33
C ASP D 272 29.84 13.97 -3.89
N TRP D 273 30.71 14.85 -3.38
CA TRP D 273 31.14 14.72 -2.00
C TRP D 273 29.98 14.84 -1.04
N GLU D 274 29.11 15.83 -1.24
CA GLU D 274 27.95 15.98 -0.36
C GLU D 274 27.03 14.77 -0.45
N TRP D 275 26.81 14.24 -1.66
CA TRP D 275 25.84 13.15 -1.81
C TRP D 275 26.39 11.80 -1.39
N PHE D 276 27.69 11.56 -1.60
CA PHE D 276 28.25 10.23 -1.41
C PHE D 276 29.52 10.19 -0.59
N ALA D 277 30.23 11.31 -0.43
CA ALA D 277 31.43 11.38 0.41
C ALA D 277 32.35 10.19 0.16
N ALA D 278 32.57 9.89 -1.12
CA ALA D 278 33.15 8.63 -1.56
C ALA D 278 34.65 8.69 -1.80
N ASP D 279 35.20 9.85 -2.18
CA ASP D 279 36.60 9.94 -2.58
C ASP D 279 37.20 11.16 -1.91
N PRO D 280 38.00 10.97 -0.87
CA PRO D 280 38.59 12.12 -0.16
C PRO D 280 39.48 12.99 -1.04
N TRP D 281 40.00 12.45 -2.15
CA TRP D 281 40.77 13.25 -3.08
C TRP D 281 39.99 14.46 -3.56
N GLN D 282 38.66 14.34 -3.69
CA GLN D 282 37.85 15.46 -4.14
C GLN D 282 38.05 16.69 -3.27
N ARG D 283 38.20 16.51 -1.96
CA ARG D 283 38.43 17.65 -1.08
C ARG D 283 39.75 18.32 -1.39
N GLU D 284 40.79 17.54 -1.67
CA GLU D 284 42.08 18.12 -2.04
C GLU D 284 41.99 18.86 -3.36
N ALA D 285 41.27 18.30 -4.35
CA ALA D 285 41.17 18.96 -5.64
C ALA D 285 40.40 20.28 -5.53
N VAL D 286 39.30 20.30 -4.79
CA VAL D 286 38.56 21.54 -4.62
C VAL D 286 39.42 22.56 -3.87
N GLY D 287 40.20 22.08 -2.89
CA GLY D 287 41.14 22.96 -2.23
C GLY D 287 42.10 23.62 -3.20
N LYS D 288 42.57 22.88 -4.21
CA LYS D 288 43.51 23.45 -5.16
C LYS D 288 42.84 24.49 -6.05
N ILE D 289 41.62 24.22 -6.49
CA ILE D 289 40.91 25.14 -7.36
C ILE D 289 40.59 26.44 -6.62
N GLN D 290 40.10 26.32 -5.39
CA GLN D 290 39.77 27.52 -4.62
C GLN D 290 41.03 28.34 -4.29
N ALA D 291 42.14 27.65 -4.02
CA ALA D 291 43.40 28.37 -3.81
C ALA D 291 43.82 29.13 -5.06
N PHE D 292 43.64 28.51 -6.23
CA PHE D 292 44.01 29.18 -7.47
C PHE D 292 43.22 30.46 -7.66
N PHE D 293 41.92 30.42 -7.38
CA PHE D 293 41.06 31.57 -7.61
C PHE D 293 41.00 32.53 -6.44
N ALA D 294 41.65 32.20 -5.32
CA ALA D 294 41.64 33.09 -4.16
C ALA D 294 42.27 34.44 -4.48
N ASP D 295 43.36 34.45 -5.22
CA ASP D 295 44.04 35.71 -5.55
C ASP D 295 43.54 36.33 -6.85
N LYS D 296 42.25 36.18 -7.18
CA LYS D 296 41.79 36.61 -8.48
C LYS D 296 40.46 37.36 -8.38
N GLU D 297 40.36 38.45 -9.15
CA GLU D 297 39.14 39.24 -9.25
C GLU D 297 38.24 38.67 -10.34
N PRO D 298 36.97 38.44 -10.03
CA PRO D 298 36.04 37.96 -11.06
C PRO D 298 35.99 38.84 -12.30
N GLU D 299 36.07 40.17 -12.12
CA GLU D 299 36.03 41.08 -13.26
C GLU D 299 37.23 40.91 -14.17
N ASP D 300 38.26 40.17 -13.75
CA ASP D 300 39.43 39.92 -14.56
C ASP D 300 39.68 38.44 -14.87
N TYR D 301 38.71 37.56 -14.59
CA TYR D 301 38.88 36.16 -14.94
C TYR D 301 39.20 36.00 -16.42
N ARG D 302 40.10 35.08 -16.73
CA ARG D 302 40.54 34.80 -18.10
C ARG D 302 40.30 33.34 -18.45
N ARG D 303 40.56 33.00 -19.71
CA ARG D 303 40.93 31.64 -20.02
C ARG D 303 42.32 31.37 -19.44
N TYR D 304 42.51 30.18 -18.88
CA TYR D 304 43.80 29.76 -18.34
C TYR D 304 44.17 28.40 -18.90
N THR D 305 45.46 28.15 -19.08
CA THR D 305 45.87 26.76 -19.26
C THR D 305 45.64 26.00 -17.95
N ILE D 306 45.61 24.68 -18.02
CA ILE D 306 45.33 23.95 -16.79
C ILE D 306 46.45 24.12 -15.77
N SER D 307 47.65 24.47 -16.23
CA SER D 307 48.72 24.81 -15.28
C SER D 307 48.57 26.23 -14.72
N GLY D 308 47.59 26.99 -15.20
CA GLY D 308 47.25 28.27 -14.62
C GLY D 308 47.74 29.49 -15.37
N GLU D 309 48.35 29.32 -16.54
CA GLU D 309 48.84 30.47 -17.28
C GLU D 309 47.67 31.22 -17.91
N PRO D 310 47.59 32.54 -17.76
CA PRO D 310 46.43 33.27 -18.30
C PRO D 310 46.60 33.56 -19.77
N PHE D 311 45.50 33.50 -20.49
CA PHE D 311 45.41 34.07 -21.82
C PHE D 311 45.00 35.53 -21.71
N GLU D 312 45.06 36.23 -22.85
CA GLU D 312 44.48 37.56 -22.90
C GLU D 312 42.96 37.52 -22.82
N GLU D 313 42.37 36.51 -23.42
CA GLU D 313 40.92 36.39 -23.56
C GLU D 313 40.25 36.31 -22.19
N PRO D 314 39.29 37.17 -21.89
CA PRO D 314 38.59 37.07 -20.61
C PRO D 314 37.61 35.91 -20.60
N ALA D 315 37.25 35.50 -19.38
CA ALA D 315 36.21 34.50 -19.20
C ALA D 315 34.91 35.00 -19.80
N LEU D 316 34.27 34.14 -20.58
CA LEU D 316 32.94 34.46 -21.12
C LEU D 316 31.87 34.48 -20.03
N HIS D 317 31.99 33.62 -19.03
CA HIS D 317 30.97 33.44 -18.00
C HIS D 317 31.59 33.51 -16.61
N PRO D 318 32.06 34.69 -16.21
CA PRO D 318 32.69 34.80 -14.88
C PRO D 318 31.75 34.59 -13.71
N VAL D 319 30.45 34.90 -13.85
CA VAL D 319 29.51 34.62 -12.76
C VAL D 319 29.32 33.11 -12.62
N GLY D 320 29.21 32.41 -13.74
CA GLY D 320 29.18 30.95 -13.69
C GLY D 320 30.41 30.37 -13.02
N LEU D 321 31.59 30.95 -13.32
CA LEU D 321 32.81 30.45 -12.69
C LEU D 321 32.78 30.64 -11.18
N LEU D 322 32.41 31.84 -10.72
CA LEU D 322 32.40 32.02 -9.26
C LEU D 322 31.29 31.22 -8.60
N ALA D 323 30.18 30.97 -9.31
CA ALA D 323 29.14 30.12 -8.72
C ALA D 323 29.61 28.69 -8.56
N THR D 324 30.35 28.15 -9.54
CA THR D 324 30.83 26.78 -9.38
C THR D 324 31.88 26.67 -8.29
N ASN D 325 32.71 27.69 -8.13
CA ASN D 325 33.71 27.63 -7.08
C ASN D 325 33.05 27.70 -5.71
N ALA D 326 31.93 28.41 -5.63
CA ALA D 326 31.17 28.45 -4.38
C ALA D 326 30.51 27.10 -4.10
N MET D 327 29.90 26.50 -5.13
CA MET D 327 29.26 25.19 -4.94
C MET D 327 30.28 24.14 -4.50
N ALA D 328 31.53 24.28 -4.97
CA ALA D 328 32.59 23.35 -4.58
C ALA D 328 32.87 23.37 -3.08
N SER D 329 32.47 24.43 -2.37
CA SER D 329 32.70 24.49 -0.93
C SER D 329 32.01 23.37 -0.16
N LEU D 330 31.04 22.69 -0.77
CA LEU D 330 30.50 21.48 -0.18
C LEU D 330 31.58 20.42 0.05
N ALA D 331 32.71 20.50 -0.65
CA ALA D 331 33.82 19.58 -0.45
C ALA D 331 35.05 20.27 0.17
N ALA D 332 34.87 21.41 0.81
CA ALA D 332 36.01 22.18 1.31
C ALA D 332 35.71 22.70 2.71
N ASP D 333 36.75 23.23 3.36
CA ASP D 333 36.62 23.83 4.67
C ASP D 333 37.76 24.82 4.87
N GLY D 334 37.53 25.79 5.74
CA GLY D 334 38.53 26.80 5.98
C GLY D 334 38.13 28.15 5.42
N PRO D 335 39.02 29.13 5.55
CA PRO D 335 38.66 30.51 5.14
C PRO D 335 38.47 30.67 3.64
N GLN D 336 39.21 29.93 2.80
CA GLN D 336 39.01 30.12 1.36
C GLN D 336 37.67 29.57 0.91
N ALA D 337 37.18 28.51 1.55
CA ALA D 337 35.86 27.97 1.22
C ALA D 337 34.78 28.97 1.60
N LYS D 338 34.91 29.60 2.76
CA LYS D 338 33.94 30.61 3.16
C LYS D 338 34.03 31.85 2.28
N ALA D 339 35.23 32.20 1.82
CA ALA D 339 35.36 33.37 0.95
C ALA D 339 34.70 33.13 -0.40
N CYS D 340 34.89 31.94 -0.99
CA CYS D 340 34.23 31.63 -2.26
C CYS D 340 32.72 31.76 -2.13
N VAL D 341 32.17 31.34 -0.99
CA VAL D 341 30.73 31.40 -0.80
C VAL D 341 30.27 32.83 -0.57
N ASP D 342 31.06 33.63 0.16
CA ASP D 342 30.68 35.02 0.39
C ASP D 342 30.70 35.84 -0.89
N LEU D 343 31.69 35.63 -1.75
CA LEU D 343 31.67 36.27 -3.05
C LEU D 343 30.37 35.93 -3.80
N PHE D 344 30.04 34.64 -3.86
CA PHE D 344 28.83 34.23 -4.56
C PHE D 344 27.59 34.85 -3.92
N TRP D 345 27.53 34.85 -2.59
CA TRP D 345 26.36 35.41 -1.91
C TRP D 345 26.16 36.87 -2.30
N ASN D 346 27.26 37.60 -2.50
CA ASN D 346 27.20 39.02 -2.83
C ASN D 346 27.24 39.28 -4.33
N THR D 347 26.90 38.28 -5.15
CA THR D 347 26.91 38.42 -6.61
C THR D 347 25.48 38.28 -7.11
N PRO D 348 24.95 39.27 -7.82
CA PRO D 348 23.58 39.14 -8.34
C PRO D 348 23.56 38.28 -9.59
N VAL D 349 22.37 37.73 -9.90
CA VAL D 349 22.22 36.97 -11.13
C VAL D 349 22.60 37.84 -12.32
N ARG D 350 23.06 37.19 -13.38
CA ARG D 350 23.57 37.94 -14.52
C ARG D 350 22.43 38.46 -15.39
N THR D 351 22.66 39.62 -16.00
CA THR D 351 21.76 40.20 -16.98
C THR D 351 22.51 40.39 -18.29
N GLY D 352 21.78 40.74 -19.35
CA GLY D 352 22.41 40.91 -20.64
C GLY D 352 22.37 39.65 -21.49
N LYS D 353 23.07 39.74 -22.62
CA LYS D 353 22.94 38.73 -23.66
C LYS D 353 23.66 37.41 -23.33
N ARG D 354 24.64 37.42 -22.44
CA ARG D 354 25.44 36.22 -22.17
C ARG D 354 25.03 35.53 -20.86
N ARG D 355 23.85 35.83 -20.34
CA ARG D 355 23.47 35.45 -18.98
C ARG D 355 23.07 34.00 -18.81
N TYR D 356 22.81 33.27 -19.90
CA TYR D 356 22.13 31.98 -19.78
C TYR D 356 23.00 30.96 -19.04
N TYR D 357 24.24 30.79 -19.46
CA TYR D 357 25.09 29.78 -18.84
C TYR D 357 25.44 30.17 -17.41
N ASP D 358 25.76 31.45 -17.18
CA ASP D 358 25.99 31.94 -15.82
C ASP D 358 24.81 31.67 -14.91
N ASN D 359 23.59 31.97 -15.38
CA ASN D 359 22.45 31.90 -14.48
C ASN D 359 22.04 30.46 -14.16
N CYS D 360 22.24 29.53 -15.10
CA CYS D 360 22.04 28.12 -14.78
C CYS D 360 22.97 27.66 -13.67
N LEU D 361 24.26 27.96 -13.81
CA LEU D 361 25.23 27.57 -12.79
C LEU D 361 24.93 28.26 -11.47
N TYR D 362 24.48 29.51 -11.54
CA TYR D 362 24.15 30.28 -10.34
C TYR D 362 23.02 29.60 -9.54
N LEU D 363 21.95 29.20 -10.21
CA LEU D 363 20.84 28.58 -9.49
C LEU D 363 21.24 27.22 -8.94
N PHE D 364 22.01 26.43 -9.71
CA PHE D 364 22.49 25.15 -9.20
C PHE D 364 23.27 25.34 -7.91
N ALA D 365 24.18 26.32 -7.89
CA ALA D 365 24.98 26.58 -6.70
C ALA D 365 24.10 26.97 -5.53
N LEU D 366 23.12 27.84 -5.77
CA LEU D 366 22.25 28.30 -4.68
C LEU D 366 21.40 27.16 -4.14
N LEU D 367 20.88 26.29 -5.03
CA LEU D 367 20.17 25.11 -4.56
C LEU D 367 21.08 24.21 -3.73
N ALA D 368 22.29 23.96 -4.21
CA ALA D 368 23.19 23.05 -3.51
C ALA D 368 23.64 23.65 -2.18
N LEU D 369 23.95 24.94 -2.16
CA LEU D 369 24.49 25.56 -0.95
C LEU D 369 23.42 25.83 0.10
N SER D 370 22.14 25.76 -0.27
CA SER D 370 21.06 25.94 0.68
C SER D 370 20.49 24.60 1.16
N GLY D 371 21.07 23.49 0.74
CA GLY D 371 20.56 22.19 1.11
C GLY D 371 19.34 21.74 0.33
N ASN D 372 19.21 22.21 -0.92
CA ASN D 372 18.02 21.99 -1.72
C ASN D 372 18.30 21.31 -3.06
N TYR D 373 19.49 20.74 -3.23
CA TYR D 373 19.84 19.94 -4.39
C TYR D 373 19.97 18.50 -3.87
N ARG D 374 18.86 17.77 -3.93
CA ARG D 374 18.71 16.52 -3.18
C ARG D 374 18.50 15.31 -4.09
N ILE D 375 18.71 14.15 -3.50
CA ILE D 375 18.39 12.86 -4.10
C ILE D 375 16.96 12.52 -3.73
N TRP D 376 16.09 12.49 -4.74
CA TRP D 376 14.68 12.24 -4.51
C TRP D 376 14.47 10.73 -4.64
N MET D 377 14.14 10.07 -3.47
CA MET D 377 14.08 8.62 -3.37
C MET D 377 12.72 8.10 -3.80
N PRO D 378 12.67 6.86 -4.29
CA PRO D 378 11.37 6.26 -4.64
C PRO D 378 10.45 6.20 -3.44
N ARG D 379 9.15 6.36 -3.71
CA ARG D 379 8.14 6.39 -2.65
C ARG D 379 7.52 5.01 -2.44
#